data_9VBJ
#
_entry.id   9VBJ
#
_cell.length_a   1.00
_cell.length_b   1.00
_cell.length_c   1.00
_cell.angle_alpha   90.00
_cell.angle_beta   90.00
_cell.angle_gamma   90.00
#
_symmetry.space_group_name_H-M   'P 1'
#
loop_
_entity.id
_entity.type
_entity.pdbx_description
1 polymer "5'-3' exonuclease PLD4"
2 branched 2-acetamido-2-deoxy-beta-D-glucopyranose-(1-4)-2-acetamido-2-deoxy-beta-D-glucopyranose
3 non-polymer 2-acetamido-2-deoxy-beta-D-glucopyranose
#
_entity_poly.entity_id   1
_entity_poly.type   'polypeptide(L)'
_entity_poly.pdbx_seq_one_letter_code
;RDSCQLVLVESIPQDLPSAAGSPSAQPLGQAWLQLLDTAQESVHVASYYWSLTGPDIGVNDSSSQLGEALLQKLQQLLGR
NISLAVATSSPTLARTSTDLQVLAARGAHVRQVPMGRLTRGVLHSKFWVVDGRHIYMGSANMDWRSLTQVKELGAVIYNC
SHLAQDLEKTFQTYWVLGVPKAVLPKTWPQNFSSHFNRFQPFHGLFDGVPTTAYFSASPPALCPQGRTRDLEALLAVMGS
AQEFIYASVMEYFPTTRFSHPPRYWPVLDNALRAAAFGKGVRVRLLVGCGLNTDPTMFPYLRSLQALSNPAANVSVDVKV
FIVPVGNHSNIPFSRVNHSKFMVTEKAAYIGTSNWSEDYFSSTAGVGLVVTQSPGAQPAGATVQEQLRQLFERDWSSRYA
VGLDGQAPGQDCVWQGLEVLFQ
;
_entity_poly.pdbx_strand_id   A,B,C,D
#
loop_
_chem_comp.id
_chem_comp.type
_chem_comp.name
_chem_comp.formula
NAG D-saccharide, beta linking 2-acetamido-2-deoxy-beta-D-glucopyranose 'C8 H15 N O6'
#
# COMPACT_ATOMS: atom_id res chain seq x y z
N SER A 3 28.73 -35.43 12.03
CA SER A 3 27.72 -36.24 12.71
C SER A 3 27.01 -35.44 13.79
N CYS A 4 25.74 -35.11 13.56
CA CYS A 4 24.94 -34.34 14.49
C CYS A 4 23.93 -35.25 15.18
N GLN A 5 23.78 -35.10 16.49
CA GLN A 5 22.84 -35.90 17.26
C GLN A 5 21.85 -34.95 17.94
N LEU A 6 20.62 -34.88 17.42
CA LEU A 6 19.59 -34.02 17.97
C LEU A 6 18.67 -34.83 18.86
N VAL A 7 18.54 -34.44 20.13
CA VAL A 7 17.67 -35.13 21.06
C VAL A 7 16.79 -34.11 21.79
N LEU A 8 15.56 -34.50 22.06
CA LEU A 8 14.62 -33.67 22.80
C LEU A 8 14.79 -33.89 24.29
N VAL A 9 14.43 -32.87 25.07
CA VAL A 9 14.54 -32.90 26.52
C VAL A 9 13.33 -32.23 27.12
N GLU A 10 12.95 -32.66 28.31
CA GLU A 10 11.81 -32.07 29.00
C GLU A 10 12.02 -32.21 30.50
N SER A 11 11.36 -31.34 31.26
CA SER A 11 11.44 -31.32 32.71
C SER A 11 10.08 -31.70 33.27
N ILE A 12 10.05 -32.77 34.07
CA ILE A 12 8.82 -33.21 34.73
C ILE A 12 8.82 -32.59 36.12
N PRO A 13 7.85 -31.73 36.45
CA PRO A 13 7.83 -31.10 37.76
C PRO A 13 7.65 -32.14 38.86
N GLN A 14 8.19 -31.82 40.04
CA GLN A 14 8.07 -32.71 41.18
C GLN A 14 6.61 -32.92 41.54
N ASP A 15 6.26 -34.16 41.88
CA ASP A 15 4.90 -34.54 42.25
C ASP A 15 3.93 -34.25 41.11
N LEU A 16 4.24 -34.79 39.94
CA LEU A 16 3.37 -34.70 38.77
C LEU A 16 3.45 -36.00 37.99
N PRO A 17 2.87 -37.07 38.51
CA PRO A 17 2.94 -38.36 37.81
C PRO A 17 2.17 -38.34 36.51
N SER A 18 2.61 -39.17 35.58
CA SER A 18 1.98 -39.32 34.28
C SER A 18 1.30 -40.69 34.18
N ALA A 19 0.58 -40.88 33.08
CA ALA A 19 -0.09 -42.14 32.85
C ALA A 19 0.92 -43.26 32.64
N ALA A 20 0.53 -44.47 33.03
CA ALA A 20 1.42 -45.62 32.91
C ALA A 20 1.70 -45.92 31.44
N GLY A 21 2.94 -46.29 31.15
CA GLY A 21 3.33 -46.61 29.79
C GLY A 21 3.23 -45.44 28.83
N SER A 22 3.68 -44.26 29.27
CA SER A 22 3.58 -43.07 28.44
C SER A 22 4.95 -42.67 27.90
N PRO A 23 5.01 -42.07 26.71
CA PRO A 23 6.29 -41.63 26.17
C PRO A 23 6.92 -40.54 27.02
N SER A 24 8.25 -40.51 27.00
CA SER A 24 9.01 -39.52 27.74
C SER A 24 10.23 -39.14 26.90
N ALA A 25 11.17 -38.42 27.52
CA ALA A 25 12.39 -38.00 26.85
C ALA A 25 13.47 -37.79 27.89
N GLN A 26 14.63 -37.33 27.44
CA GLN A 26 15.76 -37.12 28.34
C GLN A 26 15.45 -35.99 29.32
N PRO A 27 15.75 -36.17 30.61
CA PRO A 27 15.53 -35.08 31.56
C PRO A 27 16.41 -33.88 31.25
N LEU A 28 15.88 -32.70 31.53
CA LEU A 28 16.59 -31.46 31.21
C LEU A 28 17.85 -31.30 32.05
N GLY A 29 17.78 -31.64 33.33
CA GLY A 29 18.94 -31.47 34.20
C GLY A 29 20.13 -32.32 33.77
N GLN A 30 19.87 -33.57 33.39
CA GLN A 30 20.94 -34.44 32.94
C GLN A 30 21.58 -33.89 31.66
N ALA A 31 20.76 -33.40 30.73
CA ALA A 31 21.29 -32.84 29.49
C ALA A 31 22.14 -31.61 29.77
N TRP A 32 21.68 -30.73 30.66
CA TRP A 32 22.46 -29.54 31.00
C TRP A 32 23.77 -29.92 31.66
N LEU A 33 23.75 -30.90 32.56
CA LEU A 33 24.98 -31.34 33.20
C LEU A 33 25.95 -31.93 32.18
N GLN A 34 25.45 -32.73 31.23
CA GLN A 34 26.31 -33.27 30.19
C GLN A 34 26.90 -32.16 29.34
N LEU A 35 26.08 -31.17 28.98
CA LEU A 35 26.58 -30.05 28.18
C LEU A 35 27.68 -29.29 28.90
N LEU A 36 27.49 -29.04 30.20
CA LEU A 36 28.53 -28.33 30.94
C LEU A 36 29.77 -29.19 31.14
N ASP A 37 29.61 -30.51 31.23
CA ASP A 37 30.77 -31.38 31.41
C ASP A 37 31.59 -31.49 30.14
N THR A 38 30.94 -31.51 28.98
CA THR A 38 31.65 -31.69 27.72
C THR A 38 32.28 -30.41 27.20
N ALA A 39 32.05 -29.27 27.86
CA ALA A 39 32.61 -28.00 27.40
C ALA A 39 34.13 -28.01 27.53
N GLN A 40 34.80 -27.49 26.50
CA GLN A 40 36.26 -27.41 26.50
C GLN A 40 36.83 -26.08 26.06
N GLU A 41 36.08 -25.26 25.31
CA GLU A 41 36.59 -23.99 24.81
C GLU A 41 35.86 -22.80 25.41
N SER A 42 34.54 -22.74 25.27
CA SER A 42 33.79 -21.59 25.78
C SER A 42 32.32 -21.97 25.87
N VAL A 43 31.58 -21.18 26.64
CA VAL A 43 30.13 -21.36 26.79
C VAL A 43 29.47 -20.00 26.64
N HIS A 44 28.51 -19.91 25.72
CA HIS A 44 27.76 -18.69 25.47
C HIS A 44 26.30 -18.96 25.84
N VAL A 45 25.71 -18.04 26.59
CA VAL A 45 24.36 -18.22 27.12
C VAL A 45 23.55 -16.98 26.84
N ALA A 46 22.34 -17.16 26.30
CA ALA A 46 21.37 -16.09 26.17
C ALA A 46 20.17 -16.43 27.04
N SER A 47 19.86 -15.56 27.99
CA SER A 47 18.86 -15.85 29.01
C SER A 47 18.03 -14.61 29.30
N TYR A 48 16.90 -14.83 29.96
CA TYR A 48 16.00 -13.77 30.39
C TYR A 48 16.27 -13.30 31.80
N TYR A 49 16.57 -14.21 32.71
CA TYR A 49 16.93 -13.88 34.09
C TYR A 49 17.68 -15.06 34.66
N TRP A 50 18.36 -14.82 35.79
CA TRP A 50 19.13 -15.85 36.47
C TRP A 50 18.66 -15.97 37.91
N SER A 51 18.18 -17.15 38.27
CA SER A 51 17.75 -17.44 39.64
C SER A 51 18.22 -18.84 40.04
N LEU A 52 19.48 -19.15 39.76
CA LEU A 52 20.00 -20.49 40.03
C LEU A 52 19.93 -20.82 41.50
N THR A 53 20.32 -19.89 42.36
CA THR A 53 20.29 -20.12 43.80
C THR A 53 18.86 -20.05 44.32
N GLY A 54 18.60 -20.81 45.38
CA GLY A 54 17.30 -20.82 46.03
C GLY A 54 16.98 -19.50 46.69
N PRO A 55 17.80 -19.06 47.64
CA PRO A 55 17.55 -17.79 48.32
C PRO A 55 17.61 -16.57 47.42
N ASP A 56 17.87 -16.77 46.12
CA ASP A 56 17.88 -15.65 45.19
C ASP A 56 16.52 -14.97 45.13
N ILE A 57 15.45 -15.76 45.09
CA ILE A 57 14.09 -15.22 45.11
C ILE A 57 13.50 -15.20 46.50
N GLY A 58 14.26 -15.63 47.52
CA GLY A 58 13.77 -15.61 48.88
C GLY A 58 12.83 -16.76 49.21
N VAL A 59 13.34 -17.98 49.10
CA VAL A 59 12.55 -19.18 49.42
C VAL A 59 13.50 -20.26 49.91
N ASN A 60 13.11 -20.94 50.99
CA ASN A 60 13.90 -21.99 51.60
C ASN A 60 13.20 -23.32 51.35
N ASP A 61 13.52 -23.94 50.21
CA ASP A 61 12.95 -25.22 49.84
C ASP A 61 14.05 -26.13 49.30
N SER A 62 13.87 -27.44 49.51
CA SER A 62 14.84 -28.41 49.02
C SER A 62 14.82 -28.57 47.51
N SER A 63 13.70 -28.22 46.87
CA SER A 63 13.59 -28.40 45.42
C SER A 63 14.59 -27.54 44.66
N SER A 64 15.12 -26.48 45.28
CA SER A 64 16.13 -25.66 44.63
C SER A 64 17.51 -26.30 44.64
N GLN A 65 17.72 -27.35 45.41
CA GLN A 65 19.05 -27.94 45.56
C GLN A 65 19.66 -28.25 44.21
N LEU A 66 18.90 -28.92 43.34
CA LEU A 66 19.40 -29.25 42.00
C LEU A 66 19.94 -28.02 41.30
N GLY A 67 19.15 -26.93 41.30
CA GLY A 67 19.61 -25.71 40.68
C GLY A 67 20.94 -25.24 41.25
N GLU A 68 21.07 -25.28 42.57
CA GLU A 68 22.33 -24.92 43.22
C GLU A 68 23.47 -25.72 42.62
N ALA A 69 23.27 -27.05 42.48
CA ALA A 69 24.31 -27.90 41.93
C ALA A 69 24.76 -27.38 40.57
N LEU A 70 23.80 -27.01 39.72
CA LEU A 70 24.15 -26.49 38.40
C LEU A 70 25.10 -25.31 38.53
N LEU A 71 24.76 -24.35 39.40
CA LEU A 71 25.64 -23.20 39.58
C LEU A 71 27.03 -23.65 40.00
N GLN A 72 27.11 -24.61 40.92
CA GLN A 72 28.41 -25.14 41.32
C GLN A 72 29.18 -25.60 40.09
N LYS A 73 28.54 -26.40 39.24
CA LYS A 73 29.20 -26.87 38.03
C LYS A 73 29.66 -25.69 37.19
N LEU A 74 28.79 -24.68 37.03
CA LEU A 74 29.18 -23.50 36.27
C LEU A 74 30.43 -22.87 36.87
N GLN A 75 30.48 -22.74 38.20
CA GLN A 75 31.66 -22.19 38.84
C GLN A 75 32.89 -23.04 38.53
N GLN A 76 32.72 -24.37 38.59
CA GLN A 76 33.83 -25.25 38.24
C GLN A 76 34.32 -25.00 36.83
N LEU A 77 33.41 -24.65 35.92
CA LEU A 77 33.82 -24.31 34.56
C LEU A 77 34.79 -23.14 34.57
N LEU A 78 34.45 -22.09 35.32
CA LEU A 78 35.35 -20.94 35.40
C LEU A 78 36.65 -21.27 36.09
N GLY A 79 36.74 -22.42 36.76
CA GLY A 79 37.99 -22.87 37.32
C GLY A 79 38.90 -23.58 36.36
N ARG A 80 38.49 -23.73 35.09
CA ARG A 80 39.30 -24.42 34.10
C ARG A 80 39.67 -23.49 32.94
N ASN A 81 39.72 -22.19 33.20
CA ASN A 81 40.12 -21.19 32.19
C ASN A 81 39.27 -21.30 30.93
N ILE A 82 37.97 -21.48 31.11
CA ILE A 82 37.03 -21.57 30.00
C ILE A 82 36.22 -20.28 29.95
N SER A 83 36.21 -19.64 28.78
CA SER A 83 35.46 -18.40 28.63
C SER A 83 33.97 -18.65 28.83
N LEU A 84 33.30 -17.68 29.45
CA LEU A 84 31.87 -17.77 29.71
C LEU A 84 31.25 -16.42 29.39
N ALA A 85 30.45 -16.37 28.33
CA ALA A 85 29.79 -15.15 27.89
C ALA A 85 28.30 -15.26 28.17
N VAL A 86 27.75 -14.25 28.82
CA VAL A 86 26.35 -14.24 29.23
C VAL A 86 25.71 -12.94 28.76
N ALA A 87 24.52 -13.05 28.17
CA ALA A 87 23.72 -11.90 27.77
C ALA A 87 22.37 -12.00 28.49
N THR A 88 21.99 -10.92 29.18
CA THR A 88 20.75 -10.88 29.95
C THR A 88 20.00 -9.60 29.62
N SER A 89 18.70 -9.62 29.92
CA SER A 89 17.85 -8.47 29.66
C SER A 89 18.03 -7.40 30.72
N SER A 90 18.07 -6.15 30.30
CA SER A 90 18.20 -5.04 31.26
C SER A 90 17.02 -4.96 32.22
N PRO A 91 15.75 -4.98 31.77
CA PRO A 91 14.64 -5.04 32.74
C PRO A 91 14.34 -6.45 33.20
N THR A 92 15.36 -7.12 33.73
CA THR A 92 15.23 -8.51 34.14
C THR A 92 14.35 -8.64 35.38
N LEU A 93 13.65 -9.77 35.46
CA LEU A 93 12.88 -10.10 36.64
C LEU A 93 13.81 -10.62 37.74
N ALA A 94 13.25 -10.81 38.93
CA ALA A 94 14.00 -11.26 40.11
C ALA A 94 15.21 -10.35 40.34
N ARG A 95 14.89 -9.09 40.66
CA ARG A 95 15.91 -8.05 40.78
C ARG A 95 16.92 -8.35 41.88
N THR A 96 16.60 -9.24 42.80
CA THR A 96 17.53 -9.66 43.84
C THR A 96 18.50 -10.73 43.37
N SER A 97 18.68 -10.88 42.05
CA SER A 97 19.61 -11.87 41.52
C SER A 97 21.02 -11.60 41.98
N THR A 98 21.71 -12.65 42.44
CA THR A 98 23.08 -12.52 42.91
C THR A 98 24.06 -13.46 42.23
N ASP A 99 23.61 -14.53 41.59
CA ASP A 99 24.53 -15.46 40.94
C ASP A 99 25.26 -14.81 39.78
N LEU A 100 24.60 -13.89 39.07
CA LEU A 100 25.25 -13.20 37.97
C LEU A 100 26.45 -12.40 38.47
N GLN A 101 26.29 -11.70 39.60
CA GLN A 101 27.41 -10.97 40.17
C GLN A 101 28.54 -11.90 40.58
N VAL A 102 28.19 -13.05 41.14
CA VAL A 102 29.21 -14.02 41.56
C VAL A 102 30.00 -14.50 40.35
N LEU A 103 29.30 -14.85 39.27
CA LEU A 103 29.98 -15.32 38.06
C LEU A 103 30.85 -14.21 37.46
N ALA A 104 30.35 -12.98 37.44
CA ALA A 104 31.13 -11.87 36.92
C ALA A 104 32.39 -11.65 37.75
N ALA A 105 32.28 -11.76 39.07
CA ALA A 105 33.45 -11.61 39.92
C ALA A 105 34.44 -12.75 39.68
N ARG A 106 33.94 -13.96 39.46
CA ARG A 106 34.83 -15.10 39.20
C ARG A 106 35.55 -14.97 37.86
N GLY A 107 35.00 -14.23 36.91
CA GLY A 107 35.69 -14.00 35.65
C GLY A 107 34.84 -14.12 34.41
N ALA A 108 33.53 -14.32 34.58
CA ALA A 108 32.64 -14.48 33.44
C ALA A 108 32.21 -13.10 32.93
N HIS A 109 32.36 -12.90 31.62
CA HIS A 109 31.96 -11.65 30.99
C HIS A 109 30.45 -11.61 30.87
N VAL A 110 29.83 -10.57 31.46
CA VAL A 110 28.38 -10.42 31.46
C VAL A 110 28.03 -9.07 30.87
N ARG A 111 27.15 -9.07 29.87
CA ARG A 111 26.66 -7.85 29.25
C ARG A 111 25.14 -7.81 29.35
N GLN A 112 24.62 -6.72 29.88
CA GLN A 112 23.18 -6.55 30.05
C GLN A 112 22.63 -5.81 28.83
N VAL A 113 21.92 -6.54 27.97
CA VAL A 113 21.35 -5.95 26.75
C VAL A 113 20.22 -5.02 27.14
N PRO A 114 20.25 -3.76 26.70
CA PRO A 114 19.20 -2.79 27.06
C PRO A 114 18.01 -2.85 26.11
N MET A 115 17.40 -4.03 26.02
CA MET A 115 16.24 -4.20 25.14
C MET A 115 15.07 -3.32 25.55
N GLY A 116 14.97 -2.99 26.83
CA GLY A 116 13.86 -2.18 27.28
C GLY A 116 13.84 -0.80 26.65
N ARG A 117 14.99 -0.16 26.53
CA ARG A 117 15.09 1.17 25.94
C ARG A 117 15.34 1.14 24.44
N LEU A 118 15.63 -0.03 23.87
CA LEU A 118 15.95 -0.11 22.45
C LEU A 118 14.72 -0.39 21.60
N THR A 119 14.01 -1.48 21.90
CA THR A 119 12.82 -1.87 21.17
C THR A 119 11.58 -1.98 22.06
N ARG A 120 11.63 -1.45 23.27
CA ARG A 120 10.52 -1.51 24.21
C ARG A 120 10.10 -2.95 24.48
N GLY A 121 11.08 -3.84 24.59
CA GLY A 121 10.82 -5.24 24.86
C GLY A 121 11.76 -5.84 25.88
N VAL A 122 11.79 -7.16 25.96
CA VAL A 122 12.67 -7.89 26.87
C VAL A 122 13.36 -9.00 26.10
N LEU A 123 14.48 -9.46 26.65
CA LEU A 123 15.26 -10.54 26.03
C LEU A 123 14.71 -11.88 26.53
N HIS A 124 13.62 -12.32 25.91
CA HIS A 124 12.99 -13.57 26.29
C HIS A 124 13.69 -14.78 25.69
N SER A 125 14.61 -14.59 24.76
CA SER A 125 15.28 -15.71 24.13
C SER A 125 16.24 -16.39 25.10
N LYS A 126 16.19 -17.71 25.14
CA LYS A 126 17.01 -18.51 26.05
C LYS A 126 17.64 -19.65 25.23
N PHE A 127 18.90 -19.48 24.84
CA PHE A 127 19.61 -20.53 24.12
C PHE A 127 21.03 -20.64 24.67
N TRP A 128 21.76 -21.64 24.16
CA TRP A 128 22.99 -22.09 24.78
C TRP A 128 23.91 -22.64 23.71
N VAL A 129 25.17 -22.19 23.69
CA VAL A 129 26.16 -22.67 22.74
C VAL A 129 27.38 -23.11 23.53
N VAL A 130 27.91 -24.29 23.20
CA VAL A 130 29.05 -24.85 23.90
C VAL A 130 30.10 -25.22 22.87
N ASP A 131 31.31 -24.68 23.02
CA ASP A 131 32.47 -24.96 22.19
C ASP A 131 32.23 -24.67 20.71
N GLY A 132 31.17 -23.95 20.37
CA GLY A 132 30.82 -23.77 18.98
C GLY A 132 30.47 -25.04 18.26
N ARG A 133 30.21 -26.12 18.99
CA ARG A 133 29.90 -27.43 18.43
C ARG A 133 28.60 -28.01 18.96
N HIS A 134 28.26 -27.74 20.22
CA HIS A 134 27.02 -28.24 20.82
C HIS A 134 26.09 -27.07 21.08
N ILE A 135 24.79 -27.36 21.08
CA ILE A 135 23.78 -26.29 21.09
C ILE A 135 22.56 -26.78 21.86
N TYR A 136 21.95 -25.88 22.62
CA TYR A 136 20.72 -26.18 23.35
C TYR A 136 19.76 -25.00 23.19
N MET A 137 18.46 -25.31 23.16
CA MET A 137 17.46 -24.25 23.11
C MET A 137 16.13 -24.80 23.59
N GLY A 138 15.51 -24.11 24.54
CA GLY A 138 14.21 -24.52 25.04
C GLY A 138 13.58 -23.40 25.83
N SER A 139 12.32 -23.64 26.21
CA SER A 139 11.57 -22.67 27.00
C SER A 139 11.82 -22.88 28.49
N ALA A 140 13.11 -22.88 28.84
CA ALA A 140 13.54 -23.13 30.22
C ALA A 140 14.54 -22.06 30.61
N ASN A 141 14.15 -21.17 31.51
CA ASN A 141 15.06 -20.17 32.02
C ASN A 141 16.10 -20.81 32.92
N MET A 142 17.21 -20.09 33.12
CA MET A 142 18.25 -20.53 34.05
C MET A 142 17.73 -20.29 35.46
N ASP A 143 16.87 -21.20 35.91
CA ASP A 143 16.17 -21.04 37.18
C ASP A 143 15.91 -22.42 37.78
N TRP A 144 16.08 -22.51 39.11
CA TRP A 144 15.88 -23.79 39.78
C TRP A 144 14.43 -24.25 39.67
N ARG A 145 13.47 -23.33 39.82
CA ARG A 145 12.07 -23.72 39.69
C ARG A 145 11.72 -24.12 38.27
N SER A 146 12.46 -23.62 37.27
CA SER A 146 12.30 -24.11 35.92
C SER A 146 12.87 -25.52 35.73
N LEU A 147 13.58 -26.03 36.72
CA LEU A 147 14.20 -27.35 36.63
C LEU A 147 13.41 -28.43 37.36
N THR A 148 12.66 -28.08 38.40
CA THR A 148 11.92 -29.06 39.19
C THR A 148 10.49 -28.67 39.52
N GLN A 149 10.09 -27.42 39.29
CA GLN A 149 8.74 -26.98 39.63
C GLN A 149 7.90 -26.62 38.41
N VAL A 150 8.50 -26.49 37.24
CA VAL A 150 7.81 -26.01 36.05
C VAL A 150 8.11 -26.97 34.90
N LYS A 151 7.10 -27.24 34.07
CA LYS A 151 7.25 -28.17 32.96
C LYS A 151 7.52 -27.41 31.67
N GLU A 152 8.62 -27.76 31.00
CA GLU A 152 8.94 -27.18 29.69
C GLU A 152 9.46 -28.29 28.79
N LEU A 153 9.96 -27.89 27.62
CA LEU A 153 10.51 -28.81 26.64
C LEU A 153 11.46 -28.05 25.74
N GLY A 154 12.55 -28.69 25.34
CA GLY A 154 13.55 -28.08 24.49
C GLY A 154 14.28 -29.12 23.68
N ALA A 155 15.22 -28.66 22.87
CA ALA A 155 16.00 -29.53 22.00
C ALA A 155 17.47 -29.20 22.14
N VAL A 156 18.31 -30.24 22.19
CA VAL A 156 19.75 -30.09 22.28
C VAL A 156 20.39 -30.93 21.19
N ILE A 157 21.30 -30.32 20.44
CA ILE A 157 22.02 -30.97 19.35
C ILE A 157 23.49 -31.05 19.71
N TYR A 158 24.05 -32.24 19.61
CA TYR A 158 25.44 -32.51 19.92
C TYR A 158 26.24 -32.66 18.63
N ASN A 159 27.46 -32.13 18.64
CA ASN A 159 28.46 -32.34 17.59
C ASN A 159 28.03 -31.80 16.23
N CYS A 160 27.19 -30.77 16.19
CA CYS A 160 26.79 -30.14 14.94
C CYS A 160 27.41 -28.76 14.88
N SER A 161 28.31 -28.56 13.91
CA SER A 161 29.10 -27.33 13.89
C SER A 161 28.36 -26.18 13.23
N HIS A 162 27.64 -26.43 12.14
CA HIS A 162 27.04 -25.34 11.37
C HIS A 162 25.90 -24.68 12.13
N LEU A 163 25.01 -25.48 12.72
CA LEU A 163 23.92 -24.91 13.50
C LEU A 163 24.45 -24.19 14.74
N ALA A 164 25.48 -24.76 15.37
CA ALA A 164 26.10 -24.10 16.50
C ALA A 164 26.68 -22.75 16.11
N GLN A 165 27.30 -22.67 14.92
CA GLN A 165 27.86 -21.41 14.48
C GLN A 165 26.78 -20.41 14.10
N ASP A 166 25.65 -20.88 13.57
CA ASP A 166 24.54 -19.97 13.29
C ASP A 166 23.98 -19.37 14.58
N LEU A 167 23.76 -20.21 15.58
CA LEU A 167 23.30 -19.67 16.86
C LEU A 167 24.38 -18.81 17.51
N GLU A 168 25.65 -19.10 17.22
CA GLU A 168 26.73 -18.22 17.67
C GLU A 168 26.63 -16.86 17.00
N LYS A 169 26.24 -16.83 15.72
CA LYS A 169 26.02 -15.55 15.06
C LYS A 169 24.90 -14.76 15.72
N THR A 170 23.80 -15.44 16.07
CA THR A 170 22.71 -14.75 16.77
C THR A 170 23.18 -14.24 18.14
N PHE A 171 23.90 -15.07 18.88
CA PHE A 171 24.41 -14.64 20.18
C PHE A 171 25.39 -13.49 20.02
N GLN A 172 26.16 -13.45 18.93
CA GLN A 172 27.05 -12.34 18.68
C GLN A 172 26.28 -11.06 18.40
N THR A 173 25.16 -11.18 17.70
CA THR A 173 24.28 -10.03 17.53
C THR A 173 23.85 -9.48 18.90
N TYR A 174 23.38 -10.37 19.78
CA TYR A 174 22.99 -9.94 21.11
C TYR A 174 24.17 -9.32 21.87
N TRP A 175 25.34 -9.94 21.77
CA TRP A 175 26.52 -9.47 22.48
C TRP A 175 26.95 -8.08 22.01
N VAL A 176 26.89 -7.85 20.70
CA VAL A 176 27.20 -6.53 20.16
C VAL A 176 26.19 -5.51 20.66
N LEU A 177 24.91 -5.87 20.66
CA LEU A 177 23.90 -4.97 21.21
C LEU A 177 24.11 -4.72 22.70
N GLY A 178 24.81 -5.60 23.40
CA GLY A 178 25.04 -5.40 24.81
C GLY A 178 26.08 -4.37 25.16
N VAL A 179 26.74 -3.80 24.17
CA VAL A 179 27.77 -2.78 24.42
C VAL A 179 27.12 -1.54 25.03
N PRO A 180 27.72 -0.92 26.03
CA PRO A 180 27.15 0.31 26.59
C PRO A 180 27.07 1.41 25.53
N LYS A 181 25.97 2.17 25.57
CA LYS A 181 25.71 3.25 24.62
C LYS A 181 25.78 2.72 23.18
N ALA A 182 24.87 1.80 22.90
CA ALA A 182 24.77 1.15 21.61
C ALA A 182 23.42 1.47 20.97
N VAL A 183 23.39 1.44 19.64
CA VAL A 183 22.20 1.75 18.87
C VAL A 183 21.93 0.61 17.89
N LEU A 184 20.68 0.55 17.43
CA LEU A 184 20.29 -0.48 16.48
C LEU A 184 20.95 -0.22 15.13
N PRO A 185 21.76 -1.15 14.60
CA PRO A 185 22.29 -0.97 13.25
C PRO A 185 21.17 -1.09 12.23
N LYS A 186 21.14 -0.14 11.30
CA LYS A 186 20.12 -0.18 10.25
C LYS A 186 20.38 -1.34 9.29
N THR A 187 21.64 -1.68 9.08
CA THR A 187 22.01 -2.87 8.31
C THR A 187 23.09 -3.62 9.08
N TRP A 188 23.12 -4.93 8.89
CA TRP A 188 24.05 -5.73 9.67
C TRP A 188 25.27 -6.12 8.85
N PRO A 189 26.44 -6.20 9.47
CA PRO A 189 27.63 -6.65 8.75
C PRO A 189 27.48 -8.08 8.24
N GLN A 190 28.39 -8.47 7.36
CA GLN A 190 28.32 -9.79 6.74
C GLN A 190 28.53 -10.90 7.78
N ASN A 191 29.24 -10.60 8.86
CA ASN A 191 29.47 -11.63 9.88
C ASN A 191 28.17 -12.09 10.52
N PHE A 192 27.26 -11.15 10.82
CA PHE A 192 25.96 -11.50 11.34
C PHE A 192 25.02 -11.76 10.16
N SER A 193 25.18 -12.92 9.55
CA SER A 193 24.34 -13.33 8.44
C SER A 193 24.15 -14.83 8.49
N SER A 194 22.89 -15.28 8.51
CA SER A 194 22.58 -16.69 8.58
C SER A 194 22.64 -17.32 7.20
N HIS A 195 23.21 -18.52 7.10
CA HIS A 195 23.32 -19.19 5.78
C HIS A 195 22.24 -20.25 5.64
N PHE A 196 21.37 -20.38 6.65
CA PHE A 196 20.29 -21.36 6.60
C PHE A 196 18.97 -20.66 6.92
N ASN A 197 18.05 -20.67 5.97
CA ASN A 197 16.73 -20.10 6.21
C ASN A 197 15.64 -21.13 5.91
N ARG A 198 14.38 -20.68 5.89
CA ARG A 198 13.26 -21.61 5.75
C ARG A 198 13.32 -22.34 4.41
N PHE A 199 13.67 -21.62 3.34
CA PHE A 199 13.67 -22.23 1.98
C PHE A 199 15.01 -22.89 1.68
N GLN A 200 16.02 -22.62 2.50
CA GLN A 200 17.35 -23.22 2.32
C GLN A 200 17.85 -23.74 3.67
N PRO A 201 17.22 -24.78 4.20
CA PRO A 201 17.60 -25.28 5.52
C PRO A 201 18.89 -26.08 5.47
N PHE A 202 19.47 -26.28 6.65
CA PHE A 202 20.66 -27.10 6.78
C PHE A 202 20.26 -28.57 6.67
N HIS A 203 20.85 -29.27 5.70
CA HIS A 203 20.63 -30.69 5.52
C HIS A 203 21.68 -31.48 6.28
N GLY A 204 21.27 -32.62 6.81
CA GLY A 204 22.19 -33.44 7.58
C GLY A 204 21.72 -34.89 7.63
N LEU A 205 22.58 -35.72 8.20
CA LEU A 205 22.32 -37.14 8.33
C LEU A 205 22.31 -37.54 9.80
N PHE A 206 21.55 -36.79 10.61
CA PHE A 206 21.47 -37.01 12.05
C PHE A 206 21.21 -38.48 12.36
N ASP A 207 22.19 -39.14 12.98
CA ASP A 207 22.11 -40.56 13.31
C ASP A 207 21.57 -41.38 12.14
N GLY A 208 21.99 -41.08 10.93
CA GLY A 208 21.55 -41.79 9.74
C GLY A 208 20.37 -41.21 8.99
N VAL A 209 19.28 -40.91 9.69
CA VAL A 209 18.08 -40.41 9.02
C VAL A 209 18.33 -39.00 8.52
N PRO A 210 17.92 -38.66 7.29
CA PRO A 210 18.10 -37.29 6.82
C PRO A 210 17.27 -36.30 7.61
N THR A 211 17.77 -35.06 7.70
CA THR A 211 17.10 -34.04 8.50
C THR A 211 17.35 -32.68 7.88
N THR A 212 16.33 -31.84 7.88
CA THR A 212 16.45 -30.44 7.46
C THR A 212 16.07 -29.57 8.64
N ALA A 213 17.02 -28.73 9.09
CA ALA A 213 16.80 -27.90 10.26
C ALA A 213 17.20 -26.46 9.96
N TYR A 214 16.46 -25.51 10.52
CA TYR A 214 16.82 -24.11 10.38
C TYR A 214 16.31 -23.33 11.58
N PHE A 215 16.79 -22.10 11.71
CA PHE A 215 16.53 -21.26 12.88
C PHE A 215 15.75 -20.02 12.46
N SER A 216 15.18 -19.36 13.47
CA SER A 216 14.42 -18.14 13.26
C SER A 216 14.59 -17.25 14.48
N ALA A 217 14.61 -15.93 14.25
CA ALA A 217 14.80 -14.98 15.32
C ALA A 217 13.89 -13.78 15.12
N SER A 218 13.53 -13.14 16.23
CA SER A 218 12.70 -11.94 16.23
C SER A 218 13.17 -11.04 17.35
N PRO A 219 12.87 -9.73 17.29
CA PRO A 219 12.06 -9.00 16.31
C PRO A 219 12.77 -8.79 14.98
N PRO A 220 12.06 -8.33 13.93
CA PRO A 220 12.73 -8.08 12.65
C PRO A 220 13.86 -7.08 12.74
N ALA A 221 13.83 -6.17 13.71
CA ALA A 221 14.94 -5.24 13.89
C ALA A 221 16.22 -5.98 14.23
N LEU A 222 16.13 -6.99 15.09
CA LEU A 222 17.28 -7.82 15.45
C LEU A 222 17.48 -9.01 14.52
N CYS A 223 16.65 -9.12 13.48
CA CYS A 223 16.80 -10.20 12.51
C CYS A 223 17.73 -9.74 11.41
N PRO A 224 18.93 -10.31 11.27
CA PRO A 224 19.86 -9.87 10.24
C PRO A 224 19.42 -10.38 8.86
N GLN A 225 20.21 -10.05 7.86
CA GLN A 225 19.92 -10.48 6.50
C GLN A 225 20.05 -11.99 6.38
N GLY A 226 19.09 -12.60 5.70
CA GLY A 226 19.06 -14.04 5.50
C GLY A 226 18.39 -14.81 6.61
N ARG A 227 18.21 -14.21 7.78
CA ARG A 227 17.53 -14.86 8.88
C ARG A 227 16.02 -14.85 8.65
N THR A 228 15.37 -15.91 9.09
CA THR A 228 13.92 -16.01 9.03
C THR A 228 13.32 -15.47 10.31
N ARG A 229 12.25 -14.68 10.18
CA ARG A 229 11.53 -14.22 11.36
C ARG A 229 10.74 -15.36 11.97
N ASP A 230 10.61 -15.34 13.30
CA ASP A 230 9.82 -16.41 13.97
C ASP A 230 8.43 -16.42 13.35
N LEU A 231 7.78 -15.25 13.26
CA LEU A 231 6.43 -15.23 12.71
C LEU A 231 6.39 -15.92 11.35
N GLU A 232 7.39 -15.65 10.51
CA GLU A 232 7.43 -16.29 9.19
C GLU A 232 7.55 -17.79 9.30
N ALA A 233 8.42 -18.27 10.20
CA ALA A 233 8.57 -19.71 10.39
C ALA A 233 7.28 -20.33 10.91
N LEU A 234 6.62 -19.68 11.87
CA LEU A 234 5.37 -20.21 12.40
C LEU A 234 4.32 -20.31 11.33
N LEU A 235 4.16 -19.23 10.53
CA LEU A 235 3.18 -19.25 9.45
C LEU A 235 3.52 -20.31 8.42
N ALA A 236 4.81 -20.48 8.13
CA ALA A 236 5.22 -21.50 7.17
C ALA A 236 4.86 -22.90 7.63
N VAL A 237 5.14 -23.19 8.91
CA VAL A 237 4.86 -24.53 9.42
C VAL A 237 3.36 -24.76 9.50
N MET A 238 2.59 -23.73 9.86
CA MET A 238 1.14 -23.88 9.88
C MET A 238 0.58 -24.12 8.48
N GLY A 239 1.05 -23.36 7.50
CA GLY A 239 0.54 -23.51 6.14
C GLY A 239 0.93 -24.83 5.51
N SER A 240 2.17 -25.27 5.74
CA SER A 240 2.68 -26.52 5.11
C SER A 240 1.88 -27.73 5.61
N ALA A 241 1.35 -27.67 6.83
CA ALA A 241 0.66 -28.81 7.39
C ALA A 241 -0.60 -29.13 6.60
N GLN A 242 -0.82 -30.43 6.34
CA GLN A 242 -2.00 -30.88 5.64
C GLN A 242 -2.79 -31.94 6.38
N GLU A 243 -2.30 -32.45 7.51
CA GLU A 243 -2.98 -33.50 8.26
C GLU A 243 -3.46 -33.03 9.62
N PHE A 244 -2.56 -32.49 10.46
CA PHE A 244 -2.95 -32.09 11.80
C PHE A 244 -1.97 -31.03 12.31
N ILE A 245 -2.45 -30.21 13.23
CA ILE A 245 -1.64 -29.20 13.89
C ILE A 245 -1.86 -29.32 15.39
N TYR A 246 -0.79 -29.60 16.13
CA TYR A 246 -0.82 -29.63 17.58
C TYR A 246 0.05 -28.49 18.10
N ALA A 247 -0.38 -27.86 19.19
CA ALA A 247 0.38 -26.73 19.71
C ALA A 247 0.23 -26.66 21.22
N SER A 248 1.31 -26.26 21.88
CA SER A 248 1.31 -26.07 23.33
C SER A 248 2.05 -24.78 23.65
N VAL A 249 1.32 -23.79 24.16
CA VAL A 249 1.89 -22.50 24.53
C VAL A 249 1.29 -22.09 25.87
N MET A 250 2.11 -21.48 26.72
CA MET A 250 1.63 -21.06 28.04
C MET A 250 0.54 -20.01 27.90
N GLU A 251 0.74 -19.03 27.04
CA GLU A 251 -0.20 -17.92 26.88
C GLU A 251 -0.52 -17.73 25.41
N TYR A 252 -1.81 -17.50 25.12
CA TYR A 252 -2.28 -17.25 23.77
C TYR A 252 -3.13 -15.98 23.79
N PHE A 253 -2.67 -14.94 23.09
CA PHE A 253 -3.38 -13.67 23.02
C PHE A 253 -3.35 -13.18 21.58
N PRO A 254 -4.51 -12.97 20.96
CA PRO A 254 -4.51 -12.38 19.61
C PRO A 254 -4.43 -10.87 19.66
N THR A 255 -4.04 -10.32 20.81
CA THR A 255 -3.94 -8.88 20.99
C THR A 255 -2.58 -8.52 21.55
N THR A 256 -2.17 -7.27 21.30
CA THR A 256 -0.96 -6.75 21.91
C THR A 256 -1.12 -6.71 23.41
N ARG A 257 -0.06 -7.06 24.13
CA ARG A 257 -0.14 -7.24 25.58
C ARG A 257 0.25 -6.01 26.37
N PHE A 258 1.40 -5.42 26.08
CA PHE A 258 1.94 -4.35 26.92
C PHE A 258 2.05 -3.01 26.20
N SER A 259 1.62 -2.94 24.95
CA SER A 259 1.71 -1.68 24.17
C SER A 259 0.45 -0.82 24.39
N HIS A 260 0.48 0.44 23.95
CA HIS A 260 -0.71 1.33 24.04
C HIS A 260 -0.84 2.11 22.73
N PRO A 261 -2.06 2.28 22.20
CA PRO A 261 -3.24 1.70 22.81
C PRO A 261 -3.50 0.28 22.34
N PRO A 262 -4.11 -0.58 23.18
CA PRO A 262 -4.36 -1.97 22.80
C PRO A 262 -4.93 -2.09 21.39
N ARG A 263 -4.49 -3.11 20.65
CA ARG A 263 -4.96 -3.32 19.26
C ARG A 263 -5.12 -4.83 18.98
N TYR A 264 -5.90 -5.19 17.97
CA TYR A 264 -6.05 -6.59 17.62
C TYR A 264 -4.92 -7.05 16.71
N TRP A 265 -4.42 -8.26 16.97
CA TRP A 265 -3.34 -8.86 16.19
C TRP A 265 -3.77 -10.28 15.81
N PRO A 266 -4.56 -10.42 14.76
CA PRO A 266 -5.20 -11.71 14.48
C PRO A 266 -4.39 -12.64 13.60
N VAL A 267 -3.10 -12.36 13.40
CA VAL A 267 -2.31 -13.09 12.42
C VAL A 267 -2.30 -14.59 12.73
N LEU A 268 -1.96 -14.94 13.97
CA LEU A 268 -1.91 -16.35 14.34
C LEU A 268 -3.29 -16.97 14.36
N ASP A 269 -4.26 -16.22 14.88
CA ASP A 269 -5.67 -16.71 14.89
C ASP A 269 -6.09 -17.00 13.45
N ASN A 270 -5.89 -16.03 12.56
CA ASN A 270 -6.29 -16.18 11.17
C ASN A 270 -5.60 -17.37 10.53
N ALA A 271 -4.31 -17.54 10.79
CA ALA A 271 -3.59 -18.68 10.22
C ALA A 271 -4.17 -20.01 10.71
N LEU A 272 -4.43 -20.09 12.01
CA LEU A 272 -4.98 -21.33 12.56
C LEU A 272 -6.35 -21.63 11.99
N ARG A 273 -7.21 -20.61 11.91
CA ARG A 273 -8.56 -20.84 11.36
C ARG A 273 -8.50 -21.22 9.90
N ALA A 274 -7.62 -20.57 9.12
CA ALA A 274 -7.50 -20.90 7.70
C ALA A 274 -7.00 -22.32 7.52
N ALA A 275 -6.02 -22.74 8.32
CA ALA A 275 -5.55 -24.11 8.23
C ALA A 275 -6.65 -25.10 8.61
N ALA A 276 -7.43 -24.77 9.64
CA ALA A 276 -8.49 -25.67 10.07
C ALA A 276 -9.58 -25.81 9.02
N PHE A 277 -9.96 -24.71 8.37
CA PHE A 277 -11.11 -24.72 7.48
C PHE A 277 -10.74 -25.05 6.04
N GLY A 278 -9.86 -24.24 5.44
CA GLY A 278 -9.59 -24.38 4.03
C GLY A 278 -8.98 -25.73 3.65
N LYS A 279 -8.04 -26.21 4.46
CA LYS A 279 -7.36 -27.46 4.19
C LYS A 279 -7.93 -28.64 4.97
N GLY A 280 -8.95 -28.42 5.79
CA GLY A 280 -9.51 -29.49 6.60
C GLY A 280 -8.52 -30.11 7.55
N VAL A 281 -7.65 -29.29 8.14
CA VAL A 281 -6.58 -29.78 9.00
C VAL A 281 -7.09 -29.83 10.43
N ARG A 282 -6.98 -30.99 11.05
CA ARG A 282 -7.33 -31.12 12.47
C ARG A 282 -6.44 -30.22 13.30
N VAL A 283 -7.04 -29.46 14.22
CA VAL A 283 -6.32 -28.49 15.03
C VAL A 283 -6.59 -28.79 16.49
N ARG A 284 -5.52 -28.99 17.25
CA ARG A 284 -5.60 -29.20 18.69
C ARG A 284 -4.63 -28.24 19.37
N LEU A 285 -5.14 -27.51 20.35
CA LEU A 285 -4.38 -26.48 21.06
C LEU A 285 -4.42 -26.77 22.55
N LEU A 286 -3.28 -26.58 23.21
CA LEU A 286 -3.15 -26.84 24.65
C LEU A 286 -2.50 -25.63 25.29
N VAL A 287 -3.31 -24.84 26.00
CA VAL A 287 -2.82 -23.68 26.71
C VAL A 287 -2.56 -24.07 28.16
N GLY A 288 -1.73 -23.30 28.86
CA GLY A 288 -1.38 -23.59 30.23
C GLY A 288 -2.18 -22.73 31.21
N CYS A 289 -2.29 -23.22 32.44
CA CYS A 289 -2.98 -22.50 33.51
C CYS A 289 -2.05 -22.29 34.69
N GLY A 290 -2.28 -21.22 35.43
CA GLY A 290 -1.53 -20.96 36.64
C GLY A 290 -2.31 -20.03 37.54
N LEU A 291 -1.92 -20.02 38.83
CA LEU A 291 -2.59 -19.16 39.78
C LEU A 291 -2.40 -17.69 39.46
N ASN A 292 -1.38 -17.35 38.68
CA ASN A 292 -1.14 -15.99 38.20
C ASN A 292 -1.24 -16.02 36.67
N THR A 293 -2.45 -15.89 36.16
CA THR A 293 -2.70 -15.92 34.73
C THR A 293 -3.79 -14.90 34.40
N ASP A 294 -3.66 -14.26 33.26
CA ASP A 294 -4.65 -13.27 32.86
C ASP A 294 -5.93 -13.99 32.44
N PRO A 295 -7.05 -13.79 33.12
CA PRO A 295 -8.29 -14.48 32.73
C PRO A 295 -8.86 -14.02 31.41
N THR A 296 -8.52 -12.81 30.96
CA THR A 296 -9.07 -12.30 29.70
C THR A 296 -8.60 -13.11 28.50
N MET A 297 -7.59 -13.97 28.67
CA MET A 297 -7.22 -14.89 27.61
C MET A 297 -8.32 -15.89 27.31
N PHE A 298 -9.08 -16.29 28.34
CA PHE A 298 -10.03 -17.39 28.17
C PHE A 298 -11.10 -17.14 27.11
N PRO A 299 -11.75 -15.98 27.02
CA PRO A 299 -12.76 -15.82 25.97
C PRO A 299 -12.24 -16.06 24.56
N TYR A 300 -11.02 -15.59 24.26
CA TYR A 300 -10.48 -15.78 22.92
C TYR A 300 -10.36 -17.25 22.57
N LEU A 301 -9.88 -18.06 23.52
CA LEU A 301 -9.84 -19.50 23.31
C LEU A 301 -11.22 -20.04 23.00
N ARG A 302 -12.24 -19.56 23.72
CA ARG A 302 -13.60 -19.99 23.43
C ARG A 302 -14.01 -19.55 22.02
N SER A 303 -13.58 -18.38 21.60
CA SER A 303 -13.83 -17.94 20.23
C SER A 303 -13.22 -18.92 19.23
N LEU A 304 -12.10 -19.54 19.58
CA LEU A 304 -11.53 -20.60 18.76
C LEU A 304 -12.28 -21.90 18.91
N GLN A 305 -12.83 -22.18 20.09
CA GLN A 305 -13.49 -23.45 20.34
C GLN A 305 -14.81 -23.55 19.59
N ALA A 306 -15.51 -22.42 19.41
CA ALA A 306 -16.82 -22.45 18.77
C ALA A 306 -16.77 -22.99 17.35
N LEU A 307 -15.65 -22.85 16.66
CA LEU A 307 -15.49 -23.37 15.30
C LEU A 307 -15.21 -24.89 15.36
N SER A 308 -16.18 -25.62 15.88
CA SER A 308 -16.05 -27.06 16.12
C SER A 308 -17.20 -27.81 15.47
N ASN A 309 -17.46 -27.52 14.21
CA ASN A 309 -18.50 -28.21 13.46
C ASN A 309 -17.92 -29.42 12.74
N PRO A 310 -18.10 -30.64 13.28
CA PRO A 310 -17.51 -31.82 12.62
C PRO A 310 -18.12 -32.11 11.26
N ALA A 311 -19.37 -31.73 11.03
CA ALA A 311 -20.02 -32.04 9.76
C ALA A 311 -19.33 -31.31 8.60
N ALA A 312 -18.92 -30.06 8.82
CA ALA A 312 -18.28 -29.27 7.78
C ALA A 312 -16.77 -29.50 7.70
N ASN A 313 -16.29 -30.63 8.24
CA ASN A 313 -14.87 -30.99 8.20
C ASN A 313 -13.99 -29.94 8.86
N VAL A 314 -14.54 -29.22 9.84
CA VAL A 314 -13.78 -28.24 10.62
C VAL A 314 -13.68 -28.79 12.03
N SER A 315 -12.46 -29.11 12.45
CA SER A 315 -12.21 -29.73 13.75
C SER A 315 -11.18 -28.91 14.51
N VAL A 316 -11.64 -28.11 15.46
CA VAL A 316 -10.76 -27.32 16.31
C VAL A 316 -11.08 -27.66 17.76
N ASP A 317 -10.06 -28.04 18.52
CA ASP A 317 -10.23 -28.34 19.93
C ASP A 317 -9.18 -27.57 20.73
N VAL A 318 -9.60 -27.02 21.87
CA VAL A 318 -8.73 -26.25 22.73
C VAL A 318 -8.91 -26.75 24.16
N LYS A 319 -7.81 -27.08 24.82
CA LYS A 319 -7.84 -27.54 26.20
C LYS A 319 -6.79 -26.80 27.01
N VAL A 320 -7.00 -26.72 28.32
CA VAL A 320 -6.07 -26.09 29.23
C VAL A 320 -5.41 -27.18 30.06
N PHE A 321 -4.20 -26.87 30.53
CA PHE A 321 -3.37 -27.79 31.29
C PHE A 321 -3.14 -27.16 32.66
N ILE A 322 -3.68 -27.78 33.70
CA ILE A 322 -3.51 -27.31 35.06
C ILE A 322 -2.42 -28.14 35.73
N VAL A 323 -1.73 -27.53 36.68
CA VAL A 323 -0.68 -28.20 37.43
C VAL A 323 -1.08 -28.19 38.90
N PRO A 324 -1.25 -29.34 39.54
CA PRO A 324 -1.63 -29.35 40.96
C PRO A 324 -0.61 -28.64 41.81
N VAL A 325 -1.05 -27.60 42.51
CA VAL A 325 -0.14 -26.82 43.34
C VAL A 325 0.41 -27.66 44.48
N GLY A 326 -0.46 -28.43 45.14
CA GLY A 326 0.00 -29.24 46.26
C GLY A 326 0.51 -28.37 47.39
N ASN A 327 1.68 -28.74 47.93
CA ASN A 327 2.23 -27.97 49.08
C ASN A 327 3.16 -26.86 48.55
N HIS A 328 3.39 -26.82 47.25
CA HIS A 328 4.35 -25.88 46.68
C HIS A 328 3.75 -24.50 46.46
N SER A 329 2.79 -24.10 47.29
CA SER A 329 2.17 -22.78 47.15
C SER A 329 3.10 -21.63 47.48
N ASN A 330 4.25 -21.89 48.09
CA ASN A 330 5.18 -20.85 48.50
C ASN A 330 6.21 -20.52 47.43
N ILE A 331 6.13 -21.15 46.26
CA ILE A 331 7.08 -20.91 45.17
C ILE A 331 6.39 -20.02 44.13
N PRO A 332 6.77 -18.75 44.00
CA PRO A 332 6.08 -17.87 43.06
C PRO A 332 6.37 -18.23 41.62
N PHE A 333 5.39 -17.94 40.75
CA PHE A 333 5.52 -18.11 39.31
C PHE A 333 5.94 -19.53 38.94
N SER A 334 5.36 -20.52 39.61
CA SER A 334 5.68 -21.91 39.38
C SER A 334 4.40 -22.70 39.14
N ARG A 335 4.56 -24.01 38.95
CA ARG A 335 3.44 -24.92 38.68
C ARG A 335 2.62 -24.46 37.48
N VAL A 336 3.33 -24.19 36.39
CA VAL A 336 2.73 -23.70 35.15
C VAL A 336 3.34 -24.45 33.99
N ASN A 337 2.52 -24.78 32.99
CA ASN A 337 3.01 -25.44 31.79
C ASN A 337 3.75 -24.41 30.94
N HIS A 338 5.07 -24.49 30.93
CA HIS A 338 5.92 -23.53 30.23
C HIS A 338 6.26 -23.96 28.81
N SER A 339 5.80 -25.12 28.37
CA SER A 339 6.17 -25.63 27.05
C SER A 339 5.60 -24.75 25.95
N LYS A 340 6.42 -24.48 24.95
CA LYS A 340 6.01 -23.73 23.77
C LYS A 340 6.54 -24.47 22.55
N PHE A 341 5.69 -25.29 21.93
CA PHE A 341 6.10 -26.07 20.77
C PHE A 341 4.90 -26.33 19.89
N MET A 342 5.18 -26.73 18.65
CA MET A 342 4.15 -26.99 17.67
C MET A 342 4.56 -28.15 16.78
N VAL A 343 3.62 -29.04 16.51
CA VAL A 343 3.87 -30.29 15.79
C VAL A 343 2.91 -30.38 14.61
N THR A 344 3.43 -30.82 13.46
CA THR A 344 2.59 -31.19 12.34
C THR A 344 2.96 -32.59 11.89
N GLU A 345 2.42 -33.04 10.76
CA GLU A 345 2.79 -34.34 10.23
C GLU A 345 4.09 -34.31 9.45
N LYS A 346 4.68 -33.13 9.24
CA LYS A 346 5.89 -33.01 8.45
C LYS A 346 7.01 -32.25 9.12
N ALA A 347 6.73 -31.39 10.10
CA ALA A 347 7.75 -30.55 10.69
C ALA A 347 7.54 -30.49 12.20
N ALA A 348 8.42 -29.76 12.87
CA ALA A 348 8.32 -29.56 14.32
C ALA A 348 9.00 -28.25 14.66
N TYR A 349 8.27 -27.36 15.33
CA TYR A 349 8.77 -26.05 15.72
C TYR A 349 8.92 -26.01 17.23
N ILE A 350 10.10 -25.64 17.70
CA ILE A 350 10.38 -25.46 19.12
C ILE A 350 10.88 -24.05 19.33
N GLY A 351 10.11 -23.25 20.08
CA GLY A 351 10.42 -21.85 20.24
C GLY A 351 10.44 -21.47 21.71
N THR A 352 10.99 -20.27 21.97
CA THR A 352 11.09 -19.72 23.31
C THR A 352 10.18 -18.51 23.50
N SER A 353 9.16 -18.34 22.67
CA SER A 353 8.28 -17.19 22.74
C SER A 353 6.83 -17.66 22.81
N ASN A 354 6.00 -16.85 23.47
CA ASN A 354 4.57 -17.12 23.54
C ASN A 354 3.93 -16.69 22.22
N TRP A 355 2.60 -16.70 22.16
CA TRP A 355 1.88 -16.44 20.92
C TRP A 355 1.06 -15.16 20.99
N SER A 356 1.63 -14.10 21.56
CA SER A 356 1.01 -12.79 21.55
C SER A 356 1.69 -11.93 20.48
N GLU A 357 1.28 -10.67 20.38
CA GLU A 357 1.85 -9.79 19.37
C GLU A 357 3.25 -9.32 19.75
N ASP A 358 3.46 -9.00 21.03
CA ASP A 358 4.72 -8.37 21.43
C ASP A 358 5.92 -9.30 21.24
N TYR A 359 5.70 -10.61 21.28
CA TYR A 359 6.80 -11.56 21.13
C TYR A 359 7.37 -11.60 19.72
N PHE A 360 6.67 -11.01 18.73
CA PHE A 360 7.14 -11.00 17.36
C PHE A 360 7.33 -9.60 16.81
N SER A 361 7.20 -8.57 17.65
CA SER A 361 7.42 -7.20 17.20
C SER A 361 8.44 -6.46 18.05
N SER A 362 8.43 -6.66 19.36
CA SER A 362 9.36 -5.99 20.26
C SER A 362 10.24 -6.95 21.05
N THR A 363 9.64 -7.97 21.67
CA THR A 363 10.38 -8.89 22.52
C THR A 363 11.19 -9.86 21.68
N ALA A 364 12.47 -10.00 22.00
CA ALA A 364 13.35 -10.89 21.26
C ALA A 364 13.02 -12.35 21.57
N GLY A 365 13.17 -13.20 20.56
CA GLY A 365 12.94 -14.63 20.73
C GLY A 365 13.60 -15.40 19.61
N VAL A 366 13.80 -16.69 19.86
CA VAL A 366 14.46 -17.58 18.91
C VAL A 366 13.69 -18.89 18.85
N GLY A 367 13.62 -19.47 17.65
CA GLY A 367 12.94 -20.73 17.46
C GLY A 367 13.65 -21.58 16.42
N LEU A 368 13.31 -22.86 16.41
CA LEU A 368 13.91 -23.84 15.52
C LEU A 368 12.83 -24.63 14.81
N VAL A 369 13.00 -24.85 13.51
CA VAL A 369 12.12 -25.71 12.74
C VAL A 369 12.94 -26.88 12.24
N VAL A 370 12.49 -28.09 12.56
CA VAL A 370 13.22 -29.31 12.21
C VAL A 370 12.27 -30.27 11.51
N THR A 371 12.77 -30.94 10.48
CA THR A 371 12.01 -31.92 9.71
C THR A 371 12.85 -33.17 9.55
N GLN A 372 12.31 -34.32 9.92
CA GLN A 372 13.02 -35.58 9.80
C GLN A 372 12.20 -36.54 8.96
N SER A 373 12.84 -37.14 7.96
CA SER A 373 12.19 -38.12 7.11
C SER A 373 12.74 -39.52 7.41
N PRO A 374 11.92 -40.55 7.27
CA PRO A 374 12.40 -41.91 7.55
C PRO A 374 13.57 -42.27 6.63
N GLY A 375 14.55 -42.98 7.20
CA GLY A 375 15.74 -43.37 6.49
C GLY A 375 15.81 -44.85 6.25
N ALA A 376 17.05 -45.35 6.10
CA ALA A 376 17.25 -46.77 5.87
C ALA A 376 16.81 -47.60 7.07
N GLN A 377 17.10 -47.13 8.28
CA GLN A 377 16.72 -47.84 9.50
C GLN A 377 15.45 -47.22 10.06
N PRO A 378 14.32 -47.94 10.07
CA PRO A 378 13.08 -47.35 10.60
C PRO A 378 12.93 -47.47 12.10
N ALA A 379 13.91 -48.05 12.80
CA ALA A 379 13.80 -48.19 14.24
C ALA A 379 13.76 -46.84 14.93
N GLY A 380 14.60 -45.91 14.49
CA GLY A 380 14.61 -44.57 15.07
C GLY A 380 13.44 -43.74 14.61
N ALA A 381 12.50 -43.46 15.51
CA ALA A 381 11.34 -42.66 15.16
C ALA A 381 11.77 -41.22 14.87
N THR A 382 11.05 -40.60 13.93
CA THR A 382 11.35 -39.22 13.57
C THR A 382 11.02 -38.28 14.73
N VAL A 383 11.66 -37.11 14.71
CA VAL A 383 11.48 -36.16 15.81
C VAL A 383 10.04 -35.66 15.87
N GLN A 384 9.40 -35.50 14.71
CA GLN A 384 8.00 -35.08 14.70
C GLN A 384 7.13 -36.14 15.37
N GLU A 385 7.43 -37.42 15.14
CA GLU A 385 6.66 -38.47 15.78
C GLU A 385 6.83 -38.44 17.30
N GLN A 386 8.06 -38.21 17.78
CA GLN A 386 8.27 -38.12 19.23
C GLN A 386 7.51 -36.93 19.81
N LEU A 387 7.56 -35.79 19.12
CA LEU A 387 6.83 -34.62 19.60
C LEU A 387 5.33 -34.87 19.63
N ARG A 388 4.81 -35.54 18.60
CA ARG A 388 3.39 -35.87 18.57
C ARG A 388 3.02 -36.83 19.69
N GLN A 389 3.90 -37.80 19.97
CA GLN A 389 3.65 -38.72 21.07
C GLN A 389 3.60 -37.99 22.40
N LEU A 390 4.54 -37.06 22.63
CA LEU A 390 4.52 -36.29 23.86
C LEU A 390 3.27 -35.43 23.95
N PHE A 391 2.86 -34.82 22.83
CA PHE A 391 1.65 -34.01 22.83
C PHE A 391 0.43 -34.86 23.14
N GLU A 392 0.35 -36.07 22.58
CA GLU A 392 -0.77 -36.94 22.84
C GLU A 392 -0.80 -37.40 24.29
N ARG A 393 0.38 -37.65 24.87
CA ARG A 393 0.45 -38.00 26.29
C ARG A 393 -0.06 -36.86 27.15
N ASP A 394 0.34 -35.63 26.82
CA ASP A 394 -0.13 -34.47 27.58
C ASP A 394 -1.64 -34.27 27.39
N TRP A 395 -2.13 -34.48 26.17
CA TRP A 395 -3.54 -34.23 25.86
C TRP A 395 -4.45 -35.19 26.63
N SER A 396 -4.07 -36.46 26.72
CA SER A 396 -4.87 -37.45 27.41
C SER A 396 -4.61 -37.48 28.92
N SER A 397 -3.70 -36.66 29.41
CA SER A 397 -3.41 -36.62 30.84
C SER A 397 -4.61 -36.06 31.59
N ARG A 398 -4.76 -36.51 32.84
CA ARG A 398 -5.87 -36.04 33.67
C ARG A 398 -5.76 -34.55 33.98
N TYR A 399 -4.55 -34.00 33.94
CA TYR A 399 -4.37 -32.58 34.25
C TYR A 399 -4.92 -31.67 33.15
N ALA A 400 -5.19 -32.21 31.97
CA ALA A 400 -5.72 -31.41 30.87
C ALA A 400 -7.23 -31.51 30.83
N VAL A 401 -7.90 -30.36 30.84
CA VAL A 401 -9.36 -30.31 30.83
C VAL A 401 -9.80 -29.32 29.76
N GLY A 402 -10.99 -29.56 29.21
CA GLY A 402 -11.54 -28.66 28.22
C GLY A 402 -11.98 -27.34 28.82
N LEU A 403 -12.34 -26.42 27.93
CA LEU A 403 -12.79 -25.11 28.38
C LEU A 403 -14.08 -25.19 29.18
N ASP A 404 -14.82 -26.28 29.04
CA ASP A 404 -16.08 -26.45 29.81
C ASP A 404 -15.81 -27.16 31.13
N GLY A 405 -14.63 -27.74 31.31
CA GLY A 405 -14.36 -28.53 32.48
C GLY A 405 -14.05 -27.77 33.75
N GLN A 406 -14.52 -26.53 33.84
CA GLN A 406 -14.44 -25.78 35.09
C GLN A 406 -15.11 -26.56 36.21
N ALA A 407 -14.44 -26.64 37.35
CA ALA A 407 -14.94 -27.40 38.49
C ALA A 407 -14.23 -26.91 39.74
N PRO A 408 -14.80 -27.15 40.92
CA PRO A 408 -14.08 -26.84 42.16
C PRO A 408 -12.81 -27.67 42.27
N GLY A 409 -11.77 -27.05 42.85
CA GLY A 409 -10.49 -27.71 43.02
C GLY A 409 -9.51 -27.50 41.89
N GLN A 410 -9.92 -26.87 40.79
CA GLN A 410 -8.99 -26.58 39.71
C GLN A 410 -8.06 -25.43 40.13
N ASP A 411 -6.96 -25.29 39.38
CA ASP A 411 -5.97 -24.27 39.66
C ASP A 411 -5.93 -23.14 38.65
N CYS A 412 -6.85 -23.13 37.69
CA CYS A 412 -6.94 -22.01 36.76
C CYS A 412 -7.51 -20.78 37.47
N VAL A 413 -7.27 -19.61 36.88
CA VAL A 413 -7.87 -18.39 37.40
C VAL A 413 -9.39 -18.43 37.19
N TRP A 414 -9.83 -18.85 36.00
CA TRP A 414 -11.25 -19.01 35.68
C TRP A 414 -12.04 -17.72 35.92
N GLN A 415 -11.68 -16.70 35.15
CA GLN A 415 -12.34 -15.38 35.20
C GLN A 415 -12.15 -14.83 36.61
N GLY A 416 -13.20 -14.35 37.28
CA GLY A 416 -13.06 -13.80 38.62
C GLY A 416 -12.43 -12.42 38.64
N SER B 3 -31.84 20.73 -2.22
CA SER B 3 -33.23 20.44 -1.91
C SER B 3 -33.49 18.93 -1.88
N CYS B 4 -32.40 18.16 -1.77
CA CYS B 4 -32.54 16.72 -1.73
C CYS B 4 -33.28 16.27 -0.47
N GLN B 5 -34.11 15.24 -0.61
CA GLN B 5 -34.83 14.66 0.51
C GLN B 5 -34.47 13.19 0.61
N LEU B 6 -34.15 12.73 1.83
CA LEU B 6 -33.82 11.33 2.08
C LEU B 6 -34.82 10.75 3.06
N VAL B 7 -35.34 9.57 2.75
CA VAL B 7 -36.26 8.90 3.67
C VAL B 7 -36.07 7.40 3.56
N LEU B 8 -35.97 6.74 4.73
CA LEU B 8 -35.89 5.30 4.78
C LEU B 8 -37.25 4.68 4.51
N VAL B 9 -37.25 3.53 3.84
CA VAL B 9 -38.47 2.83 3.50
C VAL B 9 -38.25 1.34 3.75
N GLU B 10 -39.16 0.71 4.49
CA GLU B 10 -39.03 -0.68 4.85
C GLU B 10 -40.30 -1.44 4.47
N SER B 11 -40.15 -2.74 4.26
CA SER B 11 -41.24 -3.62 3.89
C SER B 11 -41.44 -4.62 5.03
N ILE B 12 -42.63 -4.60 5.60
CA ILE B 12 -42.99 -5.49 6.72
C ILE B 12 -43.78 -6.66 6.16
N PRO B 13 -43.41 -7.89 6.48
CA PRO B 13 -44.11 -9.05 5.91
C PRO B 13 -45.53 -9.17 6.46
N GLN B 14 -46.33 -9.98 5.76
CA GLN B 14 -47.69 -10.24 6.19
C GLN B 14 -47.70 -11.02 7.49
N ASP B 15 -48.63 -10.66 8.37
CA ASP B 15 -48.83 -11.34 9.65
C ASP B 15 -47.57 -11.31 10.51
N LEU B 16 -46.97 -10.12 10.62
CA LEU B 16 -45.82 -9.90 11.49
C LEU B 16 -46.07 -8.64 12.32
N PRO B 17 -46.96 -8.71 13.30
CA PRO B 17 -47.23 -7.51 14.11
C PRO B 17 -46.09 -7.21 15.07
N SER B 18 -45.58 -5.99 15.00
CA SER B 18 -44.52 -5.56 15.89
C SER B 18 -45.11 -5.10 17.22
N ALA B 19 -44.23 -4.71 18.13
CA ALA B 19 -44.67 -4.21 19.43
C ALA B 19 -45.42 -2.89 19.26
N ALA B 20 -46.34 -2.63 20.18
CA ALA B 20 -47.13 -1.40 20.12
C ALA B 20 -46.25 -0.19 20.36
N GLY B 21 -46.52 0.88 19.62
CA GLY B 21 -45.74 2.10 19.74
C GLY B 21 -44.30 1.94 19.34
N SER B 22 -44.06 1.27 18.21
CA SER B 22 -42.71 1.02 17.74
C SER B 22 -42.38 1.94 16.57
N PRO B 23 -41.10 2.30 16.39
CA PRO B 23 -40.73 3.13 15.24
C PRO B 23 -40.97 2.41 13.93
N SER B 24 -41.31 3.18 12.90
CA SER B 24 -41.59 2.63 11.59
C SER B 24 -41.36 3.70 10.54
N ALA B 25 -41.24 3.25 9.28
CA ALA B 25 -41.06 4.16 8.17
C ALA B 25 -42.08 3.87 7.07
N GLN B 26 -41.92 4.49 5.91
CA GLN B 26 -42.89 4.35 4.84
C GLN B 26 -42.91 2.92 4.30
N PRO B 27 -44.09 2.41 3.94
CA PRO B 27 -44.16 1.10 3.31
C PRO B 27 -43.46 1.08 1.95
N LEU B 28 -42.93 -0.09 1.60
CA LEU B 28 -42.17 -0.20 0.36
C LEU B 28 -43.06 -0.07 -0.87
N GLY B 29 -44.24 -0.71 -0.85
CA GLY B 29 -45.10 -0.68 -2.02
C GLY B 29 -45.58 0.72 -2.35
N GLN B 30 -46.04 1.46 -1.34
CA GLN B 30 -46.52 2.82 -1.57
C GLN B 30 -45.39 3.73 -2.05
N ALA B 31 -44.20 3.58 -1.46
CA ALA B 31 -43.07 4.40 -1.87
C ALA B 31 -42.70 4.12 -3.33
N TRP B 32 -42.67 2.84 -3.71
CA TRP B 32 -42.35 2.50 -5.10
C TRP B 32 -43.42 3.03 -6.05
N LEU B 33 -44.70 2.91 -5.67
CA LEU B 33 -45.76 3.41 -6.52
C LEU B 33 -45.67 4.92 -6.71
N GLN B 34 -45.41 5.65 -5.62
CA GLN B 34 -45.27 7.10 -5.73
C GLN B 34 -44.05 7.48 -6.56
N LEU B 35 -42.94 6.76 -6.38
CA LEU B 35 -41.75 7.04 -7.17
C LEU B 35 -41.99 6.80 -8.65
N LEU B 36 -42.72 5.74 -8.99
CA LEU B 36 -43.04 5.49 -10.39
C LEU B 36 -44.01 6.53 -10.93
N ASP B 37 -44.94 7.00 -10.10
CA ASP B 37 -45.86 8.04 -10.53
C ASP B 37 -45.12 9.34 -10.83
N THR B 38 -44.14 9.70 -10.00
CA THR B 38 -43.39 10.92 -10.23
C THR B 38 -42.42 10.82 -11.40
N ALA B 39 -42.20 9.62 -11.93
CA ALA B 39 -41.30 9.45 -13.07
C ALA B 39 -41.88 10.14 -14.30
N GLN B 40 -41.05 10.88 -15.02
CA GLN B 40 -41.50 11.62 -16.19
C GLN B 40 -40.61 11.49 -17.41
N GLU B 41 -39.32 11.17 -17.26
CA GLU B 41 -38.41 11.09 -18.40
C GLU B 41 -37.89 9.69 -18.64
N SER B 42 -37.26 9.05 -17.64
CA SER B 42 -36.67 7.74 -17.85
C SER B 42 -36.48 7.06 -16.51
N VAL B 43 -36.51 5.73 -16.53
CA VAL B 43 -36.31 4.90 -15.35
C VAL B 43 -35.21 3.89 -15.66
N HIS B 44 -34.21 3.80 -14.78
CA HIS B 44 -33.13 2.85 -14.92
C HIS B 44 -33.11 1.96 -13.69
N VAL B 45 -33.29 0.65 -13.88
CA VAL B 45 -33.43 -0.29 -12.79
C VAL B 45 -32.35 -1.36 -12.91
N ALA B 46 -31.62 -1.60 -11.83
CA ALA B 46 -30.68 -2.71 -11.74
C ALA B 46 -31.21 -3.69 -10.71
N SER B 47 -31.41 -4.94 -11.13
CA SER B 47 -32.03 -5.94 -10.27
C SER B 47 -31.39 -7.30 -10.51
N TYR B 48 -31.46 -8.14 -9.48
CA TYR B 48 -30.96 -9.50 -9.59
C TYR B 48 -31.88 -10.38 -10.41
N TYR B 49 -33.20 -10.27 -10.22
CA TYR B 49 -34.17 -11.02 -10.98
C TYR B 49 -35.50 -10.29 -10.94
N TRP B 50 -36.49 -10.85 -11.64
CA TRP B 50 -37.82 -10.26 -11.73
C TRP B 50 -38.85 -11.34 -11.49
N SER B 51 -39.68 -11.17 -10.46
CA SER B 51 -40.73 -12.12 -10.13
C SER B 51 -42.00 -11.37 -9.74
N LEU B 52 -42.37 -10.37 -10.56
CA LEU B 52 -43.43 -9.45 -10.16
C LEU B 52 -44.76 -10.14 -9.99
N THR B 53 -45.11 -11.05 -10.89
CA THR B 53 -46.42 -11.70 -10.84
C THR B 53 -46.34 -13.03 -10.09
N GLY B 54 -47.48 -13.42 -9.54
CA GLY B 54 -47.61 -14.69 -8.85
C GLY B 54 -47.35 -15.90 -9.74
N PRO B 55 -47.95 -15.95 -10.93
CA PRO B 55 -47.71 -17.08 -11.83
C PRO B 55 -46.27 -17.22 -12.30
N ASP B 56 -45.40 -16.22 -12.06
CA ASP B 56 -44.00 -16.37 -12.42
C ASP B 56 -43.38 -17.58 -11.74
N ILE B 57 -43.54 -17.68 -10.41
CA ILE B 57 -43.06 -18.84 -9.70
C ILE B 57 -43.92 -20.05 -10.00
N GLY B 58 -45.23 -19.87 -10.01
CA GLY B 58 -46.15 -20.98 -10.20
C GLY B 58 -47.03 -21.20 -8.99
N VAL B 59 -47.20 -20.16 -8.17
CA VAL B 59 -48.03 -20.23 -6.98
C VAL B 59 -49.30 -19.43 -7.21
N ASN B 60 -50.28 -19.67 -6.34
CA ASN B 60 -51.60 -19.02 -6.41
C ASN B 60 -51.92 -18.44 -5.05
N ASP B 61 -51.44 -17.21 -4.80
CA ASP B 61 -51.67 -16.53 -3.54
C ASP B 61 -52.13 -15.11 -3.79
N SER B 62 -53.01 -14.62 -2.92
CA SER B 62 -53.51 -13.25 -3.04
C SER B 62 -52.48 -12.22 -2.64
N SER B 63 -51.48 -12.59 -1.83
CA SER B 63 -50.48 -11.63 -1.38
C SER B 63 -49.65 -11.08 -2.53
N SER B 64 -49.65 -11.75 -3.69
CA SER B 64 -48.94 -11.23 -4.85
C SER B 64 -49.65 -10.05 -5.49
N GLN B 65 -50.90 -9.77 -5.08
CA GLN B 65 -51.70 -8.72 -5.68
C GLN B 65 -50.91 -7.43 -5.89
N LEU B 66 -50.37 -6.88 -4.80
CA LEU B 66 -49.61 -5.62 -4.88
C LEU B 66 -48.53 -5.72 -5.96
N GLY B 67 -47.74 -6.79 -5.94
CA GLY B 67 -46.70 -6.93 -6.93
C GLY B 67 -47.24 -6.87 -8.35
N GLU B 68 -48.33 -7.61 -8.60
CA GLU B 68 -48.95 -7.55 -9.92
C GLU B 68 -49.36 -6.14 -10.26
N ALA B 69 -49.97 -5.43 -9.30
CA ALA B 69 -50.34 -4.04 -9.52
C ALA B 69 -49.12 -3.23 -9.93
N LEU B 70 -47.99 -3.47 -9.26
CA LEU B 70 -46.76 -2.77 -9.63
C LEU B 70 -46.46 -2.95 -11.10
N LEU B 71 -46.51 -4.20 -11.58
CA LEU B 71 -46.27 -4.45 -13.00
C LEU B 71 -47.23 -3.64 -13.85
N GLN B 72 -48.52 -3.64 -13.47
CA GLN B 72 -49.49 -2.83 -14.20
C GLN B 72 -49.04 -1.38 -14.27
N LYS B 73 -48.63 -0.82 -13.12
CA LYS B 73 -48.12 0.53 -13.10
C LYS B 73 -46.97 0.69 -14.08
N LEU B 74 -46.03 -0.25 -14.03
CA LEU B 74 -44.90 -0.20 -14.95
C LEU B 74 -45.39 -0.22 -16.40
N GLN B 75 -46.36 -1.09 -16.69
CA GLN B 75 -46.93 -1.10 -18.04
C GLN B 75 -47.54 0.25 -18.38
N GLN B 76 -48.26 0.85 -17.43
CA GLN B 76 -48.83 2.17 -17.66
C GLN B 76 -47.72 3.17 -17.97
N LEU B 77 -46.56 3.02 -17.31
CA LEU B 77 -45.42 3.87 -17.61
C LEU B 77 -45.03 3.73 -19.08
N LEU B 78 -44.96 2.49 -19.56
CA LEU B 78 -44.63 2.27 -20.97
C LEU B 78 -45.72 2.74 -21.90
N GLY B 79 -46.90 3.06 -21.37
CA GLY B 79 -47.93 3.69 -22.18
C GLY B 79 -47.74 5.16 -22.41
N ARG B 80 -46.77 5.78 -21.72
CA ARG B 80 -46.50 7.21 -21.87
C ARG B 80 -45.21 7.49 -22.63
N ASN B 81 -44.72 6.51 -23.39
CA ASN B 81 -43.51 6.66 -24.19
C ASN B 81 -42.33 7.10 -23.33
N ILE B 82 -42.17 6.45 -22.17
CA ILE B 82 -41.12 6.77 -21.22
C ILE B 82 -40.04 5.71 -21.34
N SER B 83 -38.78 6.15 -21.41
CA SER B 83 -37.66 5.23 -21.52
C SER B 83 -37.57 4.34 -20.28
N LEU B 84 -37.16 3.10 -20.49
CA LEU B 84 -37.10 2.12 -19.41
C LEU B 84 -35.96 1.15 -19.71
N ALA B 85 -34.90 1.20 -18.91
CA ALA B 85 -33.75 0.33 -19.08
C ALA B 85 -33.56 -0.51 -17.82
N VAL B 86 -33.45 -1.82 -18.01
CA VAL B 86 -33.29 -2.75 -16.90
C VAL B 86 -32.10 -3.65 -17.20
N ALA B 87 -31.22 -3.82 -16.21
CA ALA B 87 -30.06 -4.68 -16.32
C ALA B 87 -30.17 -5.78 -15.28
N THR B 88 -30.16 -7.03 -15.74
CA THR B 88 -30.29 -8.19 -14.87
C THR B 88 -29.12 -9.14 -15.10
N SER B 89 -28.82 -9.94 -14.08
CA SER B 89 -27.74 -10.91 -14.17
C SER B 89 -28.09 -12.00 -15.18
N SER B 90 -27.09 -12.44 -15.94
CA SER B 90 -27.31 -13.53 -16.88
C SER B 90 -27.71 -14.83 -16.18
N PRO B 91 -27.03 -15.28 -15.11
CA PRO B 91 -27.57 -16.45 -14.40
C PRO B 91 -28.65 -16.06 -13.40
N THR B 92 -29.79 -15.62 -13.95
CA THR B 92 -30.90 -15.18 -13.11
C THR B 92 -31.52 -16.35 -12.37
N LEU B 93 -32.21 -16.04 -11.28
CA LEU B 93 -32.79 -17.07 -10.42
C LEU B 93 -34.10 -17.58 -11.00
N ALA B 94 -35.09 -16.70 -11.17
CA ALA B 94 -36.41 -17.11 -11.65
C ALA B 94 -36.31 -17.44 -13.14
N ARG B 95 -36.29 -18.73 -13.45
CA ARG B 95 -36.17 -19.19 -14.83
C ARG B 95 -37.50 -19.31 -15.55
N THR B 96 -38.61 -19.03 -14.86
CA THR B 96 -39.94 -19.13 -15.46
C THR B 96 -40.60 -17.78 -15.65
N SER B 97 -40.09 -16.72 -15.00
CA SER B 97 -40.72 -15.42 -15.05
C SER B 97 -40.79 -14.88 -16.47
N THR B 98 -41.91 -14.24 -16.80
CA THR B 98 -42.13 -13.63 -18.09
C THR B 98 -42.28 -12.12 -18.03
N ASP B 99 -42.00 -11.51 -16.87
CA ASP B 99 -42.15 -10.06 -16.73
C ASP B 99 -41.22 -9.32 -17.67
N LEU B 100 -39.96 -9.76 -17.75
CA LEU B 100 -39.01 -9.11 -18.63
C LEU B 100 -39.43 -9.24 -20.09
N GLN B 101 -39.93 -10.42 -20.48
CA GLN B 101 -40.39 -10.62 -21.84
C GLN B 101 -41.58 -9.71 -22.16
N VAL B 102 -42.52 -9.60 -21.22
CA VAL B 102 -43.69 -8.74 -21.45
C VAL B 102 -43.27 -7.28 -21.57
N LEU B 103 -42.36 -6.83 -20.71
CA LEU B 103 -41.90 -5.45 -20.79
C LEU B 103 -41.16 -5.20 -22.10
N ALA B 104 -40.34 -6.15 -22.54
CA ALA B 104 -39.65 -5.99 -23.82
C ALA B 104 -40.65 -5.94 -24.96
N ALA B 105 -41.72 -6.73 -24.89
CA ALA B 105 -42.77 -6.66 -25.90
C ALA B 105 -43.43 -5.28 -25.88
N ARG B 106 -43.64 -4.71 -24.69
CA ARG B 106 -44.24 -3.39 -24.59
C ARG B 106 -43.29 -2.27 -24.98
N GLY B 107 -41.99 -2.54 -25.09
CA GLY B 107 -41.05 -1.53 -25.53
C GLY B 107 -40.01 -1.13 -24.50
N ALA B 108 -39.61 -2.06 -23.65
CA ALA B 108 -38.59 -1.78 -22.65
C ALA B 108 -37.19 -1.91 -23.26
N HIS B 109 -36.17 -1.88 -22.42
CA HIS B 109 -34.77 -2.06 -22.84
C HIS B 109 -34.09 -2.95 -21.81
N VAL B 110 -34.05 -4.25 -22.08
CA VAL B 110 -33.50 -5.23 -21.16
C VAL B 110 -32.18 -5.73 -21.71
N ARG B 111 -31.14 -5.72 -20.88
CA ARG B 111 -29.83 -6.23 -21.25
C ARG B 111 -29.40 -7.24 -20.19
N GLN B 112 -29.11 -8.46 -20.63
CA GLN B 112 -28.66 -9.52 -19.73
C GLN B 112 -27.16 -9.39 -19.56
N VAL B 113 -26.73 -8.82 -18.45
CA VAL B 113 -25.31 -8.65 -18.16
C VAL B 113 -24.69 -10.01 -17.93
N PRO B 114 -23.66 -10.38 -18.69
CA PRO B 114 -23.01 -11.70 -18.51
C PRO B 114 -22.09 -11.72 -17.30
N MET B 115 -22.67 -11.44 -16.13
CA MET B 115 -21.89 -11.39 -14.90
C MET B 115 -21.26 -12.73 -14.56
N GLY B 116 -21.92 -13.84 -14.95
CA GLY B 116 -21.39 -15.16 -14.64
C GLY B 116 -20.11 -15.49 -15.37
N ARG B 117 -19.96 -15.02 -16.60
CA ARG B 117 -18.78 -15.37 -17.38
C ARG B 117 -17.63 -14.41 -17.16
N LEU B 118 -17.92 -13.13 -16.93
CA LEU B 118 -16.86 -12.13 -16.83
C LEU B 118 -15.96 -12.38 -15.63
N THR B 119 -16.55 -12.53 -14.43
CA THR B 119 -15.77 -12.72 -13.22
C THR B 119 -16.37 -13.78 -12.30
N ARG B 120 -17.22 -14.66 -12.84
CA ARG B 120 -17.82 -15.76 -12.08
C ARG B 120 -18.62 -15.22 -10.89
N GLY B 121 -19.66 -14.46 -11.22
CA GLY B 121 -20.48 -13.85 -10.21
C GLY B 121 -21.86 -13.54 -10.74
N VAL B 122 -22.63 -12.81 -9.93
CA VAL B 122 -24.00 -12.45 -10.27
C VAL B 122 -24.19 -10.96 -10.00
N LEU B 123 -25.21 -10.39 -10.66
CA LEU B 123 -25.57 -8.99 -10.47
C LEU B 123 -26.53 -8.87 -9.30
N HIS B 124 -25.96 -8.75 -8.10
CA HIS B 124 -26.78 -8.63 -6.91
C HIS B 124 -27.20 -7.19 -6.61
N SER B 125 -26.73 -6.22 -7.38
CA SER B 125 -27.11 -4.83 -7.16
C SER B 125 -28.57 -4.62 -7.50
N LYS B 126 -29.27 -3.87 -6.64
CA LYS B 126 -30.68 -3.54 -6.85
C LYS B 126 -30.88 -2.07 -6.53
N PHE B 127 -31.16 -1.26 -7.55
CA PHE B 127 -31.42 0.16 -7.31
C PHE B 127 -32.20 0.74 -8.48
N TRP B 128 -32.79 1.90 -8.24
CA TRP B 128 -33.59 2.63 -9.21
C TRP B 128 -33.02 4.04 -9.35
N VAL B 129 -32.97 4.52 -10.58
CA VAL B 129 -32.67 5.91 -10.89
C VAL B 129 -33.81 6.42 -11.75
N VAL B 130 -34.64 7.29 -11.19
CA VAL B 130 -35.84 7.79 -11.85
C VAL B 130 -35.60 9.22 -12.29
N ASP B 131 -35.82 9.49 -13.58
CA ASP B 131 -35.73 10.81 -14.19
C ASP B 131 -34.34 11.43 -14.09
N GLY B 132 -33.34 10.66 -13.66
CA GLY B 132 -32.04 11.23 -13.40
C GLY B 132 -32.00 12.19 -12.23
N ARG B 133 -33.08 12.26 -11.45
CA ARG B 133 -33.14 13.12 -10.28
C ARG B 133 -33.40 12.33 -8.99
N HIS B 134 -34.37 11.43 -9.00
CA HIS B 134 -34.66 10.64 -7.82
C HIS B 134 -33.92 9.31 -7.88
N ILE B 135 -33.59 8.78 -6.71
CA ILE B 135 -32.94 7.48 -6.61
C ILE B 135 -33.61 6.65 -5.53
N TYR B 136 -33.41 5.34 -5.61
CA TYR B 136 -33.81 4.42 -4.56
C TYR B 136 -32.80 3.30 -4.53
N MET B 137 -32.50 2.79 -3.33
CA MET B 137 -31.64 1.62 -3.26
C MET B 137 -31.82 0.95 -1.91
N GLY B 138 -31.94 -0.37 -1.94
CA GLY B 138 -32.10 -1.14 -0.73
C GLY B 138 -31.76 -2.59 -0.99
N SER B 139 -32.46 -3.48 -0.29
CA SER B 139 -32.27 -4.92 -0.44
C SER B 139 -33.50 -5.59 -1.04
N ALA B 140 -34.28 -4.86 -1.82
CA ALA B 140 -35.53 -5.38 -2.39
C ALA B 140 -35.33 -5.71 -3.85
N ASN B 141 -35.68 -6.94 -4.23
CA ASN B 141 -35.69 -7.35 -5.62
C ASN B 141 -37.03 -7.02 -6.26
N MET B 142 -37.07 -7.05 -7.59
CA MET B 142 -38.29 -6.77 -8.31
C MET B 142 -39.24 -7.96 -8.19
N ASP B 143 -39.78 -8.16 -6.99
CA ASP B 143 -40.55 -9.36 -6.69
C ASP B 143 -41.69 -9.00 -5.74
N TRP B 144 -42.86 -9.60 -5.95
CA TRP B 144 -43.95 -9.42 -5.02
C TRP B 144 -43.62 -10.01 -3.67
N ARG B 145 -42.79 -11.05 -3.63
CA ARG B 145 -42.33 -11.61 -2.37
C ARG B 145 -41.60 -10.55 -1.55
N SER B 146 -41.01 -9.55 -2.20
CA SER B 146 -40.30 -8.49 -1.53
C SER B 146 -41.22 -7.39 -1.03
N LEU B 147 -42.53 -7.48 -1.28
CA LEU B 147 -43.48 -6.45 -0.89
C LEU B 147 -44.35 -6.84 0.29
N THR B 148 -44.76 -8.12 0.39
CA THR B 148 -45.69 -8.52 1.43
C THR B 148 -45.29 -9.81 2.16
N GLN B 149 -44.13 -10.38 1.85
CA GLN B 149 -43.73 -11.63 2.48
C GLN B 149 -42.28 -11.65 2.95
N VAL B 150 -41.53 -10.57 2.77
CA VAL B 150 -40.12 -10.52 3.15
C VAL B 150 -39.82 -9.16 3.76
N LYS B 151 -39.32 -9.14 4.98
CA LYS B 151 -38.95 -7.88 5.63
C LYS B 151 -37.70 -7.32 4.97
N GLU B 152 -37.75 -6.05 4.58
CA GLU B 152 -36.66 -5.44 3.85
C GLU B 152 -36.51 -3.98 4.26
N LEU B 153 -35.35 -3.40 3.93
CA LEU B 153 -35.06 -2.02 4.23
C LEU B 153 -34.27 -1.40 3.10
N GLY B 154 -34.51 -0.10 2.86
CA GLY B 154 -33.80 0.64 1.86
C GLY B 154 -34.00 2.12 2.06
N ALA B 155 -33.38 2.91 1.21
CA ALA B 155 -33.48 4.37 1.29
C ALA B 155 -33.87 4.93 -0.07
N VAL B 156 -34.76 5.92 -0.05
CA VAL B 156 -35.19 6.59 -1.27
C VAL B 156 -34.94 8.08 -1.13
N ILE B 157 -34.41 8.68 -2.19
CA ILE B 157 -33.98 10.07 -2.21
C ILE B 157 -34.68 10.79 -3.36
N TYR B 158 -35.25 11.94 -3.07
CA TYR B 158 -35.96 12.75 -4.05
C TYR B 158 -35.19 14.03 -4.34
N ASN B 159 -35.17 14.42 -5.62
CA ASN B 159 -34.68 15.71 -6.05
C ASN B 159 -33.21 15.93 -5.67
N CYS B 160 -32.35 15.09 -6.22
CA CYS B 160 -30.91 15.21 -5.99
C CYS B 160 -30.20 14.79 -7.26
N SER B 161 -29.76 15.77 -8.05
CA SER B 161 -29.23 15.49 -9.38
C SER B 161 -27.84 14.86 -9.32
N HIS B 162 -26.98 15.34 -8.43
CA HIS B 162 -25.59 14.88 -8.42
C HIS B 162 -25.49 13.41 -8.02
N LEU B 163 -26.18 13.02 -6.94
CA LEU B 163 -26.14 11.62 -6.53
C LEU B 163 -26.79 10.73 -7.57
N ALA B 164 -27.87 11.20 -8.20
CA ALA B 164 -28.52 10.43 -9.25
C ALA B 164 -27.57 10.19 -10.42
N GLN B 165 -26.80 11.22 -10.81
CA GLN B 165 -25.84 11.04 -11.89
C GLN B 165 -24.71 10.11 -11.46
N ASP B 166 -24.29 10.20 -10.21
CA ASP B 166 -23.25 9.30 -9.70
C ASP B 166 -23.69 7.85 -9.81
N LEU B 167 -24.93 7.56 -9.39
CA LEU B 167 -25.44 6.20 -9.52
C LEU B 167 -25.67 5.81 -10.97
N GLU B 168 -26.08 6.77 -11.81
CA GLU B 168 -26.26 6.50 -13.23
C GLU B 168 -24.95 6.12 -13.88
N LYS B 169 -23.82 6.61 -13.36
CA LYS B 169 -22.53 6.18 -13.89
C LYS B 169 -22.32 4.69 -13.69
N THR B 170 -22.62 4.18 -12.49
CA THR B 170 -22.51 2.74 -12.25
C THR B 170 -23.50 1.96 -13.11
N PHE B 171 -24.72 2.48 -13.24
CA PHE B 171 -25.69 1.82 -14.11
C PHE B 171 -25.20 1.76 -15.55
N GLN B 172 -24.52 2.82 -16.00
CA GLN B 172 -23.97 2.83 -17.35
C GLN B 172 -22.83 1.82 -17.48
N THR B 173 -22.04 1.66 -16.43
CA THR B 173 -21.02 0.60 -16.45
C THR B 173 -21.66 -0.76 -16.65
N TYR B 174 -22.73 -1.04 -15.90
CA TYR B 174 -23.44 -2.31 -16.08
C TYR B 174 -24.01 -2.41 -17.48
N TRP B 175 -24.58 -1.32 -18.00
CA TRP B 175 -25.21 -1.34 -19.31
C TRP B 175 -24.20 -1.64 -20.41
N VAL B 176 -23.03 -0.99 -20.37
CA VAL B 176 -22.02 -1.24 -21.38
C VAL B 176 -21.42 -2.63 -21.21
N LEU B 177 -21.36 -3.14 -19.98
CA LEU B 177 -20.97 -4.54 -19.80
C LEU B 177 -22.02 -5.50 -20.34
N GLY B 178 -23.26 -5.04 -20.48
CA GLY B 178 -24.31 -5.86 -21.04
C GLY B 178 -24.28 -6.02 -22.54
N VAL B 179 -23.37 -5.33 -23.22
CA VAL B 179 -23.23 -5.52 -24.67
C VAL B 179 -22.80 -6.95 -24.95
N PRO B 180 -23.33 -7.60 -25.99
CA PRO B 180 -22.89 -8.96 -26.30
C PRO B 180 -21.40 -9.01 -26.59
N LYS B 181 -20.77 -10.14 -26.24
CA LYS B 181 -19.32 -10.33 -26.54
C LYS B 181 -18.47 -9.18 -25.97
N ALA B 182 -18.96 -8.50 -24.92
CA ALA B 182 -18.13 -7.48 -24.31
C ALA B 182 -17.18 -8.11 -23.28
N VAL B 183 -16.11 -7.38 -22.99
CA VAL B 183 -15.09 -7.82 -22.04
C VAL B 183 -14.82 -6.70 -21.04
N LEU B 184 -14.20 -7.06 -19.93
CA LEU B 184 -13.84 -6.09 -18.91
C LEU B 184 -12.73 -5.18 -19.44
N PRO B 185 -12.93 -3.87 -19.46
CA PRO B 185 -11.83 -2.97 -19.84
C PRO B 185 -10.78 -2.92 -18.74
N LYS B 186 -9.53 -2.73 -19.16
CA LYS B 186 -8.45 -2.63 -18.18
C LYS B 186 -8.62 -1.41 -17.29
N THR B 187 -8.95 -0.26 -17.89
CA THR B 187 -9.23 0.96 -17.15
C THR B 187 -10.47 1.62 -17.73
N TRP B 188 -11.43 1.96 -16.88
CA TRP B 188 -12.63 2.60 -17.35
C TRP B 188 -12.34 4.05 -17.74
N PRO B 189 -12.96 4.56 -18.80
CA PRO B 189 -12.70 5.94 -19.21
C PRO B 189 -13.19 6.94 -18.18
N GLN B 190 -12.88 8.21 -18.45
CA GLN B 190 -13.22 9.28 -17.51
C GLN B 190 -14.72 9.49 -17.38
N ASN B 191 -15.51 9.02 -18.35
CA ASN B 191 -16.96 9.19 -18.26
C ASN B 191 -17.53 8.45 -17.05
N PHE B 192 -16.92 7.34 -16.66
CA PHE B 192 -17.40 6.55 -15.54
C PHE B 192 -16.73 6.91 -14.21
N SER B 193 -15.84 7.89 -14.21
CA SER B 193 -15.18 8.29 -12.97
C SER B 193 -16.20 8.89 -12.00
N SER B 194 -16.05 8.56 -10.73
CA SER B 194 -17.00 9.00 -9.71
C SER B 194 -16.57 10.32 -9.10
N HIS B 195 -17.53 11.19 -8.84
CA HIS B 195 -17.20 12.52 -8.25
C HIS B 195 -16.99 12.39 -6.75
N PHE B 196 -17.96 11.80 -6.05
CA PHE B 196 -17.90 11.74 -4.59
C PHE B 196 -17.53 10.34 -4.14
N ASN B 197 -16.58 10.26 -3.22
CA ASN B 197 -16.11 8.99 -2.67
C ASN B 197 -15.89 9.19 -1.18
N ARG B 198 -15.15 8.27 -0.57
CA ARG B 198 -14.95 8.30 0.88
C ARG B 198 -14.29 9.60 1.34
N PHE B 199 -13.26 10.06 0.63
CA PHE B 199 -12.52 11.22 1.09
C PHE B 199 -13.28 12.52 0.87
N GLN B 200 -14.07 12.63 -0.19
CA GLN B 200 -14.88 13.81 -0.46
C GLN B 200 -16.32 13.40 -0.71
N PRO B 201 -17.05 13.03 0.34
CA PRO B 201 -18.45 12.65 0.17
C PRO B 201 -19.31 13.82 -0.26
N PHE B 202 -20.39 13.52 -0.97
CA PHE B 202 -21.34 14.55 -1.37
C PHE B 202 -21.90 15.25 -0.15
N HIS B 203 -21.89 16.58 -0.19
CA HIS B 203 -22.32 17.43 0.91
C HIS B 203 -23.59 18.16 0.49
N GLY B 204 -24.66 18.02 1.28
CA GLY B 204 -25.93 18.61 0.92
C GLY B 204 -26.73 18.99 2.14
N LEU B 205 -27.90 19.56 1.89
CA LEU B 205 -28.82 20.00 2.93
C LEU B 205 -30.17 19.29 2.72
N PHE B 206 -30.40 18.24 3.49
CA PHE B 206 -31.64 17.48 3.40
C PHE B 206 -32.63 18.04 4.43
N ASP B 207 -33.61 18.79 3.94
CA ASP B 207 -34.66 19.37 4.77
C ASP B 207 -34.07 20.18 5.92
N GLY B 208 -33.03 20.95 5.61
CA GLY B 208 -32.38 21.78 6.60
C GLY B 208 -31.36 21.08 7.46
N VAL B 209 -31.14 19.79 7.28
CA VAL B 209 -30.17 19.02 8.04
C VAL B 209 -28.93 18.82 7.16
N PRO B 210 -27.75 19.28 7.57
CA PRO B 210 -26.54 18.98 6.79
C PRO B 210 -26.31 17.49 6.70
N THR B 211 -25.83 17.04 5.53
CA THR B 211 -25.68 15.62 5.28
C THR B 211 -24.47 15.37 4.39
N THR B 212 -23.74 14.30 4.69
CA THR B 212 -22.66 13.82 3.84
C THR B 212 -22.98 12.38 3.44
N ALA B 213 -22.92 12.10 2.14
CA ALA B 213 -23.29 10.79 1.63
C ALA B 213 -22.52 10.49 0.36
N TYR B 214 -22.15 9.22 0.19
CA TYR B 214 -21.45 8.78 -1.02
C TYR B 214 -21.91 7.37 -1.36
N PHE B 215 -21.32 6.82 -2.42
CA PHE B 215 -21.72 5.52 -2.94
C PHE B 215 -20.49 4.64 -3.12
N SER B 216 -20.71 3.33 -2.99
CA SER B 216 -19.61 2.35 -3.09
C SER B 216 -20.03 1.21 -4.02
N ALA B 217 -19.09 0.64 -4.76
CA ALA B 217 -19.46 -0.41 -5.74
C ALA B 217 -18.51 -1.60 -5.64
N SER B 218 -18.93 -2.76 -6.15
CA SER B 218 -18.09 -3.97 -6.15
C SER B 218 -18.52 -4.80 -7.37
N PRO B 219 -17.66 -5.65 -7.98
CA PRO B 219 -16.40 -6.06 -7.39
C PRO B 219 -15.30 -5.10 -7.76
N PRO B 220 -14.08 -5.23 -7.19
CA PRO B 220 -13.02 -4.28 -7.46
C PRO B 220 -12.87 -4.02 -8.95
N ALA B 221 -13.03 -5.06 -9.77
CA ALA B 221 -12.83 -4.92 -11.23
C ALA B 221 -13.82 -3.94 -11.84
N LEU B 222 -15.03 -3.85 -11.29
CA LEU B 222 -16.07 -2.98 -11.89
C LEU B 222 -16.12 -1.62 -11.17
N CYS B 223 -15.01 -1.21 -10.55
CA CYS B 223 -14.94 0.12 -9.88
C CYS B 223 -14.07 1.07 -10.71
N PRO B 224 -14.64 2.13 -11.32
CA PRO B 224 -13.86 3.10 -12.10
C PRO B 224 -12.99 3.97 -11.20
N GLN B 225 -12.25 4.90 -11.80
CA GLN B 225 -11.38 5.77 -11.02
C GLN B 225 -12.21 6.68 -10.11
N GLY B 226 -11.75 6.84 -8.88
CA GLY B 226 -12.41 7.70 -7.92
C GLY B 226 -13.62 7.09 -7.25
N ARG B 227 -13.91 5.81 -7.48
CA ARG B 227 -15.05 5.15 -6.87
C ARG B 227 -14.54 4.28 -5.73
N THR B 228 -15.00 4.56 -4.51
CA THR B 228 -14.62 3.76 -3.36
C THR B 228 -15.28 2.39 -3.43
N ARG B 229 -14.55 1.37 -2.97
CA ARG B 229 -15.05 0.01 -3.00
C ARG B 229 -15.91 -0.26 -1.77
N ASP B 230 -16.84 -1.21 -1.91
CA ASP B 230 -17.74 -1.53 -0.80
C ASP B 230 -16.97 -2.06 0.40
N LEU B 231 -15.97 -2.91 0.15
CA LEU B 231 -15.20 -3.49 1.26
C LEU B 231 -14.49 -2.41 2.06
N GLU B 232 -13.79 -1.50 1.38
CA GLU B 232 -13.08 -0.45 2.10
C GLU B 232 -14.05 0.54 2.73
N ALA B 233 -15.21 0.76 2.11
CA ALA B 233 -16.21 1.62 2.72
C ALA B 233 -16.69 1.04 4.05
N LEU B 234 -17.02 -0.25 4.06
CA LEU B 234 -17.43 -0.91 5.29
C LEU B 234 -16.32 -0.86 6.32
N LEU B 235 -15.08 -1.12 5.89
CA LEU B 235 -13.95 -1.11 6.82
C LEU B 235 -13.79 0.26 7.45
N ALA B 236 -13.87 1.32 6.66
CA ALA B 236 -13.67 2.67 7.19
C ALA B 236 -14.82 3.08 8.11
N VAL B 237 -16.07 2.78 7.72
CA VAL B 237 -17.20 3.13 8.56
C VAL B 237 -17.12 2.41 9.90
N MET B 238 -16.71 1.14 9.87
CA MET B 238 -16.62 0.37 11.11
C MET B 238 -15.45 0.84 11.97
N GLY B 239 -14.32 1.18 11.34
CA GLY B 239 -13.18 1.67 12.10
C GLY B 239 -13.43 3.01 12.75
N SER B 240 -14.14 3.90 12.04
CA SER B 240 -14.41 5.24 12.57
C SER B 240 -15.41 5.22 13.72
N ALA B 241 -16.06 4.09 13.98
CA ALA B 241 -17.02 4.00 15.06
C ALA B 241 -16.36 4.21 16.41
N GLN B 242 -17.10 4.82 17.33
CA GLN B 242 -16.60 5.07 18.68
C GLN B 242 -17.56 4.66 19.79
N GLU B 243 -18.85 4.49 19.50
CA GLU B 243 -19.83 4.12 20.52
C GLU B 243 -20.38 2.72 20.30
N PHE B 244 -20.94 2.43 19.12
CA PHE B 244 -21.57 1.15 18.88
C PHE B 244 -21.60 0.87 17.39
N ILE B 245 -21.81 -0.40 17.05
CA ILE B 245 -21.98 -0.86 15.68
C ILE B 245 -23.13 -1.85 15.69
N TYR B 246 -24.28 -1.45 15.15
CA TYR B 246 -25.45 -2.31 15.05
C TYR B 246 -25.60 -2.76 13.60
N ALA B 247 -25.35 -4.03 13.33
CA ALA B 247 -25.39 -4.55 11.97
C ALA B 247 -26.49 -5.59 11.86
N SER B 248 -27.21 -5.57 10.73
CA SER B 248 -28.22 -6.56 10.45
C SER B 248 -28.03 -7.06 9.02
N VAL B 249 -28.03 -8.38 8.84
CA VAL B 249 -27.76 -9.01 7.55
C VAL B 249 -28.57 -10.28 7.43
N MET B 250 -28.53 -10.88 6.23
CA MET B 250 -29.14 -12.19 6.05
C MET B 250 -28.22 -13.30 6.53
N GLU B 251 -27.04 -13.42 5.91
CA GLU B 251 -26.08 -14.45 6.23
C GLU B 251 -24.70 -13.83 6.42
N TYR B 252 -23.90 -14.43 7.28
CA TYR B 252 -22.58 -13.93 7.62
C TYR B 252 -21.59 -15.09 7.54
N PHE B 253 -20.84 -15.15 6.45
CA PHE B 253 -19.82 -16.18 6.25
C PHE B 253 -18.46 -15.52 6.11
N PRO B 254 -17.55 -15.70 7.06
CA PRO B 254 -16.19 -15.19 6.87
C PRO B 254 -15.35 -16.16 6.05
N THR B 255 -15.95 -16.70 5.00
CA THR B 255 -15.30 -17.68 4.14
C THR B 255 -15.77 -17.46 2.71
N THR B 256 -15.10 -18.12 1.77
CA THR B 256 -15.58 -18.13 0.40
C THR B 256 -16.86 -18.95 0.32
N ARG B 257 -17.79 -18.51 -0.53
CA ARG B 257 -19.13 -19.09 -0.54
C ARG B 257 -19.25 -20.26 -1.52
N PHE B 258 -19.00 -19.99 -2.81
CA PHE B 258 -19.24 -21.01 -3.83
C PHE B 258 -18.05 -21.23 -4.76
N SER B 259 -16.88 -20.72 -4.42
CA SER B 259 -15.70 -20.97 -5.24
C SER B 259 -15.07 -22.31 -4.85
N HIS B 260 -13.89 -22.58 -5.43
CA HIS B 260 -13.20 -23.83 -5.19
C HIS B 260 -11.71 -23.60 -5.45
N PRO B 261 -10.84 -23.93 -4.50
CA PRO B 261 -11.10 -24.50 -3.17
C PRO B 261 -11.57 -23.45 -2.17
N PRO B 262 -12.30 -23.86 -1.13
CA PRO B 262 -12.73 -22.90 -0.12
C PRO B 262 -11.55 -22.29 0.62
N ARG B 263 -11.72 -21.04 1.04
CA ARG B 263 -10.68 -20.31 1.75
C ARG B 263 -11.30 -19.53 2.89
N TYR B 264 -10.48 -19.25 3.90
CA TYR B 264 -10.92 -18.43 5.01
C TYR B 264 -10.73 -16.96 4.66
N TRP B 265 -11.76 -16.15 4.95
CA TRP B 265 -11.76 -14.73 4.61
C TRP B 265 -12.14 -13.94 5.85
N PRO B 266 -11.17 -13.62 6.70
CA PRO B 266 -11.45 -13.02 8.01
C PRO B 266 -11.49 -11.50 8.05
N VAL B 267 -11.55 -10.81 6.91
CA VAL B 267 -11.41 -9.36 6.90
C VAL B 267 -12.50 -8.70 7.75
N LEU B 268 -13.75 -9.05 7.51
CA LEU B 268 -14.84 -8.49 8.30
C LEU B 268 -14.79 -8.98 9.74
N ASP B 269 -14.48 -10.26 9.94
CA ASP B 269 -14.37 -10.76 11.31
C ASP B 269 -13.25 -10.07 12.07
N ASN B 270 -12.10 -9.89 11.42
CA ASN B 270 -10.98 -9.22 12.06
C ASN B 270 -11.33 -7.77 12.39
N ALA B 271 -11.99 -7.07 11.46
CA ALA B 271 -12.37 -5.69 11.72
C ALA B 271 -13.39 -5.59 12.83
N LEU B 272 -14.37 -6.49 12.86
CA LEU B 272 -15.34 -6.53 13.96
C LEU B 272 -14.64 -6.71 15.29
N ARG B 273 -13.72 -7.67 15.37
CA ARG B 273 -13.04 -7.94 16.64
C ARG B 273 -12.15 -6.78 17.05
N ALA B 274 -11.46 -6.17 16.08
CA ALA B 274 -10.61 -5.03 16.40
C ALA B 274 -11.43 -3.86 16.92
N ALA B 275 -12.58 -3.59 16.29
CA ALA B 275 -13.44 -2.51 16.78
C ALA B 275 -13.99 -2.84 18.16
N ALA B 276 -14.33 -4.11 18.40
CA ALA B 276 -14.87 -4.48 19.70
C ALA B 276 -13.82 -4.36 20.80
N PHE B 277 -12.57 -4.70 20.50
CA PHE B 277 -11.53 -4.78 21.51
C PHE B 277 -10.79 -3.45 21.70
N GLY B 278 -10.17 -2.95 20.63
CA GLY B 278 -9.29 -1.79 20.77
C GLY B 278 -10.03 -0.54 21.21
N LYS B 279 -11.18 -0.25 20.58
CA LYS B 279 -11.94 0.94 20.93
C LYS B 279 -13.00 0.67 21.99
N GLY B 280 -13.22 -0.57 22.36
CA GLY B 280 -14.22 -0.88 23.36
C GLY B 280 -15.62 -0.48 22.98
N VAL B 281 -15.98 -0.66 21.71
CA VAL B 281 -17.33 -0.31 21.26
C VAL B 281 -18.28 -1.47 21.51
N ARG B 282 -19.57 -1.16 21.54
CA ARG B 282 -20.61 -2.16 21.71
C ARG B 282 -21.04 -2.66 20.33
N VAL B 283 -20.83 -3.94 20.07
CA VAL B 283 -21.12 -4.53 18.77
C VAL B 283 -22.35 -5.41 18.90
N ARG B 284 -23.36 -5.17 18.06
CA ARG B 284 -24.55 -5.99 18.00
C ARG B 284 -24.72 -6.46 16.56
N LEU B 285 -24.96 -7.77 16.40
CA LEU B 285 -25.11 -8.38 15.08
C LEU B 285 -26.41 -9.16 15.05
N LEU B 286 -27.18 -8.97 13.98
CA LEU B 286 -28.49 -9.61 13.84
C LEU B 286 -28.58 -10.22 12.45
N VAL B 287 -28.53 -11.54 12.38
CA VAL B 287 -28.61 -12.25 11.12
C VAL B 287 -29.99 -12.87 11.00
N GLY B 288 -30.47 -12.97 9.76
CA GLY B 288 -31.79 -13.54 9.49
C GLY B 288 -31.68 -14.99 9.10
N CYS B 289 -32.42 -15.84 9.82
CA CYS B 289 -32.49 -17.26 9.52
C CYS B 289 -33.84 -17.59 8.90
N GLY B 290 -33.80 -18.32 7.79
CA GLY B 290 -34.99 -18.81 7.14
C GLY B 290 -34.95 -20.32 6.96
N LEU B 291 -35.98 -20.84 6.30
CA LEU B 291 -36.06 -22.27 6.06
C LEU B 291 -34.99 -22.75 5.09
N ASN B 292 -34.37 -21.84 4.33
CA ASN B 292 -33.32 -22.20 3.39
C ASN B 292 -31.94 -21.78 3.89
N THR B 293 -31.82 -21.38 5.15
CA THR B 293 -30.54 -20.94 5.68
C THR B 293 -29.56 -22.11 5.79
N ASP B 294 -28.32 -21.85 5.44
CA ASP B 294 -27.27 -22.86 5.57
C ASP B 294 -26.87 -22.97 7.03
N PRO B 295 -26.95 -24.16 7.65
CA PRO B 295 -26.64 -24.26 9.07
C PRO B 295 -25.18 -23.95 9.41
N THR B 296 -24.27 -24.14 8.47
CA THR B 296 -22.85 -24.00 8.77
C THR B 296 -22.46 -22.58 9.18
N MET B 297 -23.33 -21.60 8.92
CA MET B 297 -23.05 -20.24 9.38
C MET B 297 -23.04 -20.15 10.90
N PHE B 298 -23.88 -20.94 11.57
CA PHE B 298 -24.11 -20.75 13.00
C PHE B 298 -22.86 -20.84 13.86
N PRO B 299 -21.97 -21.82 13.71
CA PRO B 299 -20.78 -21.85 14.58
C PRO B 299 -19.95 -20.59 14.50
N TYR B 300 -19.75 -20.03 13.30
CA TYR B 300 -18.92 -18.83 13.17
C TYR B 300 -19.49 -17.69 14.01
N LEU B 301 -20.80 -17.45 13.89
CA LEU B 301 -21.45 -16.45 14.73
C LEU B 301 -21.19 -16.72 16.20
N ARG B 302 -21.29 -17.99 16.61
CA ARG B 302 -21.04 -18.33 18.00
C ARG B 302 -19.66 -17.88 18.43
N SER B 303 -18.67 -17.99 17.53
CA SER B 303 -17.33 -17.50 17.85
C SER B 303 -17.38 -16.05 18.28
N LEU B 304 -18.06 -15.20 17.51
CA LEU B 304 -18.20 -13.81 17.90
C LEU B 304 -18.92 -13.69 19.23
N GLN B 305 -19.98 -14.49 19.42
CA GLN B 305 -20.68 -14.46 20.69
C GLN B 305 -19.78 -14.96 21.82
N ALA B 306 -18.83 -15.84 21.51
CA ALA B 306 -17.88 -16.30 22.52
C ALA B 306 -16.90 -15.21 22.93
N LEU B 307 -16.84 -14.11 22.18
CA LEU B 307 -15.92 -13.02 22.50
C LEU B 307 -16.45 -12.09 23.58
N SER B 308 -17.69 -12.27 24.02
CA SER B 308 -18.28 -11.38 25.01
C SER B 308 -17.51 -11.44 26.32
N ASN B 309 -17.20 -10.27 26.86
CA ASN B 309 -16.51 -10.16 28.13
C ASN B 309 -16.75 -8.78 28.73
N PRO B 310 -17.86 -8.58 29.45
CA PRO B 310 -18.18 -7.25 29.98
C PRO B 310 -17.12 -6.70 30.93
N ALA B 311 -16.46 -7.56 31.70
CA ALA B 311 -15.49 -7.08 32.67
C ALA B 311 -14.26 -6.46 32.01
N ALA B 312 -13.97 -6.82 30.76
CA ALA B 312 -12.80 -6.32 30.05
C ALA B 312 -13.17 -5.31 28.97
N ASN B 313 -14.34 -4.69 29.08
CA ASN B 313 -14.80 -3.69 28.12
C ASN B 313 -14.84 -4.24 26.70
N VAL B 314 -15.24 -5.50 26.57
CA VAL B 314 -15.42 -6.16 25.27
C VAL B 314 -16.82 -6.74 25.28
N SER B 315 -17.77 -6.02 24.70
CA SER B 315 -19.18 -6.41 24.69
C SER B 315 -19.60 -6.72 23.26
N VAL B 316 -19.89 -7.98 22.98
CA VAL B 316 -20.34 -8.42 21.66
C VAL B 316 -21.54 -9.32 21.86
N ASP B 317 -22.61 -9.07 21.11
CA ASP B 317 -23.82 -9.87 21.17
C ASP B 317 -24.30 -10.18 19.76
N VAL B 318 -24.85 -11.38 19.59
CA VAL B 318 -25.37 -11.83 18.30
C VAL B 318 -26.72 -12.49 18.53
N LYS B 319 -27.70 -12.14 17.70
CA LYS B 319 -29.03 -12.74 17.73
C LYS B 319 -29.42 -13.17 16.34
N VAL B 320 -30.55 -13.86 16.24
CA VAL B 320 -31.10 -14.29 14.96
C VAL B 320 -32.56 -13.86 14.90
N PHE B 321 -33.03 -13.62 13.68
CA PHE B 321 -34.40 -13.16 13.44
C PHE B 321 -35.18 -14.29 12.79
N ILE B 322 -36.27 -14.70 13.44
CA ILE B 322 -37.10 -15.80 12.98
C ILE B 322 -38.45 -15.23 12.58
N VAL B 323 -38.80 -15.35 11.30
CA VAL B 323 -40.08 -14.91 10.78
C VAL B 323 -40.99 -16.13 10.69
N PRO B 324 -42.09 -16.19 11.44
CA PRO B 324 -42.95 -17.37 11.39
C PRO B 324 -43.52 -17.60 10.00
N VAL B 325 -43.53 -18.87 9.59
CA VAL B 325 -44.09 -19.22 8.29
C VAL B 325 -45.61 -19.10 8.31
N GLY B 326 -46.24 -19.59 9.37
CA GLY B 326 -47.70 -19.58 9.44
C GLY B 326 -48.31 -20.38 8.30
N ASN B 327 -49.36 -19.82 7.71
CA ASN B 327 -50.01 -20.45 6.56
C ASN B 327 -49.19 -20.34 5.28
N HIS B 328 -48.19 -19.46 5.26
CA HIS B 328 -47.43 -19.18 4.04
C HIS B 328 -46.29 -20.18 3.91
N SER B 329 -46.66 -21.43 3.64
CA SER B 329 -45.70 -22.50 3.44
C SER B 329 -45.46 -22.83 1.97
N ASN B 330 -46.41 -22.49 1.09
CA ASN B 330 -46.27 -22.82 -0.32
C ASN B 330 -45.28 -21.89 -1.02
N ILE B 331 -45.18 -20.63 -0.59
CA ILE B 331 -44.28 -19.68 -1.23
C ILE B 331 -42.83 -20.04 -0.93
N PRO B 332 -42.00 -20.25 -1.95
CA PRO B 332 -40.59 -20.55 -1.70
C PRO B 332 -39.77 -19.28 -1.49
N PHE B 333 -38.71 -19.43 -0.69
CA PHE B 333 -37.78 -18.34 -0.39
C PHE B 333 -38.52 -17.11 0.15
N SER B 334 -39.27 -17.33 1.21
CA SER B 334 -40.08 -16.27 1.80
C SER B 334 -39.94 -16.32 3.32
N ARG B 335 -40.54 -15.32 3.97
CA ARG B 335 -40.52 -15.19 5.43
C ARG B 335 -39.09 -15.16 5.96
N VAL B 336 -38.26 -14.34 5.34
CA VAL B 336 -36.86 -14.19 5.71
C VAL B 336 -36.53 -12.72 5.84
N ASN B 337 -35.75 -12.36 6.86
CA ASN B 337 -35.32 -10.98 7.05
C ASN B 337 -34.21 -10.66 6.06
N HIS B 338 -34.54 -9.88 5.04
CA HIS B 338 -33.63 -9.55 3.95
C HIS B 338 -32.86 -8.26 4.18
N SER B 339 -33.10 -7.56 5.29
CA SER B 339 -32.46 -6.27 5.51
C SER B 339 -30.96 -6.43 5.68
N LYS B 340 -30.20 -5.57 5.00
CA LYS B 340 -28.75 -5.54 5.10
C LYS B 340 -28.32 -4.09 5.34
N PHE B 341 -27.97 -3.77 6.57
CA PHE B 341 -27.54 -2.42 6.90
C PHE B 341 -26.69 -2.47 8.17
N MET B 342 -26.14 -1.32 8.53
CA MET B 342 -25.32 -1.22 9.73
C MET B 342 -25.22 0.25 10.14
N VAL B 343 -25.58 0.54 11.38
CA VAL B 343 -25.62 1.90 11.90
C VAL B 343 -24.62 2.03 13.04
N THR B 344 -23.79 3.05 12.99
CA THR B 344 -22.93 3.43 14.09
C THR B 344 -23.34 4.80 14.60
N GLU B 345 -22.63 5.30 15.61
CA GLU B 345 -22.99 6.58 16.20
C GLU B 345 -22.71 7.75 15.27
N LYS B 346 -21.93 7.54 14.21
CA LYS B 346 -21.53 8.62 13.33
C LYS B 346 -21.99 8.47 11.88
N ALA B 347 -22.37 7.26 11.46
CA ALA B 347 -22.73 7.03 10.07
C ALA B 347 -23.74 5.90 9.99
N ALA B 348 -24.41 5.81 8.84
CA ALA B 348 -25.38 4.75 8.58
C ALA B 348 -25.13 4.20 7.19
N TYR B 349 -24.86 2.91 7.10
CA TYR B 349 -24.59 2.24 5.84
C TYR B 349 -25.78 1.36 5.48
N ILE B 350 -26.29 1.54 4.26
CA ILE B 350 -27.34 0.69 3.70
C ILE B 350 -26.75 0.00 2.49
N GLY B 351 -26.70 -1.34 2.54
CA GLY B 351 -26.07 -2.13 1.51
C GLY B 351 -27.05 -2.94 0.68
N THR B 352 -26.48 -3.69 -0.25
CA THR B 352 -27.23 -4.57 -1.12
C THR B 352 -26.75 -6.01 -1.08
N SER B 353 -25.46 -6.24 -0.83
CA SER B 353 -24.88 -7.57 -0.80
C SER B 353 -24.68 -8.04 0.63
N ASN B 354 -24.66 -9.36 0.80
CA ASN B 354 -24.41 -9.96 2.09
C ASN B 354 -22.93 -9.83 2.45
N TRP B 355 -22.54 -10.41 3.58
CA TRP B 355 -21.17 -10.31 4.07
C TRP B 355 -20.48 -11.65 3.81
N SER B 356 -19.85 -11.76 2.65
CA SER B 356 -19.12 -12.96 2.26
C SER B 356 -18.07 -12.57 1.23
N GLU B 357 -17.14 -13.50 0.98
CA GLU B 357 -16.04 -13.21 0.07
C GLU B 357 -16.53 -12.87 -1.33
N ASP B 358 -17.43 -13.70 -1.87
CA ASP B 358 -17.87 -13.53 -3.25
C ASP B 358 -18.55 -12.18 -3.45
N TYR B 359 -19.31 -11.73 -2.46
CA TYR B 359 -20.00 -10.45 -2.56
C TYR B 359 -19.05 -9.27 -2.57
N PHE B 360 -17.78 -9.46 -2.23
CA PHE B 360 -16.81 -8.37 -2.23
C PHE B 360 -15.63 -8.63 -3.15
N SER B 361 -15.61 -9.73 -3.87
CA SER B 361 -14.55 -9.99 -4.83
C SER B 361 -15.07 -10.32 -6.21
N SER B 362 -16.18 -11.06 -6.30
CA SER B 362 -16.76 -11.44 -7.58
C SER B 362 -18.16 -10.88 -7.80
N THR B 363 -19.07 -11.11 -6.86
CA THR B 363 -20.43 -10.63 -7.01
C THR B 363 -20.49 -9.11 -6.92
N ALA B 364 -21.31 -8.51 -7.77
CA ALA B 364 -21.41 -7.05 -7.85
C ALA B 364 -22.50 -6.54 -6.93
N GLY B 365 -22.18 -5.52 -6.13
CA GLY B 365 -23.14 -4.91 -5.25
C GLY B 365 -22.88 -3.42 -5.11
N VAL B 366 -23.83 -2.72 -4.48
CA VAL B 366 -23.73 -1.29 -4.28
C VAL B 366 -24.09 -0.98 -2.83
N GLY B 367 -23.48 0.08 -2.30
CA GLY B 367 -23.71 0.47 -0.91
C GLY B 367 -23.72 1.98 -0.77
N LEU B 368 -24.44 2.45 0.24
CA LEU B 368 -24.59 3.86 0.51
C LEU B 368 -24.21 4.14 1.96
N VAL B 369 -23.50 5.24 2.19
CA VAL B 369 -23.07 5.65 3.53
C VAL B 369 -23.58 7.07 3.75
N VAL B 370 -24.66 7.22 4.52
CA VAL B 370 -25.20 8.52 4.82
C VAL B 370 -24.73 8.94 6.21
N THR B 371 -24.77 10.24 6.46
CA THR B 371 -24.37 10.80 7.74
C THR B 371 -25.04 12.15 7.91
N GLN B 372 -25.90 12.28 8.93
CA GLN B 372 -26.61 13.52 9.19
C GLN B 372 -26.20 14.05 10.56
N SER B 373 -25.93 15.35 10.63
CA SER B 373 -25.58 16.02 11.86
C SER B 373 -26.65 17.03 12.24
N PRO B 374 -26.80 17.34 13.52
CA PRO B 374 -27.80 18.35 13.92
C PRO B 374 -27.51 19.69 13.27
N GLY B 375 -28.58 20.36 12.85
CA GLY B 375 -28.45 21.62 12.14
C GLY B 375 -29.60 22.57 12.37
N ALA B 376 -30.11 23.17 11.29
CA ALA B 376 -31.19 24.14 11.38
C ALA B 376 -32.49 23.50 11.86
N GLN B 377 -32.60 22.19 11.83
CA GLN B 377 -33.79 21.47 12.28
C GLN B 377 -33.39 20.40 13.29
N PRO B 378 -33.02 20.81 14.51
CA PRO B 378 -32.67 19.82 15.54
C PRO B 378 -33.85 18.94 15.96
N ALA B 379 -35.08 19.39 15.73
CA ALA B 379 -36.24 18.58 16.11
C ALA B 379 -36.30 17.29 15.29
N GLY B 380 -36.04 17.38 13.99
CA GLY B 380 -36.08 16.20 13.15
C GLY B 380 -34.95 15.24 13.51
N ALA B 381 -35.31 13.98 13.76
CA ALA B 381 -34.32 12.97 14.08
C ALA B 381 -33.45 12.68 12.87
N THR B 382 -32.16 12.47 13.11
CA THR B 382 -31.23 12.19 12.03
C THR B 382 -31.44 10.78 11.49
N VAL B 383 -30.81 10.50 10.35
CA VAL B 383 -30.97 9.19 9.72
C VAL B 383 -30.38 8.09 10.59
N GLN B 384 -29.22 8.34 11.19
CA GLN B 384 -28.61 7.33 12.06
C GLN B 384 -29.50 7.06 13.27
N GLU B 385 -30.14 8.09 13.81
CA GLU B 385 -31.05 7.89 14.93
C GLU B 385 -32.22 7.01 14.52
N GLN B 386 -32.79 7.24 13.34
CA GLN B 386 -33.90 6.42 12.87
C GLN B 386 -33.45 4.97 12.67
N LEU B 387 -32.27 4.77 12.08
CA LEU B 387 -31.78 3.42 11.87
C LEU B 387 -31.53 2.71 13.19
N ARG B 388 -30.96 3.42 14.17
CA ARG B 388 -30.75 2.82 15.48
C ARG B 388 -32.07 2.47 16.15
N GLN B 389 -33.09 3.34 16.01
CA GLN B 389 -34.39 3.04 16.57
C GLN B 389 -35.00 1.79 15.93
N LEU B 390 -34.89 1.67 14.60
CA LEU B 390 -35.41 0.48 13.93
C LEU B 390 -34.65 -0.76 14.37
N PHE B 391 -33.33 -0.66 14.49
CA PHE B 391 -32.53 -1.81 14.91
C PHE B 391 -32.90 -2.24 16.32
N GLU B 392 -33.12 -1.28 17.23
CA GLU B 392 -33.51 -1.63 18.59
C GLU B 392 -34.92 -2.19 18.64
N ARG B 393 -35.82 -1.70 17.77
CA ARG B 393 -37.15 -2.29 17.71
C ARG B 393 -37.08 -3.75 17.28
N ASP B 394 -36.25 -4.06 16.29
CA ASP B 394 -36.07 -5.44 15.87
C ASP B 394 -35.39 -6.27 16.97
N TRP B 395 -34.41 -5.68 17.65
CA TRP B 395 -33.67 -6.40 18.68
C TRP B 395 -34.57 -6.74 19.86
N SER B 396 -35.43 -5.82 20.28
CA SER B 396 -36.32 -6.06 21.41
C SER B 396 -37.56 -6.87 21.04
N SER B 397 -37.77 -7.13 19.75
CA SER B 397 -38.94 -7.87 19.32
C SER B 397 -38.83 -9.33 19.73
N ARG B 398 -39.98 -9.99 19.83
CA ARG B 398 -40.02 -11.39 20.21
C ARG B 398 -39.50 -12.31 19.13
N TYR B 399 -39.25 -11.80 17.92
CA TYR B 399 -38.68 -12.61 16.85
C TYR B 399 -37.16 -12.68 16.91
N ALA B 400 -36.54 -11.96 17.83
CA ALA B 400 -35.08 -11.97 17.98
C ALA B 400 -34.73 -12.96 19.09
N VAL B 401 -33.95 -13.98 18.74
CA VAL B 401 -33.60 -15.05 19.65
C VAL B 401 -32.08 -15.14 19.74
N GLY B 402 -31.57 -15.27 20.96
CA GLY B 402 -30.14 -15.45 21.13
C GLY B 402 -29.64 -16.76 20.57
N LEU B 403 -28.34 -16.81 20.30
CA LEU B 403 -27.75 -18.01 19.71
C LEU B 403 -27.93 -19.23 20.61
N ASP B 404 -27.97 -19.03 21.91
CA ASP B 404 -28.22 -20.15 22.81
C ASP B 404 -29.67 -20.61 22.76
N GLY B 405 -30.57 -19.73 22.35
CA GLY B 405 -31.98 -20.08 22.29
C GLY B 405 -32.30 -21.15 21.28
N GLN B 406 -32.69 -22.33 21.76
CA GLN B 406 -33.02 -23.48 20.92
C GLN B 406 -34.41 -24.00 21.27
N ALA B 407 -35.36 -23.09 21.42
CA ALA B 407 -36.72 -23.50 21.71
C ALA B 407 -37.33 -24.22 20.50
N PRO B 408 -38.07 -25.29 20.71
CA PRO B 408 -38.71 -25.98 19.59
C PRO B 408 -39.82 -25.14 18.99
N GLY B 409 -40.09 -25.41 17.71
CA GLY B 409 -41.14 -24.73 16.98
C GLY B 409 -40.67 -23.57 16.13
N GLN B 410 -39.47 -23.07 16.35
CA GLN B 410 -38.93 -21.99 15.53
C GLN B 410 -38.67 -22.49 14.12
N ASP B 411 -39.05 -21.69 13.14
CA ASP B 411 -38.87 -22.06 11.73
C ASP B 411 -37.50 -21.63 11.22
N CYS B 412 -36.47 -22.18 11.86
CA CYS B 412 -35.09 -21.92 11.49
C CYS B 412 -34.34 -23.25 11.47
N VAL B 413 -33.36 -23.34 10.57
CA VAL B 413 -32.66 -24.61 10.36
C VAL B 413 -31.89 -25.01 11.61
N TRP B 414 -31.23 -24.05 12.26
CA TRP B 414 -30.44 -24.28 13.47
C TRP B 414 -29.30 -25.23 13.11
N GLN B 415 -29.15 -26.36 13.79
CA GLN B 415 -28.02 -27.25 13.54
C GLN B 415 -28.11 -27.96 12.19
N GLY B 416 -29.31 -28.07 11.63
CA GLY B 416 -29.48 -28.75 10.36
C GLY B 416 -29.21 -30.25 10.44
N SER C 3 -25.25 38.40 -5.96
CA SER C 3 -24.73 39.39 -6.89
C SER C 3 -23.24 39.61 -6.70
N CYS C 4 -22.48 38.53 -6.74
CA CYS C 4 -21.04 38.62 -6.57
C CYS C 4 -20.41 39.42 -7.71
N GLN C 5 -19.44 40.25 -7.37
CA GLN C 5 -18.64 40.97 -8.34
C GLN C 5 -17.18 40.69 -8.08
N LEU C 6 -16.53 39.98 -9.02
CA LEU C 6 -15.14 39.58 -8.88
C LEU C 6 -14.29 40.42 -9.82
N VAL C 7 -13.26 41.07 -9.29
CA VAL C 7 -12.35 41.86 -10.09
C VAL C 7 -10.91 41.48 -9.75
N LEU C 8 -10.09 41.35 -10.80
CA LEU C 8 -8.66 41.10 -10.63
C LEU C 8 -7.95 42.39 -10.27
N VAL C 9 -7.02 42.30 -9.32
CA VAL C 9 -6.29 43.45 -8.82
C VAL C 9 -4.81 43.13 -8.86
N GLU C 10 -3.99 44.16 -9.05
CA GLU C 10 -2.55 43.93 -9.13
C GLU C 10 -1.82 45.22 -8.78
N SER C 11 -0.58 45.05 -8.34
CA SER C 11 0.29 46.16 -7.96
C SER C 11 1.58 46.07 -8.76
N ILE C 12 1.92 47.14 -9.45
CA ILE C 12 3.13 47.23 -10.26
C ILE C 12 4.11 48.15 -9.54
N PRO C 13 5.34 47.72 -9.29
CA PRO C 13 6.31 48.58 -8.61
C PRO C 13 6.68 49.78 -9.46
N GLN C 14 7.11 50.84 -8.79
CA GLN C 14 7.50 52.05 -9.49
C GLN C 14 8.75 51.81 -10.34
N ASP C 15 8.94 52.67 -11.33
CA ASP C 15 10.06 52.58 -12.26
C ASP C 15 10.08 51.26 -13.01
N LEU C 16 8.91 50.71 -13.31
CA LEU C 16 8.78 49.49 -14.10
C LEU C 16 7.73 49.71 -15.19
N PRO C 17 8.05 50.54 -16.18
CA PRO C 17 7.08 50.80 -17.25
C PRO C 17 6.89 49.57 -18.13
N SER C 18 5.71 49.48 -18.74
CA SER C 18 5.36 48.41 -19.65
C SER C 18 5.19 48.96 -21.06
N ALA C 19 5.05 48.05 -22.01
CA ALA C 19 4.87 48.43 -23.41
C ALA C 19 3.53 49.13 -23.59
N ALA C 20 3.47 49.99 -24.60
CA ALA C 20 2.24 50.72 -24.89
C ALA C 20 1.12 49.76 -25.27
N GLY C 21 -0.08 50.05 -24.79
CA GLY C 21 -1.23 49.20 -25.06
C GLY C 21 -1.29 47.94 -24.25
N SER C 22 -0.41 47.77 -23.27
CA SER C 22 -0.41 46.56 -22.48
C SER C 22 -1.65 46.50 -21.58
N PRO C 23 -2.26 45.33 -21.42
CA PRO C 23 -3.40 45.21 -20.51
C PRO C 23 -2.97 45.42 -19.06
N SER C 24 -3.91 45.93 -18.26
CA SER C 24 -3.63 46.18 -16.86
C SER C 24 -4.91 46.01 -16.05
N ALA C 25 -4.75 45.79 -14.76
CA ALA C 25 -5.85 45.64 -13.83
C ALA C 25 -5.86 46.80 -12.85
N GLN C 26 -6.82 46.77 -11.93
CA GLN C 26 -6.95 47.84 -10.95
C GLN C 26 -5.79 47.80 -9.96
N PRO C 27 -5.27 48.96 -9.56
CA PRO C 27 -4.18 48.98 -8.57
C PRO C 27 -4.62 48.39 -7.24
N LEU C 28 -3.66 47.80 -6.53
CA LEU C 28 -3.95 47.16 -5.26
C LEU C 28 -4.27 48.18 -4.17
N GLY C 29 -3.57 49.32 -4.18
CA GLY C 29 -3.80 50.31 -3.14
C GLY C 29 -5.22 50.85 -3.15
N GLN C 30 -5.71 51.17 -4.34
CA GLN C 30 -7.09 51.69 -4.47
C GLN C 30 -8.07 50.62 -3.95
N ALA C 31 -7.89 49.38 -4.38
CA ALA C 31 -8.80 48.31 -3.99
C ALA C 31 -8.83 48.13 -2.48
N TRP C 32 -7.66 48.12 -1.85
CA TRP C 32 -7.61 47.98 -0.40
C TRP C 32 -8.25 49.17 0.31
N LEU C 33 -7.99 50.39 -0.20
CA LEU C 33 -8.60 51.57 0.39
C LEU C 33 -10.12 51.52 0.31
N GLN C 34 -10.65 51.14 -0.86
CA GLN C 34 -12.10 51.03 -1.01
C GLN C 34 -12.67 49.94 -0.11
N LEU C 35 -11.99 48.80 -0.02
CA LEU C 35 -12.46 47.72 0.84
C LEU C 35 -12.51 48.15 2.29
N LEU C 36 -11.48 48.85 2.77
CA LEU C 36 -11.50 49.34 4.14
C LEU C 36 -12.55 50.42 4.34
N ASP C 37 -12.81 51.21 3.31
CA ASP C 37 -13.81 52.30 3.41
C ASP C 37 -15.22 51.71 3.54
N THR C 38 -15.50 50.63 2.80
CA THR C 38 -16.84 50.05 2.80
C THR C 38 -17.14 49.22 4.04
N ALA C 39 -16.15 48.91 4.86
CA ALA C 39 -16.37 48.08 6.03
C ALA C 39 -17.21 48.82 7.06
N GLN C 40 -18.21 48.13 7.61
CA GLN C 40 -19.02 48.70 8.69
C GLN C 40 -19.32 47.74 9.83
N GLU C 41 -19.01 46.44 9.72
CA GLU C 41 -19.30 45.49 10.77
C GLU C 41 -18.03 44.91 11.40
N SER C 42 -17.16 44.30 10.60
CA SER C 42 -15.94 43.69 11.14
C SER C 42 -14.97 43.42 10.00
N VAL C 43 -13.70 43.33 10.36
CA VAL C 43 -12.63 43.05 9.41
C VAL C 43 -11.77 41.92 9.97
N HIS C 44 -11.53 40.90 9.16
CA HIS C 44 -10.68 39.78 9.54
C HIS C 44 -9.57 39.67 8.51
N VAL C 45 -8.34 39.48 8.98
CA VAL C 45 -7.18 39.43 8.11
C VAL C 45 -6.28 38.27 8.51
N ALA C 46 -5.76 37.57 7.51
CA ALA C 46 -4.75 36.53 7.71
C ALA C 46 -3.50 36.95 6.97
N SER C 47 -2.43 37.21 7.71
CA SER C 47 -1.21 37.77 7.15
C SER C 47 0.01 37.06 7.70
N TYR C 48 1.05 36.99 6.88
CA TYR C 48 2.31 36.38 7.28
C TYR C 48 3.08 37.27 8.24
N TYR C 49 3.15 38.57 7.95
CA TYR C 49 3.87 39.53 8.79
C TYR C 49 3.32 40.91 8.50
N TRP C 50 3.63 41.86 9.37
CA TRP C 50 3.14 43.22 9.27
C TRP C 50 4.33 44.18 9.24
N SER C 51 4.45 44.96 8.18
CA SER C 51 5.52 45.93 8.03
C SER C 51 5.01 47.21 7.39
N LEU C 52 3.82 47.66 7.81
CA LEU C 52 3.21 48.83 7.18
C LEU C 52 4.05 50.08 7.40
N THR C 53 4.57 50.26 8.60
CA THR C 53 5.35 51.47 8.89
C THR C 53 6.70 51.40 8.19
N GLY C 54 7.09 52.51 7.57
CA GLY C 54 8.37 52.62 6.90
C GLY C 54 9.54 52.41 7.84
N PRO C 55 9.59 53.16 8.94
CA PRO C 55 10.67 52.97 9.91
C PRO C 55 10.69 51.60 10.57
N ASP C 56 9.60 50.84 10.43
CA ASP C 56 9.56 49.47 11.04
C ASP C 56 10.74 48.67 10.51
N ILE C 57 10.90 48.61 9.19
CA ILE C 57 11.96 47.82 8.57
C ILE C 57 13.33 48.36 8.96
N GLY C 58 13.49 49.69 8.94
CA GLY C 58 14.77 50.29 9.25
C GLY C 58 15.26 51.22 8.17
N VAL C 59 14.36 51.59 7.26
CA VAL C 59 14.67 52.50 6.16
C VAL C 59 13.64 53.61 6.14
N ASN C 60 14.03 54.74 5.55
CA ASN C 60 13.14 55.88 5.34
C ASN C 60 13.08 56.20 3.86
N ASP C 61 11.87 56.25 3.32
CA ASP C 61 11.68 56.51 1.90
C ASP C 61 10.27 57.04 1.68
N SER C 62 10.10 57.74 0.57
CA SER C 62 8.78 58.26 0.21
C SER C 62 7.83 57.14 -0.18
N SER C 63 8.36 56.05 -0.76
CA SER C 63 7.52 54.97 -1.24
C SER C 63 6.73 54.30 -0.12
N SER C 64 7.22 54.38 1.12
CA SER C 64 6.49 53.79 2.24
C SER C 64 5.27 54.62 2.63
N GLN C 65 5.16 55.86 2.14
CA GLN C 65 4.06 56.73 2.55
C GLN C 65 2.71 56.06 2.31
N LEU C 66 2.54 55.43 1.16
CA LEU C 66 1.29 54.73 0.86
C LEU C 66 0.96 53.76 1.98
N GLY C 67 1.92 52.93 2.38
CA GLY C 67 1.67 52.00 3.47
C GLY C 67 1.22 52.71 4.72
N GLU C 68 1.86 53.84 5.06
CA GLU C 68 1.45 54.61 6.23
C GLU C 68 -0.03 54.95 6.13
N ALA C 69 -0.48 55.42 4.97
CA ALA C 69 -1.88 55.76 4.79
C ALA C 69 -2.77 54.58 5.13
N LEU C 70 -2.39 53.38 4.66
CA LEU C 70 -3.16 52.20 4.96
C LEU C 70 -3.33 52.04 6.47
N LEU C 71 -2.23 52.14 7.20
CA LEU C 71 -2.30 52.03 8.66
C LEU C 71 -3.28 53.06 9.21
N GLN C 72 -3.17 54.30 8.73
CA GLN C 72 -4.10 55.35 9.16
C GLN C 72 -5.53 54.89 8.96
N LYS C 73 -5.84 54.36 7.77
CA LYS C 73 -7.20 53.89 7.52
C LYS C 73 -7.61 52.85 8.54
N LEU C 74 -6.72 51.91 8.84
CA LEU C 74 -7.04 50.91 9.84
C LEU C 74 -7.34 51.58 11.18
N GLN C 75 -6.52 52.55 11.57
CA GLN C 75 -6.80 53.28 12.80
C GLN C 75 -8.16 53.98 12.71
N GLN C 76 -8.47 54.54 11.54
CA GLN C 76 -9.79 55.15 11.36
C GLN C 76 -10.89 54.13 11.60
N LEU C 77 -10.68 52.89 11.15
CA LEU C 77 -11.66 51.84 11.43
C LEU C 77 -11.81 51.63 12.93
N LEU C 78 -10.68 51.61 13.65
CA LEU C 78 -10.75 51.48 15.10
C LEU C 78 -11.44 52.66 15.75
N GLY C 79 -11.53 53.79 15.04
CA GLY C 79 -12.26 54.93 15.52
C GLY C 79 -13.75 54.89 15.27
N ARG C 80 -14.25 53.85 14.62
CA ARG C 80 -15.67 53.72 14.32
C ARG C 80 -16.25 52.43 14.91
N ASN C 81 -15.64 51.94 15.99
CA ASN C 81 -16.18 50.72 16.67
C ASN C 81 -16.31 49.58 15.67
N ILE C 82 -15.28 49.36 14.86
CA ILE C 82 -15.27 48.24 13.91
C ILE C 82 -14.41 47.13 14.47
N SER C 83 -14.98 45.94 14.57
CA SER C 83 -14.22 44.80 15.06
C SER C 83 -13.09 44.46 14.10
N LEU C 84 -11.93 44.15 14.66
CA LEU C 84 -10.73 43.88 13.87
C LEU C 84 -10.00 42.68 14.47
N ALA C 85 -9.82 41.64 13.68
CA ALA C 85 -9.14 40.43 14.10
C ALA C 85 -7.96 40.15 13.18
N VAL C 86 -6.82 39.79 13.77
CA VAL C 86 -5.59 39.55 13.03
C VAL C 86 -5.04 38.19 13.44
N ALA C 87 -4.70 37.38 12.44
CA ALA C 87 -4.01 36.10 12.66
C ALA C 87 -2.62 36.22 12.06
N THR C 88 -1.59 35.98 12.88
CA THR C 88 -0.21 36.15 12.48
C THR C 88 0.59 34.91 12.85
N SER C 89 1.50 34.51 11.96
CA SER C 89 2.37 33.38 12.24
C SER C 89 3.31 33.71 13.39
N SER C 90 3.60 32.70 14.21
CA SER C 90 4.53 32.90 15.32
C SER C 90 5.93 33.29 14.84
N PRO C 91 6.54 32.63 13.84
CA PRO C 91 7.84 33.15 13.33
C PRO C 91 7.67 34.23 12.27
N THR C 92 7.41 35.45 12.73
CA THR C 92 7.28 36.59 11.82
C THR C 92 8.63 36.90 11.18
N LEU C 93 8.57 37.44 9.96
CA LEU C 93 9.80 37.82 9.26
C LEU C 93 10.34 39.14 9.79
N ALA C 94 9.55 40.20 9.71
CA ALA C 94 9.97 41.52 10.19
C ALA C 94 9.81 41.55 11.71
N ARG C 95 10.92 41.27 12.39
CA ARG C 95 10.89 41.25 13.86
C ARG C 95 10.59 42.63 14.42
N THR C 96 11.17 43.68 13.82
CA THR C 96 10.97 45.05 14.28
C THR C 96 9.67 45.57 13.67
N SER C 97 8.56 45.16 14.27
CA SER C 97 7.23 45.56 13.83
C SER C 97 6.48 46.15 15.01
N THR C 98 5.99 47.38 14.86
CA THR C 98 5.25 48.06 15.92
C THR C 98 3.80 48.34 15.54
N ASP C 99 3.40 48.06 14.30
CA ASP C 99 2.03 48.32 13.88
C ASP C 99 1.05 47.44 14.65
N LEU C 100 1.41 46.18 14.89
CA LEU C 100 0.54 45.29 15.65
C LEU C 100 0.33 45.80 17.06
N GLN C 101 1.39 46.32 17.69
CA GLN C 101 1.26 46.89 19.03
C GLN C 101 0.32 48.08 19.02
N VAL C 102 0.45 48.95 18.01
CA VAL C 102 -0.41 50.13 17.92
C VAL C 102 -1.87 49.71 17.76
N LEU C 103 -2.13 48.74 16.87
CA LEU C 103 -3.49 48.29 16.67
C LEU C 103 -4.06 47.65 17.93
N ALA C 104 -3.27 46.83 18.61
CA ALA C 104 -3.74 46.21 19.84
C ALA C 104 -4.05 47.26 20.91
N ALA C 105 -3.20 48.28 21.02
CA ALA C 105 -3.47 49.37 21.95
C ALA C 105 -4.74 50.11 21.57
N ARG C 106 -5.02 50.25 20.27
CA ARG C 106 -6.25 50.90 19.84
C ARG C 106 -7.48 50.05 20.08
N GLY C 107 -7.32 48.74 20.25
CA GLY C 107 -8.45 47.88 20.52
C GLY C 107 -8.63 46.74 19.54
N ALA C 108 -7.55 46.31 18.90
CA ALA C 108 -7.63 45.21 17.96
C ALA C 108 -7.72 43.88 18.71
N HIS C 109 -7.65 42.79 17.96
CA HIS C 109 -7.75 41.43 18.51
C HIS C 109 -6.68 40.54 17.91
N VAL C 110 -5.43 41.01 17.93
CA VAL C 110 -4.34 40.25 17.33
C VAL C 110 -4.18 38.90 18.02
N ARG C 111 -3.66 37.93 17.27
CA ARG C 111 -3.47 36.58 17.78
C ARG C 111 -2.35 35.91 17.00
N GLN C 112 -1.35 35.40 17.72
CA GLN C 112 -0.21 34.74 17.10
C GLN C 112 -0.50 33.25 16.98
N VAL C 113 -0.50 32.74 15.75
CA VAL C 113 -0.71 31.32 15.50
C VAL C 113 0.64 30.61 15.57
N PRO C 114 0.82 29.70 16.52
CA PRO C 114 2.11 28.98 16.63
C PRO C 114 2.25 27.90 15.56
N MET C 115 2.34 28.34 14.31
CA MET C 115 2.38 27.40 13.19
C MET C 115 3.65 26.55 13.24
N GLY C 116 4.78 27.15 13.60
CA GLY C 116 6.02 26.41 13.67
C GLY C 116 6.01 25.35 14.76
N ARG C 117 5.37 25.64 15.89
CA ARG C 117 5.24 24.64 16.94
C ARG C 117 4.34 23.49 16.50
N LEU C 118 3.27 23.81 15.76
CA LEU C 118 2.30 22.78 15.38
C LEU C 118 2.82 21.89 14.27
N THR C 119 3.11 22.46 13.09
CA THR C 119 3.48 21.68 11.92
C THR C 119 4.82 22.10 11.33
N ARG C 120 5.66 22.78 12.11
CA ARG C 120 6.99 23.21 11.66
C ARG C 120 6.90 24.08 10.40
N GLY C 121 5.83 24.86 10.31
CA GLY C 121 5.62 25.71 9.16
C GLY C 121 5.29 27.15 9.52
N VAL C 122 4.75 27.90 8.57
CA VAL C 122 4.39 29.29 8.79
C VAL C 122 2.99 29.54 8.25
N LEU C 123 2.36 30.60 8.75
CA LEU C 123 1.03 31.01 8.30
C LEU C 123 1.19 31.91 7.08
N HIS C 124 1.44 31.28 5.94
CA HIS C 124 1.67 32.01 4.70
C HIS C 124 0.39 32.54 4.06
N SER C 125 -0.78 32.12 4.55
CA SER C 125 -2.03 32.57 3.95
C SER C 125 -2.24 34.06 4.20
N LYS C 126 -2.64 34.78 3.16
CA LYS C 126 -2.87 36.22 3.23
C LYS C 126 -4.20 36.52 2.56
N PHE C 127 -5.21 36.89 3.36
CA PHE C 127 -6.50 37.23 2.78
C PHE C 127 -7.29 38.11 3.73
N TRP C 128 -8.32 38.76 3.20
CA TRP C 128 -9.19 39.66 3.92
C TRP C 128 -10.63 39.21 3.80
N VAL C 129 -11.35 39.25 4.92
CA VAL C 129 -12.81 39.06 4.93
C VAL C 129 -13.42 40.27 5.63
N VAL C 130 -14.22 41.02 4.90
CA VAL C 130 -14.77 42.28 5.37
C VAL C 130 -16.29 42.13 5.49
N ASP C 131 -16.80 42.37 6.68
CA ASP C 131 -18.23 42.39 6.98
C ASP C 131 -18.92 41.07 6.67
N GLY C 132 -18.15 40.00 6.50
CA GLY C 132 -18.75 38.73 6.10
C GLY C 132 -19.42 38.77 4.76
N ARG C 133 -19.12 39.76 3.94
CA ARG C 133 -19.71 39.92 2.61
C ARG C 133 -18.67 40.09 1.52
N HIS C 134 -17.57 40.80 1.80
CA HIS C 134 -16.55 41.06 0.80
C HIS C 134 -15.28 40.28 1.14
N ILE C 135 -14.56 39.85 0.12
CA ILE C 135 -13.31 39.15 0.33
C ILE C 135 -12.22 39.74 -0.56
N TYR C 136 -10.98 39.57 -0.11
CA TYR C 136 -9.79 39.85 -0.90
C TYR C 136 -8.84 38.68 -0.73
N MET C 137 -8.23 38.24 -1.82
CA MET C 137 -7.35 37.09 -1.78
C MET C 137 -6.19 37.31 -2.74
N GLY C 138 -4.97 37.29 -2.20
CA GLY C 138 -3.79 37.48 -3.03
C GLY C 138 -2.55 37.10 -2.25
N SER C 139 -1.41 37.30 -2.87
CA SER C 139 -0.13 37.02 -2.26
C SER C 139 0.52 38.25 -1.63
N ALA C 140 -0.24 39.33 -1.45
CA ALA C 140 0.30 40.57 -0.90
C ALA C 140 0.13 40.56 0.61
N ASN C 141 1.23 40.35 1.33
CA ASN C 141 1.22 40.54 2.77
C ASN C 141 1.11 42.02 3.10
N MET C 142 0.73 42.31 4.34
CA MET C 142 0.53 43.69 4.74
C MET C 142 1.86 44.42 4.84
N ASP C 143 2.26 45.07 3.76
CA ASP C 143 3.58 45.69 3.68
C ASP C 143 3.59 46.69 2.54
N TRP C 144 4.17 47.87 2.79
CA TRP C 144 4.25 48.90 1.75
C TRP C 144 5.14 48.47 0.60
N ARG C 145 6.07 47.54 0.83
CA ARG C 145 6.89 47.02 -0.26
C ARG C 145 6.03 46.33 -1.30
N SER C 146 5.04 45.55 -0.85
CA SER C 146 4.12 44.94 -1.80
C SER C 146 3.24 45.98 -2.50
N LEU C 147 3.03 47.13 -1.85
CA LEU C 147 2.23 48.18 -2.49
C LEU C 147 3.01 48.88 -3.59
N THR C 148 4.28 49.19 -3.35
CA THR C 148 5.01 50.08 -4.25
C THR C 148 6.33 49.52 -4.76
N GLN C 149 6.83 48.41 -4.23
CA GLN C 149 8.14 47.91 -4.61
C GLN C 149 8.17 46.47 -5.07
N VAL C 150 7.05 45.75 -5.00
CA VAL C 150 6.99 44.35 -5.40
C VAL C 150 5.79 44.13 -6.29
N LYS C 151 5.99 43.51 -7.44
CA LYS C 151 4.87 43.16 -8.32
C LYS C 151 4.00 42.12 -7.65
N GLU C 152 2.68 42.28 -7.78
CA GLU C 152 1.76 41.46 -7.01
C GLU C 152 0.44 41.32 -7.76
N LEU C 153 -0.20 40.16 -7.61
CA LEU C 153 -1.48 39.90 -8.24
C LEU C 153 -2.42 39.20 -7.27
N GLY C 154 -3.70 39.57 -7.33
CA GLY C 154 -4.73 38.97 -6.51
C GLY C 154 -6.09 39.26 -7.08
N ALA C 155 -7.13 38.95 -6.31
CA ALA C 155 -8.49 39.16 -6.76
C ALA C 155 -9.38 39.48 -5.57
N VAL C 156 -10.35 40.37 -5.77
CA VAL C 156 -11.29 40.70 -4.71
C VAL C 156 -12.70 40.48 -5.21
N ILE C 157 -13.60 40.19 -4.28
CA ILE C 157 -15.00 39.88 -4.57
C ILE C 157 -15.88 40.71 -3.64
N TYR C 158 -16.91 41.33 -4.21
CA TYR C 158 -17.86 42.15 -3.49
C TYR C 158 -19.24 41.50 -3.50
N ASN C 159 -19.93 41.58 -2.36
CA ASN C 159 -21.32 41.16 -2.25
C ASN C 159 -21.51 39.71 -2.64
N CYS C 160 -20.73 38.83 -2.00
CA CYS C 160 -20.76 37.40 -2.32
C CYS C 160 -20.79 36.58 -1.04
N SER C 161 -21.77 36.88 -0.18
CA SER C 161 -21.88 36.36 1.18
C SER C 161 -21.50 34.89 1.33
N HIS C 162 -21.89 34.04 0.37
CA HIS C 162 -21.59 32.61 0.51
C HIS C 162 -20.09 32.36 0.54
N LEU C 163 -19.36 32.89 -0.44
CA LEU C 163 -17.91 32.72 -0.46
C LEU C 163 -17.26 33.42 0.72
N ALA C 164 -17.85 34.53 1.18
CA ALA C 164 -17.31 35.21 2.35
C ALA C 164 -17.41 34.32 3.58
N GLN C 165 -18.53 33.63 3.77
CA GLN C 165 -18.65 32.70 4.89
C GLN C 165 -17.69 31.53 4.70
N ASP C 166 -17.52 31.07 3.46
CA ASP C 166 -16.59 29.96 3.23
C ASP C 166 -15.17 30.35 3.64
N LEU C 167 -14.75 31.56 3.32
CA LEU C 167 -13.43 32.02 3.75
C LEU C 167 -13.39 32.26 5.25
N GLU C 168 -14.51 32.71 5.83
CA GLU C 168 -14.58 32.87 7.27
C GLU C 168 -14.38 31.54 7.98
N LYS C 169 -14.76 30.44 7.33
CA LYS C 169 -14.51 29.13 7.93
C LYS C 169 -13.02 28.90 8.19
N THR C 170 -12.17 29.10 7.18
CA THR C 170 -10.76 28.87 7.40
C THR C 170 -10.13 29.96 8.24
N PHE C 171 -10.66 31.18 8.20
CA PHE C 171 -10.19 32.20 9.11
C PHE C 171 -10.46 31.80 10.56
N GLN C 172 -11.65 31.25 10.81
CA GLN C 172 -11.97 30.74 12.14
C GLN C 172 -11.09 29.57 12.52
N THR C 173 -10.73 28.74 11.55
CA THR C 173 -9.76 27.68 11.82
C THR C 173 -8.45 28.26 12.35
N TYR C 174 -7.91 29.26 11.64
CA TYR C 174 -6.68 29.91 12.10
C TYR C 174 -6.88 30.55 13.47
N TRP C 175 -8.01 31.22 13.66
CA TRP C 175 -8.28 31.93 14.91
C TRP C 175 -8.35 30.97 16.09
N VAL C 176 -9.02 29.83 15.91
CA VAL C 176 -9.10 28.83 16.96
C VAL C 176 -7.72 28.26 17.24
N LEU C 177 -6.95 27.98 16.19
CA LEU C 177 -5.58 27.51 16.42
C LEU C 177 -4.73 28.56 17.10
N GLY C 178 -5.10 29.83 17.03
CA GLY C 178 -4.35 30.90 17.67
C GLY C 178 -4.54 31.03 19.16
N VAL C 179 -5.43 30.25 19.74
CA VAL C 179 -5.60 30.25 21.20
C VAL C 179 -4.32 29.74 21.85
N PRO C 180 -3.81 30.38 22.90
CA PRO C 180 -2.59 29.89 23.55
C PRO C 180 -2.78 28.48 24.08
N LYS C 181 -1.72 27.67 23.95
CA LYS C 181 -1.73 26.26 24.36
C LYS C 181 -2.87 25.51 23.68
N ALA C 182 -2.78 25.43 22.36
CA ALA C 182 -3.75 24.72 21.54
C ALA C 182 -3.06 23.63 20.74
N VAL C 183 -3.81 22.59 20.38
CA VAL C 183 -3.30 21.45 19.64
C VAL C 183 -4.18 21.20 18.44
N LEU C 184 -3.64 20.48 17.47
CA LEU C 184 -4.37 20.14 16.26
C LEU C 184 -5.47 19.14 16.58
N PRO C 185 -6.73 19.44 16.28
CA PRO C 185 -7.79 18.45 16.50
C PRO C 185 -7.66 17.28 15.54
N LYS C 186 -8.01 16.09 16.03
CA LYS C 186 -7.97 14.91 15.18
C LYS C 186 -8.94 15.04 14.01
N THR C 187 -10.14 15.53 14.28
CA THR C 187 -11.13 15.81 13.25
C THR C 187 -11.76 17.17 13.53
N TRP C 188 -11.88 17.99 12.50
CA TRP C 188 -12.44 19.31 12.68
C TRP C 188 -13.94 19.23 12.92
N PRO C 189 -14.48 20.11 13.76
CA PRO C 189 -15.92 20.08 14.04
C PRO C 189 -16.74 20.45 12.83
N GLN C 190 -18.04 20.16 12.88
CA GLN C 190 -18.95 20.46 11.75
C GLN C 190 -19.08 21.99 11.60
N ASN C 191 -18.69 22.75 12.62
CA ASN C 191 -18.75 24.20 12.48
C ASN C 191 -17.87 24.68 11.33
N PHE C 192 -16.67 24.11 11.21
CA PHE C 192 -15.71 24.50 10.19
C PHE C 192 -15.83 23.71 8.91
N SER C 193 -16.80 22.80 8.81
CA SER C 193 -16.97 22.03 7.59
C SER C 193 -17.33 22.95 6.43
N SER C 194 -16.71 22.70 5.28
CA SER C 194 -16.95 23.53 4.11
C SER C 194 -18.23 23.12 3.40
N HIS C 195 -18.55 23.85 2.33
CA HIS C 195 -19.78 23.52 1.55
C HIS C 195 -19.50 23.61 0.04
N PHE C 196 -18.36 24.19 -0.35
CA PHE C 196 -18.02 24.24 -1.77
C PHE C 196 -16.67 23.59 -1.98
N ASN C 197 -16.60 22.66 -2.93
CA ASN C 197 -15.36 21.99 -3.28
C ASN C 197 -15.28 21.86 -4.79
N ARG C 198 -14.15 21.34 -5.28
CA ARG C 198 -13.91 21.26 -6.74
C ARG C 198 -15.07 20.59 -7.48
N PHE C 199 -15.66 19.56 -6.89
CA PHE C 199 -16.68 18.80 -7.61
C PHE C 199 -18.06 19.44 -7.54
N GLN C 200 -18.33 20.23 -6.51
CA GLN C 200 -19.56 21.01 -6.40
C GLN C 200 -19.19 22.45 -6.08
N PRO C 201 -18.63 23.17 -7.04
CA PRO C 201 -18.21 24.55 -6.78
C PRO C 201 -19.40 25.47 -6.59
N PHE C 202 -19.15 26.58 -5.91
CA PHE C 202 -20.16 27.62 -5.79
C PHE C 202 -20.47 28.18 -7.16
N HIS C 203 -21.70 27.98 -7.62
CA HIS C 203 -22.14 28.51 -8.90
C HIS C 203 -22.92 29.80 -8.69
N GLY C 204 -22.80 30.70 -9.64
CA GLY C 204 -23.47 31.98 -9.50
C GLY C 204 -23.41 32.77 -10.78
N LEU C 205 -24.01 33.96 -10.73
CA LEU C 205 -24.04 34.90 -11.85
C LEU C 205 -23.24 36.13 -11.45
N PHE C 206 -21.93 36.08 -11.74
CA PHE C 206 -21.05 37.20 -11.43
C PHE C 206 -21.23 38.26 -12.52
N ASP C 207 -21.87 39.37 -12.15
CA ASP C 207 -22.10 40.49 -13.07
C ASP C 207 -22.77 40.02 -14.36
N GLY C 208 -23.76 39.14 -14.22
CA GLY C 208 -24.45 38.62 -15.39
C GLY C 208 -23.67 37.62 -16.21
N VAL C 209 -22.67 36.97 -15.61
CA VAL C 209 -21.87 35.98 -16.31
C VAL C 209 -21.83 34.71 -15.47
N PRO C 210 -22.10 33.53 -16.04
CA PRO C 210 -22.02 32.30 -15.25
C PRO C 210 -20.63 32.11 -14.69
N THR C 211 -20.56 31.61 -13.45
CA THR C 211 -19.28 31.50 -12.76
C THR C 211 -19.34 30.34 -11.78
N THR C 212 -18.28 29.53 -11.77
CA THR C 212 -18.10 28.48 -10.76
C THR C 212 -16.79 28.73 -10.06
N ALA C 213 -16.84 28.94 -8.75
CA ALA C 213 -15.66 29.27 -7.98
C ALA C 213 -15.61 28.44 -6.70
N TYR C 214 -14.40 28.21 -6.21
CA TYR C 214 -14.22 27.53 -4.93
C TYR C 214 -12.83 27.83 -4.38
N PHE C 215 -12.61 27.39 -3.15
CA PHE C 215 -11.39 27.66 -2.41
C PHE C 215 -10.64 26.35 -2.13
N SER C 216 -9.45 26.50 -1.58
CA SER C 216 -8.61 25.37 -1.20
C SER C 216 -8.00 25.67 0.17
N ALA C 217 -7.06 24.82 0.58
CA ALA C 217 -6.39 24.99 1.86
C ALA C 217 -5.14 24.13 1.88
N SER C 218 -4.27 24.41 2.85
CA SER C 218 -3.06 23.63 3.08
C SER C 218 -2.53 23.99 4.45
N PRO C 219 -1.88 23.05 5.15
CA PRO C 219 -1.64 21.65 4.81
C PRO C 219 -2.90 20.82 5.02
N PRO C 220 -2.93 19.55 4.62
CA PRO C 220 -4.12 18.72 4.87
C PRO C 220 -4.45 18.59 6.35
N ALA C 221 -3.48 18.77 7.25
CA ALA C 221 -3.78 18.74 8.67
C ALA C 221 -4.71 19.88 9.06
N LEU C 222 -4.52 21.05 8.46
CA LEU C 222 -5.35 22.22 8.74
C LEU C 222 -6.55 22.34 7.82
N CYS C 223 -6.77 21.35 6.95
CA CYS C 223 -7.90 21.39 6.03
C CYS C 223 -9.09 20.67 6.65
N PRO C 224 -10.21 21.36 6.90
CA PRO C 224 -11.36 20.69 7.51
C PRO C 224 -12.10 19.79 6.53
N GLN C 225 -13.19 19.19 6.97
CA GLN C 225 -13.94 18.27 6.13
C GLN C 225 -14.64 19.03 5.01
N GLY C 226 -14.63 18.44 3.81
CA GLY C 226 -15.31 19.03 2.68
C GLY C 226 -14.52 20.08 1.92
N ARG C 227 -13.27 20.32 2.28
CA ARG C 227 -12.42 21.30 1.64
C ARG C 227 -11.35 20.60 0.82
N THR C 228 -11.09 21.12 -0.38
CA THR C 228 -10.08 20.52 -1.25
C THR C 228 -8.70 21.02 -0.88
N ARG C 229 -7.74 20.10 -0.81
CA ARG C 229 -6.36 20.49 -0.60
C ARG C 229 -5.86 21.31 -1.78
N ASP C 230 -4.97 22.26 -1.50
CA ASP C 230 -4.46 23.12 -2.55
C ASP C 230 -3.71 22.32 -3.61
N LEU C 231 -2.95 21.32 -3.18
CA LEU C 231 -2.25 20.47 -4.14
C LEU C 231 -3.23 19.73 -5.04
N GLU C 232 -4.33 19.23 -4.47
CA GLU C 232 -5.34 18.56 -5.28
C GLU C 232 -5.96 19.50 -6.29
N ALA C 233 -6.25 20.73 -5.87
CA ALA C 233 -6.83 21.71 -6.80
C ALA C 233 -5.86 22.04 -7.92
N LEU C 234 -4.58 22.21 -7.60
CA LEU C 234 -3.58 22.48 -8.63
C LEU C 234 -3.48 21.33 -9.61
N LEU C 235 -3.46 20.10 -9.10
CA LEU C 235 -3.38 18.94 -9.98
C LEU C 235 -4.61 18.84 -10.87
N ALA C 236 -5.80 19.13 -10.32
CA ALA C 236 -7.01 19.09 -11.12
C ALA C 236 -6.98 20.14 -12.22
N VAL C 237 -6.53 21.36 -11.89
CA VAL C 237 -6.48 22.42 -12.89
C VAL C 237 -5.47 22.08 -13.98
N MET C 238 -4.34 21.50 -13.59
CA MET C 238 -3.35 21.09 -14.59
C MET C 238 -3.90 19.99 -15.50
N GLY C 239 -4.51 18.97 -14.91
CA GLY C 239 -4.98 17.83 -15.71
C GLY C 239 -6.12 18.21 -16.63
N SER C 240 -7.10 18.96 -16.12
CA SER C 240 -8.27 19.30 -16.93
C SER C 240 -7.95 20.22 -18.09
N ALA C 241 -6.78 20.85 -18.10
CA ALA C 241 -6.40 21.73 -19.18
C ALA C 241 -6.16 20.93 -20.46
N GLN C 242 -6.51 21.53 -21.60
CA GLN C 242 -6.32 20.89 -22.89
C GLN C 242 -5.72 21.80 -23.95
N GLU C 243 -5.55 23.10 -23.68
CA GLU C 243 -4.99 24.02 -24.66
C GLU C 243 -3.68 24.63 -24.22
N PHE C 244 -3.62 25.18 -23.01
CA PHE C 244 -2.37 25.78 -22.52
C PHE C 244 -2.40 25.79 -21.00
N ILE C 245 -1.21 25.97 -20.42
CA ILE C 245 -1.04 26.13 -18.98
C ILE C 245 0.03 27.21 -18.78
N TYR C 246 -0.40 28.41 -18.40
CA TYR C 246 0.51 29.53 -18.16
C TYR C 246 0.58 29.74 -16.65
N ALA C 247 1.74 29.44 -16.06
CA ALA C 247 1.90 29.52 -14.62
C ALA C 247 3.02 30.50 -14.29
N SER C 248 2.85 31.22 -13.18
CA SER C 248 3.84 32.19 -12.73
C SER C 248 3.97 32.10 -11.22
N VAL C 249 5.18 31.77 -10.75
CA VAL C 249 5.47 31.67 -9.33
C VAL C 249 6.78 32.38 -9.05
N MET C 250 6.97 32.76 -7.79
CA MET C 250 8.23 33.37 -7.40
C MET C 250 9.34 32.34 -7.30
N GLU C 251 9.04 31.17 -6.76
CA GLU C 251 10.02 30.10 -6.59
C GLU C 251 9.41 28.78 -7.05
N TYR C 252 10.24 27.94 -7.68
CA TYR C 252 9.82 26.62 -8.13
C TYR C 252 10.86 25.61 -7.66
N PHE C 253 10.45 24.71 -6.79
CA PHE C 253 11.35 23.70 -6.27
C PHE C 253 10.66 22.34 -6.23
N PRO C 254 11.15 21.37 -6.97
CA PRO C 254 10.56 20.03 -6.91
C PRO C 254 11.09 19.23 -5.72
N THR C 255 11.70 19.93 -4.77
CA THR C 255 12.29 19.32 -3.59
C THR C 255 11.73 19.95 -2.33
N THR C 256 11.86 19.23 -1.22
CA THR C 256 11.56 19.81 0.08
C THR C 256 12.47 20.99 0.34
N ARG C 257 11.89 22.10 0.79
CA ARG C 257 12.66 23.34 0.88
C ARG C 257 13.57 23.36 2.11
N PHE C 258 12.98 23.29 3.30
CA PHE C 258 13.75 23.43 4.54
C PHE C 258 13.68 22.19 5.43
N SER C 259 13.06 21.11 4.97
CA SER C 259 13.04 19.90 5.76
C SER C 259 14.42 19.24 5.76
N HIS C 260 14.66 18.40 6.76
CA HIS C 260 15.92 17.68 6.90
C HIS C 260 15.59 16.22 7.19
N PRO C 261 16.08 15.26 6.39
CA PRO C 261 16.93 15.42 5.20
C PRO C 261 16.15 15.86 3.97
N PRO C 262 16.80 16.48 2.99
CA PRO C 262 16.09 16.89 1.78
C PRO C 262 15.58 15.68 1.02
N ARG C 263 14.45 15.88 0.34
CA ARG C 263 13.81 14.84 -0.44
C ARG C 263 13.39 15.40 -1.80
N TYR C 264 13.06 14.49 -2.71
CA TYR C 264 12.58 14.86 -4.03
C TYR C 264 11.07 14.73 -4.07
N TRP C 265 10.40 15.79 -4.47
CA TRP C 265 8.93 15.86 -4.47
C TRP C 265 8.49 16.25 -5.88
N PRO C 266 8.37 15.29 -6.78
CA PRO C 266 8.15 15.62 -8.19
C PRO C 266 6.70 15.74 -8.60
N VAL C 267 5.78 15.86 -7.63
CA VAL C 267 4.36 15.80 -7.96
C VAL C 267 3.98 16.87 -8.98
N LEU C 268 4.35 18.12 -8.70
CA LEU C 268 4.07 19.19 -9.63
C LEU C 268 4.85 19.03 -10.93
N ASP C 269 6.12 18.64 -10.82
CA ASP C 269 6.93 18.42 -12.01
C ASP C 269 6.37 17.29 -12.86
N ASN C 270 5.99 16.19 -12.22
CA ASN C 270 5.42 15.06 -12.95
C ASN C 270 4.11 15.45 -13.62
N ALA C 271 3.26 16.20 -12.92
CA ALA C 271 2.01 16.63 -13.51
C ALA C 271 2.25 17.54 -14.71
N LEU C 272 3.18 18.48 -14.60
CA LEU C 272 3.48 19.37 -15.70
C LEU C 272 4.01 18.61 -16.91
N ARG C 273 4.94 17.68 -16.68
CA ARG C 273 5.50 16.91 -17.78
C ARG C 273 4.43 16.03 -18.43
N ALA C 274 3.58 15.40 -17.63
CA ALA C 274 2.53 14.55 -18.18
C ALA C 274 1.54 15.36 -19.00
N ALA C 275 1.16 16.54 -18.51
CA ALA C 275 0.27 17.40 -19.28
C ALA C 275 0.91 17.83 -20.59
N ALA C 276 2.20 18.17 -20.54
CA ALA C 276 2.89 18.62 -21.74
C ALA C 276 3.00 17.51 -22.77
N PHE C 277 3.27 16.28 -22.32
CA PHE C 277 3.55 15.19 -23.25
C PHE C 277 2.28 14.46 -23.70
N GLY C 278 1.52 13.91 -22.75
CA GLY C 278 0.39 13.08 -23.11
C GLY C 278 -0.69 13.84 -23.86
N LYS C 279 -1.05 15.02 -23.35
CA LYS C 279 -2.11 15.81 -23.98
C LYS C 279 -1.57 16.79 -25.02
N GLY C 280 -0.26 16.98 -25.09
CA GLY C 280 0.31 17.89 -26.06
C GLY C 280 -0.13 19.33 -25.89
N VAL C 281 -0.18 19.81 -24.65
CA VAL C 281 -0.62 21.18 -24.35
C VAL C 281 0.62 22.05 -24.20
N ARG C 282 0.51 23.30 -24.66
CA ARG C 282 1.62 24.24 -24.54
C ARG C 282 1.79 24.64 -23.08
N VAL C 283 3.01 24.54 -22.58
CA VAL C 283 3.32 24.84 -21.19
C VAL C 283 4.34 25.97 -21.16
N ARG C 284 3.99 27.04 -20.44
CA ARG C 284 4.89 28.18 -20.24
C ARG C 284 5.00 28.44 -18.75
N LEU C 285 6.23 28.58 -18.27
CA LEU C 285 6.50 28.87 -16.87
C LEU C 285 7.29 30.16 -16.76
N LEU C 286 6.92 31.00 -15.81
CA LEU C 286 7.59 32.27 -15.55
C LEU C 286 7.97 32.31 -14.09
N VAL C 287 9.26 32.38 -13.79
CA VAL C 287 9.76 32.31 -12.43
C VAL C 287 10.42 33.64 -12.07
N GLY C 288 10.03 34.19 -10.92
CA GLY C 288 10.66 35.42 -10.47
C GLY C 288 12.14 35.23 -10.15
N CYS C 289 12.90 36.29 -10.35
CA CYS C 289 14.36 36.23 -10.19
C CYS C 289 14.81 37.53 -9.51
N GLY C 290 15.23 37.42 -8.25
CA GLY C 290 15.70 38.57 -7.51
C GLY C 290 17.04 38.30 -6.86
N LEU C 291 17.52 39.29 -6.11
CA LEU C 291 18.81 39.17 -5.44
C LEU C 291 18.83 38.07 -4.39
N ASN C 292 17.67 37.67 -3.88
CA ASN C 292 17.59 36.67 -2.83
C ASN C 292 17.19 35.29 -3.35
N THR C 293 17.06 35.13 -4.66
CA THR C 293 16.69 33.83 -5.21
C THR C 293 17.83 32.83 -5.04
N ASP C 294 17.47 31.59 -4.74
CA ASP C 294 18.46 30.54 -4.59
C ASP C 294 18.96 30.10 -5.96
N PRO C 295 20.26 30.19 -6.24
CA PRO C 295 20.77 29.77 -7.56
C PRO C 295 20.50 28.31 -7.88
N THR C 296 20.47 27.44 -6.87
CA THR C 296 20.28 26.01 -7.11
C THR C 296 18.96 25.68 -7.75
N MET C 297 18.00 26.62 -7.74
CA MET C 297 16.74 26.39 -8.44
C MET C 297 16.93 26.28 -9.94
N PHE C 298 17.98 26.91 -10.48
CA PHE C 298 18.11 27.01 -11.93
C PHE C 298 18.30 25.67 -12.64
N PRO C 299 19.13 24.73 -12.16
CA PRO C 299 19.22 23.44 -12.86
C PRO C 299 17.88 22.76 -13.10
N TYR C 300 17.04 22.65 -12.07
CA TYR C 300 15.75 21.99 -12.24
C TYR C 300 14.95 22.64 -13.36
N LEU C 301 14.85 23.97 -13.34
CA LEU C 301 14.16 24.69 -14.42
C LEU C 301 14.73 24.30 -15.78
N ARG C 302 16.06 24.25 -15.88
CA ARG C 302 16.68 23.90 -17.15
C ARG C 302 16.22 22.53 -17.62
N SER C 303 16.05 21.59 -16.68
CA SER C 303 15.52 20.28 -17.06
C SER C 303 14.17 20.43 -17.75
N LEU C 304 13.27 21.20 -17.14
CA LEU C 304 11.97 21.41 -17.76
C LEU C 304 12.10 22.11 -19.10
N GLN C 305 13.16 22.90 -19.29
CA GLN C 305 13.36 23.53 -20.59
C GLN C 305 13.85 22.53 -21.62
N ALA C 306 14.60 21.52 -21.19
CA ALA C 306 15.18 20.58 -22.15
C ALA C 306 14.15 19.67 -22.78
N LEU C 307 12.96 19.54 -22.18
CA LEU C 307 11.91 18.69 -22.74
C LEU C 307 11.31 19.27 -24.01
N SER C 308 11.61 20.51 -24.35
CA SER C 308 11.00 21.14 -25.53
C SER C 308 11.38 20.42 -26.81
N ASN C 309 10.41 19.74 -27.41
CA ASN C 309 10.60 19.04 -28.69
C ASN C 309 9.44 19.40 -29.59
N PRO C 310 9.54 20.51 -30.33
CA PRO C 310 8.42 20.94 -31.18
C PRO C 310 8.02 19.93 -32.22
N ALA C 311 8.97 19.13 -32.72
CA ALA C 311 8.63 18.11 -33.72
C ALA C 311 7.71 17.04 -33.14
N ALA C 312 7.94 16.64 -31.90
CA ALA C 312 7.19 15.56 -31.27
C ALA C 312 6.02 16.05 -30.43
N ASN C 313 5.51 17.26 -30.72
CA ASN C 313 4.34 17.81 -30.03
C ASN C 313 4.56 17.89 -28.51
N VAL C 314 5.77 18.24 -28.10
CA VAL C 314 6.10 18.46 -26.69
C VAL C 314 6.79 19.82 -26.63
N SER C 315 6.06 20.83 -26.18
CA SER C 315 6.56 22.20 -26.12
C SER C 315 6.48 22.71 -24.69
N VAL C 316 7.63 22.90 -24.06
CA VAL C 316 7.72 23.47 -22.72
C VAL C 316 8.70 24.63 -22.76
N ASP C 317 8.30 25.77 -22.22
CA ASP C 317 9.15 26.95 -22.17
C ASP C 317 9.23 27.46 -20.75
N VAL C 318 10.41 27.90 -20.34
CA VAL C 318 10.64 28.45 -19.01
C VAL C 318 11.40 29.76 -19.15
N LYS C 319 10.93 30.79 -18.48
CA LYS C 319 11.56 32.10 -18.51
C LYS C 319 11.69 32.63 -17.09
N VAL C 320 12.64 33.55 -16.91
CA VAL C 320 12.89 34.19 -15.62
C VAL C 320 12.55 35.67 -15.76
N PHE C 321 11.75 36.17 -14.83
CA PHE C 321 11.33 37.56 -14.79
C PHE C 321 12.15 38.29 -13.73
N ILE C 322 12.95 39.25 -14.17
CA ILE C 322 13.78 40.05 -13.27
C ILE C 322 13.24 41.47 -13.23
N VAL C 323 13.48 42.14 -12.12
CA VAL C 323 13.01 43.51 -11.90
C VAL C 323 14.23 44.40 -11.71
N PRO C 324 14.44 45.42 -12.54
CA PRO C 324 15.58 46.31 -12.34
C PRO C 324 15.52 47.01 -11.00
N VAL C 325 16.68 47.18 -10.37
CA VAL C 325 16.75 47.78 -9.04
C VAL C 325 17.05 49.27 -9.17
N GLY C 326 18.13 49.61 -9.88
CA GLY C 326 18.55 50.98 -10.00
C GLY C 326 18.92 51.60 -8.67
N ASN C 327 18.25 52.70 -8.31
CA ASN C 327 18.50 53.40 -7.06
C ASN C 327 17.60 52.92 -5.92
N HIS C 328 17.15 51.67 -5.97
CA HIS C 328 16.28 51.09 -4.95
C HIS C 328 16.99 50.01 -4.15
N SER C 329 18.28 50.22 -3.89
CA SER C 329 19.07 49.19 -3.21
C SER C 329 18.76 49.13 -1.71
N ASN C 330 18.35 50.24 -1.11
CA ASN C 330 18.20 50.28 0.34
C ASN C 330 16.98 49.51 0.83
N ILE C 331 16.01 49.20 -0.04
CA ILE C 331 14.88 48.38 0.37
C ILE C 331 15.28 46.92 0.34
N PRO C 332 15.24 46.21 1.47
CA PRO C 332 15.56 44.78 1.46
C PRO C 332 14.35 43.93 1.10
N PHE C 333 14.65 42.76 0.53
CA PHE C 333 13.63 41.76 0.17
C PHE C 333 12.55 42.38 -0.73
N SER C 334 13.02 43.14 -1.71
CA SER C 334 12.07 43.81 -2.62
C SER C 334 12.50 43.62 -4.07
N ARG C 335 11.78 44.23 -5.00
CA ARG C 335 12.07 44.17 -6.43
C ARG C 335 12.03 42.73 -6.94
N VAL C 336 10.98 42.01 -6.58
CA VAL C 336 10.77 40.63 -7.00
C VAL C 336 9.38 40.51 -7.59
N ASN C 337 9.22 39.50 -8.47
CA ASN C 337 7.88 39.18 -9.02
C ASN C 337 7.23 38.21 -8.05
N HIS C 338 6.24 38.68 -7.29
CA HIS C 338 5.60 37.89 -6.25
C HIS C 338 4.33 37.20 -6.73
N SER C 339 3.98 37.32 -8.01
CA SER C 339 2.76 36.72 -8.51
C SER C 339 2.85 35.20 -8.46
N LYS C 340 1.79 34.57 -7.95
CA LYS C 340 1.67 33.12 -7.91
C LYS C 340 0.29 32.76 -8.43
N PHE C 341 0.21 32.33 -9.69
CA PHE C 341 -1.08 32.01 -10.28
C PHE C 341 -0.87 31.10 -11.48
N MET C 342 -1.99 30.62 -12.03
CA MET C 342 -2.00 29.75 -13.18
C MET C 342 -3.27 30.00 -13.97
N VAL C 343 -3.16 29.98 -15.30
CA VAL C 343 -4.31 30.16 -16.17
C VAL C 343 -4.27 29.12 -17.27
N THR C 344 -5.40 28.45 -17.48
CA THR C 344 -5.60 27.55 -18.61
C THR C 344 -6.73 28.08 -19.46
N GLU C 345 -7.14 27.30 -20.45
CA GLU C 345 -8.25 27.70 -21.30
C GLU C 345 -9.61 27.47 -20.65
N LYS C 346 -9.65 26.81 -19.49
CA LYS C 346 -10.91 26.44 -18.87
C LYS C 346 -11.05 26.88 -17.42
N ALA C 347 -10.04 27.52 -16.83
CA ALA C 347 -10.10 27.88 -15.43
C ALA C 347 -9.10 28.99 -15.15
N ALA C 348 -8.96 29.35 -13.88
CA ALA C 348 -8.00 30.35 -13.43
C ALA C 348 -7.77 30.15 -11.95
N TYR C 349 -6.53 29.84 -11.57
CA TYR C 349 -6.17 29.59 -10.18
C TYR C 349 -5.29 30.72 -9.68
N ILE C 350 -5.64 31.29 -8.53
CA ILE C 350 -4.85 32.32 -7.87
C ILE C 350 -4.44 31.79 -6.51
N GLY C 351 -3.14 31.74 -6.25
CA GLY C 351 -2.66 31.16 -5.02
C GLY C 351 -1.81 32.10 -4.20
N THR C 352 -1.64 31.77 -2.92
CA THR C 352 -0.83 32.56 -2.01
C THR C 352 0.43 31.82 -1.56
N SER C 353 0.70 30.65 -2.13
CA SER C 353 1.84 29.84 -1.74
C SER C 353 2.68 29.48 -2.95
N ASN C 354 3.98 29.29 -2.72
CA ASN C 354 4.91 28.93 -3.78
C ASN C 354 4.75 27.45 -4.10
N TRP C 355 5.62 26.93 -4.96
CA TRP C 355 5.54 25.55 -5.44
C TRP C 355 6.71 24.76 -4.85
N SER C 356 6.50 24.19 -3.67
CA SER C 356 7.48 23.35 -3.01
C SER C 356 6.74 22.41 -2.08
N GLU C 357 7.44 21.35 -1.64
CA GLU C 357 6.81 20.35 -0.80
C GLU C 357 6.35 20.94 0.54
N ASP C 358 7.17 21.83 1.12
CA ASP C 358 6.83 22.39 2.43
C ASP C 358 5.56 23.22 2.36
N TYR C 359 5.36 23.97 1.28
CA TYR C 359 4.19 24.81 1.16
C TYR C 359 2.90 23.98 1.15
N PHE C 360 2.92 22.85 0.46
CA PHE C 360 1.74 22.00 0.33
C PHE C 360 1.69 20.91 1.39
N SER C 361 2.67 20.84 2.30
CA SER C 361 2.65 19.83 3.35
C SER C 361 2.91 20.36 4.75
N SER C 362 3.53 21.52 4.90
CA SER C 362 3.86 21.98 6.25
C SER C 362 3.35 23.37 6.56
N THR C 363 3.38 24.29 5.59
CA THR C 363 2.96 25.67 5.83
C THR C 363 1.51 25.86 5.43
N ALA C 364 0.92 26.94 5.95
CA ALA C 364 -0.48 27.25 5.71
C ALA C 364 -0.61 28.01 4.39
N GLY C 365 -1.31 27.42 3.44
CA GLY C 365 -1.53 28.05 2.15
C GLY C 365 -2.97 27.86 1.72
N VAL C 366 -3.42 28.77 0.86
CA VAL C 366 -4.80 28.77 0.38
C VAL C 366 -4.82 29.23 -1.07
N GLY C 367 -5.67 28.60 -1.88
CA GLY C 367 -5.82 28.98 -3.27
C GLY C 367 -7.28 29.17 -3.61
N LEU C 368 -7.52 29.86 -4.72
CA LEU C 368 -8.88 30.12 -5.20
C LEU C 368 -8.95 29.78 -6.67
N VAL C 369 -9.96 28.99 -7.05
CA VAL C 369 -10.15 28.56 -8.43
C VAL C 369 -11.45 29.15 -8.95
N VAL C 370 -11.39 29.82 -10.10
CA VAL C 370 -12.53 30.48 -10.70
C VAL C 370 -12.61 30.08 -12.17
N THR C 371 -13.82 29.73 -12.62
CA THR C 371 -14.08 29.44 -14.02
C THR C 371 -15.29 30.26 -14.46
N GLN C 372 -15.15 30.99 -15.56
CA GLN C 372 -16.20 31.85 -16.07
C GLN C 372 -16.56 31.41 -17.48
N SER C 373 -17.77 30.85 -17.63
CA SER C 373 -18.25 30.50 -18.95
C SER C 373 -18.68 31.75 -19.71
N PRO C 374 -18.57 31.74 -21.04
CA PRO C 374 -19.03 32.89 -21.82
C PRO C 374 -20.54 33.08 -21.68
N GLY C 375 -20.93 34.23 -21.18
CA GLY C 375 -22.34 34.51 -20.98
C GLY C 375 -23.07 34.78 -22.29
N ALA C 376 -24.40 34.83 -22.19
CA ALA C 376 -25.22 35.12 -23.36
C ALA C 376 -24.94 36.51 -23.91
N GLN C 377 -24.87 37.50 -23.03
CA GLN C 377 -24.52 38.84 -23.46
C GLN C 377 -23.03 38.92 -23.79
N PRO C 378 -22.64 39.77 -24.74
CA PRO C 378 -21.21 39.92 -25.04
C PRO C 378 -20.39 40.32 -23.83
N ALA C 379 -20.92 41.22 -22.99
CA ALA C 379 -20.28 41.68 -21.74
C ALA C 379 -18.86 42.11 -22.07
N GLY C 380 -17.86 41.69 -21.29
CA GLY C 380 -16.48 41.98 -21.61
C GLY C 380 -15.69 40.72 -21.89
N ALA C 381 -14.81 40.34 -20.96
CA ALA C 381 -14.03 39.13 -21.09
C ALA C 381 -14.05 38.38 -19.76
N THR C 382 -13.89 37.06 -19.84
CA THR C 382 -13.88 36.24 -18.64
C THR C 382 -12.61 36.52 -17.84
N VAL C 383 -12.60 36.05 -16.59
CA VAL C 383 -11.43 36.20 -15.76
C VAL C 383 -10.26 35.43 -16.35
N GLN C 384 -10.54 34.30 -17.00
CA GLN C 384 -9.49 33.52 -17.66
C GLN C 384 -8.81 34.35 -18.75
N GLU C 385 -9.60 35.07 -19.55
CA GLU C 385 -9.03 35.89 -20.61
C GLU C 385 -8.16 37.01 -20.05
N GLN C 386 -8.62 37.66 -18.97
CA GLN C 386 -7.82 38.72 -18.37
C GLN C 386 -6.52 38.18 -17.80
N LEU C 387 -6.58 37.03 -17.14
CA LEU C 387 -5.36 36.42 -16.60
C LEU C 387 -4.40 36.04 -17.72
N ARG C 388 -4.92 35.48 -18.82
CA ARG C 388 -4.07 35.15 -19.96
C ARG C 388 -3.45 36.40 -20.56
N GLN C 389 -4.21 37.49 -20.65
CA GLN C 389 -3.67 38.73 -21.20
C GLN C 389 -2.55 39.27 -20.32
N LEU C 390 -2.75 39.25 -19.01
CA LEU C 390 -1.69 39.70 -18.10
C LEU C 390 -0.46 38.82 -18.22
N PHE C 391 -0.66 37.50 -18.30
CA PHE C 391 0.48 36.59 -18.43
C PHE C 391 1.23 36.85 -19.72
N GLU C 392 0.52 37.06 -20.83
CA GLU C 392 1.16 37.34 -22.09
C GLU C 392 1.92 38.66 -22.05
N ARG C 393 1.34 39.68 -21.42
CA ARG C 393 2.03 40.96 -21.30
C ARG C 393 3.33 40.80 -20.51
N ASP C 394 3.29 40.04 -19.42
CA ASP C 394 4.52 39.80 -18.66
C ASP C 394 5.52 38.98 -19.47
N TRP C 395 5.04 37.98 -20.21
CA TRP C 395 5.93 37.10 -20.96
C TRP C 395 6.64 37.83 -22.08
N SER C 396 5.94 38.71 -22.79
CA SER C 396 6.55 39.45 -23.89
C SER C 396 7.31 40.68 -23.41
N SER C 397 7.31 40.97 -22.12
CA SER C 397 7.99 42.14 -21.60
C SER C 397 9.51 41.95 -21.68
N ARG C 398 10.23 43.07 -21.69
CA ARG C 398 11.68 43.05 -21.74
C ARG C 398 12.31 42.54 -20.45
N TYR C 399 11.53 42.42 -19.38
CA TYR C 399 12.04 41.96 -18.10
C TYR C 399 12.03 40.44 -17.96
N ALA C 400 11.52 39.72 -18.94
CA ALA C 400 11.50 38.26 -18.94
C ALA C 400 12.49 37.76 -19.97
N VAL C 401 13.44 36.93 -19.52
CA VAL C 401 14.49 36.43 -20.38
C VAL C 401 14.55 34.91 -20.29
N GLY C 402 15.13 34.30 -21.31
CA GLY C 402 15.27 32.86 -21.35
C GLY C 402 16.26 32.35 -20.32
N LEU C 403 16.22 31.04 -20.10
CA LEU C 403 17.09 30.44 -19.08
C LEU C 403 18.56 30.58 -19.45
N ASP C 404 18.88 30.59 -20.73
CA ASP C 404 20.26 30.73 -21.17
C ASP C 404 20.67 32.18 -21.40
N GLY C 405 19.73 33.11 -21.33
CA GLY C 405 20.05 34.51 -21.58
C GLY C 405 20.55 35.25 -20.36
N GLN C 406 21.77 34.94 -19.93
CA GLN C 406 22.38 35.57 -18.76
C GLN C 406 23.19 36.76 -19.24
N ALA C 407 22.56 37.92 -19.30
CA ALA C 407 23.26 39.13 -19.71
C ALA C 407 24.17 39.63 -18.59
N PRO C 408 25.34 40.16 -18.91
CA PRO C 408 26.22 40.70 -17.86
C PRO C 408 25.61 41.87 -17.11
N GLY C 409 24.76 42.67 -17.75
CA GLY C 409 24.20 43.83 -17.11
C GLY C 409 22.88 43.56 -16.42
N GLN C 410 22.56 42.29 -16.24
CA GLN C 410 21.30 41.90 -15.58
C GLN C 410 21.45 42.08 -14.07
N ASP C 411 20.46 41.60 -13.32
CA ASP C 411 20.42 41.90 -11.89
C ASP C 411 20.28 40.66 -11.03
N CYS C 412 19.68 39.60 -11.56
CA CYS C 412 19.40 38.43 -10.74
C CYS C 412 20.69 37.70 -10.37
N VAL C 413 20.54 36.71 -9.49
CA VAL C 413 21.69 35.95 -9.01
C VAL C 413 22.30 35.13 -10.13
N TRP C 414 21.49 34.49 -10.95
CA TRP C 414 21.94 33.60 -12.03
C TRP C 414 22.77 32.48 -11.39
N GLN C 415 23.89 32.10 -11.99
CA GLN C 415 24.74 31.07 -11.41
C GLN C 415 25.47 31.62 -10.19
N GLY C 416 25.17 31.05 -9.02
CA GLY C 416 25.79 31.50 -7.78
C GLY C 416 26.45 30.38 -7.01
N SER D 3 28.59 -24.65 -4.34
CA SER D 3 29.55 -24.85 -5.42
C SER D 3 29.16 -24.03 -6.65
N CYS D 4 28.25 -23.08 -6.46
CA CYS D 4 27.81 -22.23 -7.56
C CYS D 4 28.97 -21.38 -8.06
N GLN D 5 29.03 -21.19 -9.38
CA GLN D 5 30.03 -20.33 -10.00
C GLN D 5 29.33 -19.28 -10.85
N LEU D 6 29.88 -18.07 -10.86
CA LEU D 6 29.31 -16.97 -11.65
C LEU D 6 30.39 -16.41 -12.57
N VAL D 7 30.04 -16.25 -13.84
CA VAL D 7 30.97 -15.74 -14.84
C VAL D 7 30.27 -14.66 -15.65
N LEU D 8 30.84 -13.46 -15.67
CA LEU D 8 30.36 -12.42 -16.57
C LEU D 8 30.80 -12.74 -17.99
N VAL D 9 29.85 -12.68 -18.92
CA VAL D 9 30.12 -13.00 -20.32
C VAL D 9 29.71 -11.79 -21.16
N GLU D 10 30.41 -11.60 -22.26
CA GLU D 10 30.15 -10.45 -23.12
C GLU D 10 30.63 -10.74 -24.52
N SER D 11 30.15 -9.94 -25.47
CA SER D 11 30.45 -10.11 -26.88
C SER D 11 30.83 -8.76 -27.47
N ILE D 12 32.08 -8.63 -27.89
CA ILE D 12 32.58 -7.46 -28.61
C ILE D 12 32.43 -7.69 -30.11
N PRO D 13 31.76 -6.81 -30.83
CA PRO D 13 31.60 -7.02 -32.28
C PRO D 13 32.91 -6.82 -33.03
N GLN D 14 32.88 -6.99 -34.35
CA GLN D 14 34.08 -6.84 -35.15
C GLN D 14 34.47 -5.37 -35.28
N ASP D 15 35.76 -5.15 -35.51
CA ASP D 15 36.31 -3.82 -35.76
C ASP D 15 36.00 -2.86 -34.62
N LEU D 16 36.04 -3.35 -33.39
CA LEU D 16 35.85 -2.52 -32.20
C LEU D 16 37.00 -2.80 -31.23
N PRO D 17 38.17 -2.24 -31.50
CA PRO D 17 39.28 -2.39 -30.55
C PRO D 17 39.05 -1.55 -29.31
N SER D 18 39.65 -2.00 -28.21
CA SER D 18 39.58 -1.30 -26.94
C SER D 18 40.94 -0.74 -26.57
N ALA D 19 40.94 0.14 -25.57
CA ALA D 19 42.18 0.72 -25.09
C ALA D 19 43.05 -0.34 -24.45
N ALA D 20 44.37 -0.12 -24.51
CA ALA D 20 45.31 -1.08 -23.96
C ALA D 20 45.10 -1.23 -22.46
N GLY D 21 45.10 -2.48 -22.00
CA GLY D 21 44.92 -2.78 -20.60
C GLY D 21 43.49 -2.73 -20.12
N SER D 22 42.52 -2.53 -21.01
CA SER D 22 41.13 -2.46 -20.61
C SER D 22 40.64 -3.83 -20.13
N PRO D 23 39.74 -3.86 -19.16
CA PRO D 23 39.22 -5.15 -18.68
C PRO D 23 38.38 -5.85 -19.75
N SER D 24 38.34 -7.17 -19.65
CA SER D 24 37.58 -7.98 -20.58
C SER D 24 37.00 -9.18 -19.85
N ALA D 25 35.96 -9.77 -20.43
CA ALA D 25 35.29 -10.93 -19.88
C ALA D 25 35.34 -12.09 -20.88
N GLN D 26 34.70 -13.19 -20.53
CA GLN D 26 34.69 -14.35 -21.40
C GLN D 26 33.88 -14.07 -22.66
N PRO D 27 34.32 -14.55 -23.82
CA PRO D 27 33.53 -14.36 -25.04
C PRO D 27 32.20 -15.10 -24.96
N LEU D 28 31.19 -14.54 -25.64
CA LEU D 28 29.86 -15.11 -25.60
C LEU D 28 29.80 -16.44 -26.36
N GLY D 29 30.42 -16.51 -27.53
CA GLY D 29 30.36 -17.72 -28.32
C GLY D 29 31.00 -18.90 -27.63
N GLN D 30 32.19 -18.70 -27.06
CA GLN D 30 32.88 -19.78 -26.35
C GLN D 30 32.06 -20.25 -25.16
N ALA D 31 31.49 -19.31 -24.39
CA ALA D 31 30.68 -19.69 -23.24
C ALA D 31 29.45 -20.48 -23.67
N TRP D 32 28.79 -20.05 -24.75
CA TRP D 32 27.61 -20.76 -25.22
C TRP D 32 27.98 -22.17 -25.69
N LEU D 33 29.09 -22.30 -26.42
CA LEU D 33 29.52 -23.62 -26.86
C LEU D 33 29.84 -24.53 -25.68
N GLN D 34 30.54 -24.00 -24.67
CA GLN D 34 30.84 -24.81 -23.50
C GLN D 34 29.59 -25.22 -22.75
N LEU D 35 28.64 -24.30 -22.62
CA LEU D 35 27.39 -24.62 -21.94
C LEU D 35 26.61 -25.69 -22.69
N LEU D 36 26.57 -25.60 -24.02
CA LEU D 36 25.86 -26.61 -24.79
C LEU D 36 26.56 -27.96 -24.71
N ASP D 37 27.89 -27.98 -24.72
CA ASP D 37 28.62 -29.24 -24.63
C ASP D 37 28.43 -29.88 -23.27
N THR D 38 28.43 -29.08 -22.20
CA THR D 38 28.32 -29.63 -20.86
C THR D 38 26.97 -30.32 -20.64
N ALA D 39 25.89 -29.72 -21.14
CA ALA D 39 24.56 -30.24 -20.88
C ALA D 39 24.40 -31.64 -21.45
N GLN D 40 23.73 -32.51 -20.68
CA GLN D 40 23.53 -33.89 -21.09
C GLN D 40 22.14 -34.42 -20.82
N GLU D 41 21.24 -33.63 -20.23
CA GLU D 41 19.89 -34.08 -19.94
C GLU D 41 18.83 -33.31 -20.72
N SER D 42 18.78 -32.00 -20.59
CA SER D 42 17.77 -31.20 -21.28
C SER D 42 18.20 -29.75 -21.30
N VAL D 43 17.71 -29.02 -22.30
CA VAL D 43 17.99 -27.60 -22.47
C VAL D 43 16.68 -26.87 -22.69
N HIS D 44 16.44 -25.83 -21.90
CA HIS D 44 15.25 -24.98 -22.04
C HIS D 44 15.72 -23.58 -22.34
N VAL D 45 15.25 -23.02 -23.45
CA VAL D 45 15.66 -21.69 -23.91
C VAL D 45 14.43 -20.82 -24.07
N ALA D 46 14.50 -19.61 -23.53
CA ALA D 46 13.45 -18.62 -23.69
C ALA D 46 14.03 -17.44 -24.48
N SER D 47 13.55 -17.26 -25.70
CA SER D 47 14.13 -16.30 -26.62
C SER D 47 13.05 -15.48 -27.30
N TYR D 48 13.40 -14.24 -27.65
CA TYR D 48 12.45 -13.38 -28.35
C TYR D 48 12.25 -13.84 -29.79
N TYR D 49 13.34 -14.18 -30.48
CA TYR D 49 13.27 -14.66 -31.84
C TYR D 49 14.46 -15.58 -32.10
N TRP D 50 14.52 -16.13 -33.31
CA TRP D 50 15.55 -17.10 -33.66
C TRP D 50 16.03 -16.81 -35.08
N SER D 51 17.24 -16.26 -35.20
CA SER D 51 17.88 -16.07 -36.51
C SER D 51 19.36 -16.42 -36.34
N LEU D 52 19.68 -17.69 -36.57
CA LEU D 52 21.05 -18.17 -36.37
C LEU D 52 21.80 -18.42 -37.67
N THR D 53 21.18 -18.16 -38.82
CA THR D 53 21.83 -18.34 -40.10
C THR D 53 21.74 -17.05 -40.91
N GLY D 54 22.74 -16.83 -41.75
CA GLY D 54 22.75 -15.71 -42.66
C GLY D 54 21.58 -15.70 -43.62
N PRO D 55 21.30 -16.83 -44.28
CA PRO D 55 20.13 -16.88 -45.16
C PRO D 55 18.80 -16.63 -44.47
N ASP D 56 18.71 -16.83 -43.14
CA ASP D 56 17.48 -16.53 -42.44
C ASP D 56 17.13 -15.05 -42.57
N ILE D 57 18.12 -14.18 -42.34
CA ILE D 57 17.91 -12.75 -42.56
C ILE D 57 17.78 -12.44 -44.04
N GLY D 58 18.66 -13.03 -44.85
CA GLY D 58 18.67 -12.76 -46.27
C GLY D 58 19.98 -12.13 -46.72
N VAL D 59 21.03 -12.31 -45.92
CA VAL D 59 22.34 -11.75 -46.19
C VAL D 59 23.37 -12.86 -46.18
N ASN D 60 24.48 -12.63 -46.88
CA ASN D 60 25.57 -13.59 -46.96
C ASN D 60 26.85 -12.90 -46.54
N ASP D 61 27.46 -13.42 -45.47
CA ASP D 61 28.70 -12.80 -44.92
C ASP D 61 29.48 -13.86 -44.14
N SER D 62 30.79 -13.69 -44.01
CA SER D 62 31.62 -14.64 -43.28
C SER D 62 31.33 -14.61 -41.79
N SER D 63 31.02 -13.43 -41.25
CA SER D 63 30.85 -13.28 -39.81
C SER D 63 29.67 -14.11 -39.28
N SER D 64 28.76 -14.54 -40.15
CA SER D 64 27.67 -15.38 -39.71
C SER D 64 28.14 -16.76 -39.28
N GLN D 65 29.33 -17.17 -39.70
CA GLN D 65 29.77 -18.57 -39.53
C GLN D 65 29.60 -19.03 -38.08
N LEU D 66 30.03 -18.20 -37.12
CA LEU D 66 29.93 -18.58 -35.72
C LEU D 66 28.52 -19.00 -35.37
N GLY D 67 27.54 -18.15 -35.70
CA GLY D 67 26.16 -18.51 -35.43
C GLY D 67 25.78 -19.82 -36.07
N GLU D 68 26.16 -20.01 -37.34
CA GLU D 68 25.89 -21.27 -38.02
C GLU D 68 26.43 -22.43 -37.22
N ALA D 69 27.68 -22.32 -36.75
CA ALA D 69 28.27 -23.38 -35.96
C ALA D 69 27.39 -23.70 -34.76
N LEU D 70 26.93 -22.66 -34.06
CA LEU D 70 26.05 -22.87 -32.93
C LEU D 70 24.83 -23.69 -33.33
N LEU D 71 24.20 -23.32 -34.44
CA LEU D 71 23.05 -24.08 -34.93
C LEU D 71 23.43 -25.55 -35.13
N GLN D 72 24.57 -25.80 -35.78
CA GLN D 72 25.02 -27.17 -35.96
C GLN D 72 25.15 -27.86 -34.62
N LYS D 73 25.76 -27.18 -33.64
CA LYS D 73 25.90 -27.78 -32.32
C LYS D 73 24.53 -28.16 -31.77
N LEU D 74 23.53 -27.29 -31.94
CA LEU D 74 22.19 -27.60 -31.48
C LEU D 74 21.68 -28.87 -32.14
N GLN D 75 21.88 -28.99 -33.45
CA GLN D 75 21.48 -30.23 -34.13
C GLN D 75 22.28 -31.40 -33.60
N GLN D 76 23.57 -31.18 -33.31
CA GLN D 76 24.36 -32.23 -32.68
C GLN D 76 23.78 -32.61 -31.34
N LEU D 77 23.24 -31.64 -30.60
CA LEU D 77 22.56 -31.95 -29.35
C LEU D 77 21.34 -32.82 -29.61
N LEU D 78 20.64 -32.58 -30.72
CA LEU D 78 19.52 -33.45 -31.08
C LEU D 78 20.00 -34.84 -31.50
N GLY D 79 21.29 -34.99 -31.83
CA GLY D 79 21.81 -36.31 -32.15
C GLY D 79 22.06 -37.20 -30.96
N ARG D 80 22.05 -36.64 -29.75
CA ARG D 80 22.25 -37.39 -28.53
C ARG D 80 20.97 -37.56 -27.73
N ASN D 81 19.81 -37.28 -28.32
CA ASN D 81 18.52 -37.41 -27.67
C ASN D 81 18.46 -36.58 -26.37
N ILE D 82 18.58 -35.26 -26.55
CA ILE D 82 18.49 -34.31 -25.44
C ILE D 82 17.22 -33.49 -25.62
N SER D 83 16.40 -33.44 -24.59
CA SER D 83 15.18 -32.65 -24.65
C SER D 83 15.51 -31.18 -24.85
N LEU D 84 14.75 -30.53 -25.73
CA LEU D 84 15.00 -29.14 -26.08
C LEU D 84 13.65 -28.44 -26.22
N ALA D 85 13.34 -27.54 -25.30
CA ALA D 85 12.08 -26.82 -25.28
C ALA D 85 12.34 -25.34 -25.52
N VAL D 86 11.60 -24.75 -26.46
CA VAL D 86 11.77 -23.36 -26.83
C VAL D 86 10.43 -22.64 -26.65
N ALA D 87 10.48 -21.48 -26.02
CA ALA D 87 9.31 -20.61 -25.88
C ALA D 87 9.62 -19.29 -26.57
N THR D 88 8.82 -18.93 -27.57
CA THR D 88 9.03 -17.72 -28.35
C THR D 88 7.73 -16.95 -28.47
N SER D 89 7.86 -15.62 -28.57
CA SER D 89 6.68 -14.78 -28.72
C SER D 89 6.01 -15.02 -30.07
N SER D 90 4.68 -15.08 -30.05
CA SER D 90 3.94 -15.22 -31.29
C SER D 90 4.18 -14.06 -32.26
N PRO D 91 4.14 -12.79 -31.83
CA PRO D 91 4.54 -11.73 -32.78
C PRO D 91 6.06 -11.55 -32.80
N THR D 92 6.74 -12.57 -33.32
CA THR D 92 8.20 -12.56 -33.33
C THR D 92 8.71 -11.55 -34.36
N LEU D 93 10.00 -11.23 -34.23
CA LEU D 93 10.62 -10.23 -35.11
C LEU D 93 11.00 -10.81 -36.45
N ALA D 94 11.88 -11.81 -36.45
CA ALA D 94 12.33 -12.43 -37.70
C ALA D 94 11.26 -13.39 -38.19
N ARG D 95 10.62 -13.05 -39.31
CA ARG D 95 9.52 -13.85 -39.83
C ARG D 95 9.98 -14.90 -40.83
N THR D 96 11.03 -14.63 -41.59
CA THR D 96 11.49 -15.54 -42.63
C THR D 96 12.41 -16.63 -42.10
N SER D 97 12.71 -16.63 -40.80
CA SER D 97 13.61 -17.63 -40.24
C SER D 97 12.99 -19.02 -40.29
N THR D 98 13.86 -20.02 -40.45
CA THR D 98 13.42 -21.41 -40.53
C THR D 98 14.14 -22.32 -39.54
N ASP D 99 14.85 -21.72 -38.58
CA ASP D 99 15.62 -22.53 -37.59
C ASP D 99 14.64 -23.37 -36.75
N LEU D 100 13.55 -22.76 -36.29
CA LEU D 100 12.62 -23.44 -35.40
C LEU D 100 11.99 -24.65 -36.09
N GLN D 101 11.63 -24.50 -37.36
CA GLN D 101 11.05 -25.62 -38.09
C GLN D 101 12.05 -26.77 -38.23
N VAL D 102 13.31 -26.45 -38.51
CA VAL D 102 14.32 -27.50 -38.63
C VAL D 102 14.53 -28.22 -37.31
N LEU D 103 14.62 -27.46 -36.21
CA LEU D 103 14.80 -28.07 -34.90
C LEU D 103 13.59 -28.93 -34.52
N ALA D 104 12.38 -28.46 -34.83
CA ALA D 104 11.18 -29.25 -34.56
C ALA D 104 11.18 -30.54 -35.37
N ALA D 105 11.59 -30.46 -36.64
CA ALA D 105 11.70 -31.67 -37.45
C ALA D 105 12.72 -32.64 -36.89
N ARG D 106 13.81 -32.11 -36.34
CA ARG D 106 14.80 -32.97 -35.70
C ARG D 106 14.28 -33.60 -34.42
N GLY D 107 13.31 -32.96 -33.75
CA GLY D 107 12.72 -33.55 -32.57
C GLY D 107 12.68 -32.63 -31.37
N ALA D 108 12.98 -31.35 -31.57
CA ALA D 108 13.00 -30.38 -30.49
C ALA D 108 11.62 -29.74 -30.35
N HIS D 109 11.04 -29.85 -29.15
CA HIS D 109 9.72 -29.28 -28.91
C HIS D 109 9.80 -27.75 -28.92
N VAL D 110 8.89 -27.12 -29.67
CA VAL D 110 8.80 -25.67 -29.74
C VAL D 110 7.35 -25.29 -29.51
N ARG D 111 7.10 -24.45 -28.51
CA ARG D 111 5.75 -24.04 -28.14
C ARG D 111 5.69 -22.52 -28.16
N GLN D 112 5.06 -21.96 -29.19
CA GLN D 112 4.90 -20.51 -29.28
C GLN D 112 3.96 -20.02 -28.19
N VAL D 113 4.32 -18.93 -27.53
CA VAL D 113 3.51 -18.33 -26.48
C VAL D 113 2.97 -17.00 -27.01
N PRO D 114 1.65 -16.80 -27.02
CA PRO D 114 1.06 -15.58 -27.61
C PRO D 114 0.92 -14.41 -26.63
N MET D 115 2.06 -13.78 -26.33
CA MET D 115 2.03 -12.59 -25.48
C MET D 115 1.29 -11.44 -26.13
N GLY D 116 1.20 -11.42 -27.46
CA GLY D 116 0.48 -10.34 -28.14
C GLY D 116 -1.00 -10.35 -27.86
N ARG D 117 -1.61 -11.53 -27.77
CA ARG D 117 -3.03 -11.63 -27.49
C ARG D 117 -3.36 -11.45 -26.01
N LEU D 118 -2.49 -11.93 -25.13
CA LEU D 118 -2.79 -11.92 -23.70
C LEU D 118 -2.55 -10.55 -23.08
N THR D 119 -1.31 -10.07 -23.10
CA THR D 119 -0.94 -8.82 -22.47
C THR D 119 -0.61 -7.72 -23.47
N ARG D 120 -0.89 -7.94 -24.76
CA ARG D 120 -0.60 -6.97 -25.81
C ARG D 120 0.87 -6.56 -25.83
N GLY D 121 1.74 -7.54 -25.58
CA GLY D 121 3.16 -7.30 -25.59
C GLY D 121 3.93 -8.37 -26.33
N VAL D 122 5.20 -8.57 -25.98
CA VAL D 122 6.05 -9.59 -26.60
C VAL D 122 6.84 -10.29 -25.51
N LEU D 123 7.35 -11.47 -25.85
CA LEU D 123 8.18 -12.26 -24.93
C LEU D 123 9.63 -11.86 -25.14
N HIS D 124 10.08 -10.87 -24.37
CA HIS D 124 11.43 -10.33 -24.49
C HIS D 124 12.44 -11.09 -23.65
N SER D 125 12.01 -12.04 -22.83
CA SER D 125 12.94 -12.76 -21.97
C SER D 125 13.89 -13.63 -22.81
N LYS D 126 15.14 -13.70 -22.37
CA LYS D 126 16.16 -14.50 -23.04
C LYS D 126 16.99 -15.18 -21.96
N PHE D 127 16.87 -16.49 -21.81
CA PHE D 127 17.71 -17.21 -20.88
C PHE D 127 17.76 -18.68 -21.24
N TRP D 128 18.77 -19.36 -20.71
CA TRP D 128 19.00 -20.78 -20.88
C TRP D 128 19.05 -21.47 -19.54
N VAL D 129 18.43 -22.64 -19.45
CA VAL D 129 18.55 -23.54 -18.31
C VAL D 129 18.91 -24.91 -18.86
N VAL D 130 20.11 -25.37 -18.57
CA VAL D 130 20.60 -26.64 -19.08
C VAL D 130 20.86 -27.58 -17.90
N ASP D 131 20.37 -28.81 -18.04
CA ASP D 131 20.52 -29.89 -17.07
C ASP D 131 19.94 -29.57 -15.70
N GLY D 132 19.21 -28.45 -15.58
CA GLY D 132 18.72 -28.03 -14.29
C GLY D 132 19.85 -27.70 -13.33
N ARG D 133 21.05 -27.53 -13.88
CA ARG D 133 22.24 -27.26 -13.10
C ARG D 133 22.97 -26.01 -13.52
N HIS D 134 22.99 -25.70 -14.82
CA HIS D 134 23.65 -24.49 -15.30
C HIS D 134 22.61 -23.57 -15.93
N ILE D 135 22.82 -22.27 -15.78
CA ILE D 135 21.95 -21.29 -16.39
C ILE D 135 22.77 -20.23 -17.09
N TYR D 136 22.16 -19.58 -18.06
CA TYR D 136 22.71 -18.40 -18.70
C TYR D 136 21.60 -17.37 -18.79
N MET D 137 21.94 -16.10 -18.60
CA MET D 137 20.94 -15.05 -18.69
C MET D 137 21.60 -13.77 -19.16
N GLY D 138 21.12 -13.24 -20.28
CA GLY D 138 21.66 -12.01 -20.80
C GLY D 138 20.68 -11.34 -21.72
N SER D 139 21.16 -10.30 -22.40
CA SER D 139 20.37 -9.60 -23.39
C SER D 139 20.59 -10.14 -24.80
N ALA D 140 21.37 -11.20 -24.94
CA ALA D 140 21.75 -11.71 -26.25
C ALA D 140 20.62 -12.57 -26.82
N ASN D 141 20.10 -12.15 -27.97
CA ASN D 141 19.13 -12.95 -28.68
C ASN D 141 19.80 -14.16 -29.33
N MET D 142 18.98 -15.10 -29.78
CA MET D 142 19.49 -16.29 -30.46
C MET D 142 19.89 -15.95 -31.89
N ASP D 143 20.85 -15.04 -32.01
CA ASP D 143 21.20 -14.45 -33.29
C ASP D 143 22.71 -14.40 -33.44
N TRP D 144 23.18 -14.62 -34.68
CA TRP D 144 24.61 -14.50 -34.95
C TRP D 144 25.06 -13.05 -34.90
N ARG D 145 24.16 -12.11 -35.15
CA ARG D 145 24.50 -10.69 -35.00
C ARG D 145 24.87 -10.39 -33.55
N SER D 146 24.14 -10.98 -32.60
CA SER D 146 24.46 -10.80 -31.19
C SER D 146 25.76 -11.47 -30.80
N LEU D 147 26.28 -12.37 -31.63
CA LEU D 147 27.55 -13.04 -31.35
C LEU D 147 28.73 -12.39 -32.03
N THR D 148 28.53 -11.70 -33.15
CA THR D 148 29.65 -11.14 -33.91
C THR D 148 29.48 -9.69 -34.32
N GLN D 149 28.27 -9.13 -34.32
CA GLN D 149 28.06 -7.78 -34.81
C GLN D 149 27.41 -6.84 -33.80
N VAL D 150 27.11 -7.30 -32.59
CA VAL D 150 26.47 -6.47 -31.58
C VAL D 150 27.16 -6.67 -30.25
N LYS D 151 27.61 -5.58 -29.64
CA LYS D 151 28.17 -5.66 -28.29
C LYS D 151 27.09 -6.05 -27.30
N GLU D 152 27.36 -7.05 -26.48
CA GLU D 152 26.33 -7.61 -25.62
C GLU D 152 26.94 -8.08 -24.30
N LEU D 153 26.09 -8.22 -23.28
CA LEU D 153 26.54 -8.58 -21.95
C LEU D 153 25.53 -9.53 -21.31
N GLY D 154 26.03 -10.34 -20.39
CA GLY D 154 25.17 -11.27 -19.66
C GLY D 154 25.98 -12.00 -18.61
N ALA D 155 25.32 -12.93 -17.93
CA ALA D 155 25.94 -13.74 -16.89
C ALA D 155 25.67 -15.21 -17.14
N VAL D 156 26.57 -16.06 -16.65
CA VAL D 156 26.42 -17.50 -16.73
C VAL D 156 26.72 -18.09 -15.37
N ILE D 157 25.81 -18.90 -14.85
CA ILE D 157 25.96 -19.54 -13.55
C ILE D 157 26.14 -21.03 -13.76
N TYR D 158 27.20 -21.57 -13.18
CA TYR D 158 27.61 -22.96 -13.35
C TYR D 158 27.39 -23.74 -12.06
N ASN D 159 26.93 -24.98 -12.19
CA ASN D 159 26.86 -25.93 -11.09
C ASN D 159 26.05 -25.38 -9.92
N CYS D 160 24.94 -24.72 -10.22
CA CYS D 160 24.12 -24.10 -9.20
C CYS D 160 22.67 -24.56 -9.37
N SER D 161 22.08 -25.09 -8.30
CA SER D 161 20.84 -25.84 -8.42
C SER D 161 19.60 -24.99 -8.15
N HIS D 162 19.56 -24.28 -7.03
CA HIS D 162 18.33 -23.56 -6.65
C HIS D 162 18.00 -22.44 -7.63
N LEU D 163 19.01 -21.70 -8.07
CA LEU D 163 18.76 -20.66 -9.07
C LEU D 163 18.25 -21.27 -10.37
N ALA D 164 18.82 -22.42 -10.75
CA ALA D 164 18.32 -23.12 -11.93
C ALA D 164 16.86 -23.52 -11.73
N GLN D 165 16.49 -23.95 -10.53
CA GLN D 165 15.11 -24.31 -10.27
C GLN D 165 14.19 -23.10 -10.38
N ASP D 166 14.63 -21.94 -9.89
CA ASP D 166 13.80 -20.74 -10.00
C ASP D 166 13.61 -20.33 -11.46
N LEU D 167 14.70 -20.34 -12.24
CA LEU D 167 14.57 -20.02 -13.65
C LEU D 167 13.71 -21.05 -14.37
N GLU D 168 13.80 -22.32 -13.96
CA GLU D 168 12.94 -23.35 -14.52
C GLU D 168 11.49 -23.08 -14.19
N LYS D 169 11.21 -22.58 -12.99
CA LYS D 169 9.84 -22.21 -12.63
C LYS D 169 9.32 -21.12 -13.55
N THR D 170 10.13 -20.09 -13.79
CA THR D 170 9.69 -19.03 -14.70
C THR D 170 9.46 -19.55 -16.10
N PHE D 171 10.39 -20.38 -16.59
CA PHE D 171 10.22 -20.95 -17.93
C PHE D 171 9.00 -21.85 -18.01
N GLN D 172 8.68 -22.56 -16.92
CA GLN D 172 7.50 -23.40 -16.91
C GLN D 172 6.23 -22.55 -16.92
N THR D 173 6.26 -21.40 -16.26
CA THR D 173 5.15 -20.46 -16.39
C THR D 173 4.97 -20.04 -17.85
N TYR D 174 6.07 -19.70 -18.51
CA TYR D 174 6.00 -19.34 -19.93
C TYR D 174 5.43 -20.50 -20.76
N TRP D 175 5.89 -21.71 -20.50
CA TRP D 175 5.46 -22.87 -21.28
C TRP D 175 3.98 -23.16 -21.07
N VAL D 176 3.52 -23.08 -19.82
CA VAL D 176 2.09 -23.28 -19.53
C VAL D 176 1.26 -22.23 -20.26
N LEU D 177 1.70 -20.98 -20.25
CA LEU D 177 1.02 -19.96 -21.03
C LEU D 177 1.07 -20.28 -22.52
N GLY D 178 2.09 -21.01 -22.97
CA GLY D 178 2.23 -21.32 -24.38
C GLY D 178 1.28 -22.39 -24.88
N VAL D 179 0.53 -23.05 -24.00
CA VAL D 179 -0.43 -24.06 -24.44
C VAL D 179 -1.49 -23.39 -25.31
N PRO D 180 -1.90 -23.99 -26.42
CA PRO D 180 -2.89 -23.35 -27.28
C PRO D 180 -4.20 -23.11 -26.54
N LYS D 181 -4.83 -21.98 -26.86
CA LYS D 181 -6.10 -21.56 -26.23
C LYS D 181 -5.96 -21.51 -24.71
N ALA D 182 -5.09 -20.64 -24.23
CA ALA D 182 -4.82 -20.47 -22.82
C ALA D 182 -5.25 -19.09 -22.35
N VAL D 183 -5.52 -18.99 -21.06
CA VAL D 183 -6.00 -17.76 -20.44
C VAL D 183 -5.21 -17.53 -19.16
N LEU D 184 -4.87 -16.27 -18.89
CA LEU D 184 -4.11 -15.91 -17.70
C LEU D 184 -4.84 -16.40 -16.44
N PRO D 185 -4.22 -17.25 -15.62
CA PRO D 185 -4.85 -17.65 -14.38
C PRO D 185 -4.94 -16.50 -13.39
N LYS D 186 -6.00 -16.51 -12.60
CA LYS D 186 -6.14 -15.49 -11.56
C LYS D 186 -5.05 -15.63 -10.51
N THR D 187 -4.76 -16.85 -10.09
CA THR D 187 -3.67 -17.12 -9.16
C THR D 187 -2.92 -18.35 -9.66
N TRP D 188 -1.59 -18.25 -9.68
CA TRP D 188 -0.78 -19.34 -10.17
C TRP D 188 -0.75 -20.49 -9.17
N PRO D 189 -0.54 -21.72 -9.64
CA PRO D 189 -0.52 -22.88 -8.73
C PRO D 189 0.63 -22.82 -7.73
N GLN D 190 0.69 -23.80 -6.84
CA GLN D 190 1.68 -23.80 -5.77
C GLN D 190 3.10 -23.95 -6.32
N ASN D 191 3.25 -24.74 -7.39
CA ASN D 191 4.61 -25.03 -7.91
C ASN D 191 5.28 -23.77 -8.45
N PHE D 192 4.52 -22.85 -9.06
CA PHE D 192 5.11 -21.70 -9.72
C PHE D 192 5.60 -20.64 -8.74
N SER D 193 5.26 -20.74 -7.46
CA SER D 193 5.70 -19.75 -6.49
C SER D 193 7.22 -19.71 -6.41
N SER D 194 7.77 -18.50 -6.49
CA SER D 194 9.22 -18.35 -6.47
C SER D 194 9.78 -18.55 -5.07
N HIS D 195 11.04 -18.94 -4.97
CA HIS D 195 11.60 -19.23 -3.61
C HIS D 195 12.44 -18.06 -3.11
N PHE D 196 13.14 -17.35 -4.00
CA PHE D 196 14.02 -16.28 -3.55
C PHE D 196 13.52 -14.94 -4.05
N ASN D 197 13.40 -13.98 -3.14
CA ASN D 197 12.95 -12.64 -3.44
C ASN D 197 13.97 -11.65 -2.87
N ARG D 198 13.73 -10.35 -3.12
CA ARG D 198 14.63 -9.33 -2.61
C ARG D 198 14.63 -9.28 -1.09
N PHE D 199 13.55 -9.72 -0.44
CA PHE D 199 13.53 -9.78 1.01
C PHE D 199 14.40 -10.92 1.54
N GLN D 200 14.38 -12.07 0.86
CA GLN D 200 15.16 -13.25 1.28
C GLN D 200 15.93 -13.77 0.06
N PRO D 201 17.04 -13.13 -0.29
CA PRO D 201 17.80 -13.57 -1.45
C PRO D 201 18.51 -14.89 -1.19
N PHE D 202 18.84 -15.57 -2.29
CA PHE D 202 19.52 -16.85 -2.20
C PHE D 202 20.99 -16.65 -1.83
N HIS D 203 21.41 -17.33 -0.76
CA HIS D 203 22.81 -17.20 -0.28
C HIS D 203 23.64 -18.36 -0.81
N GLY D 204 24.90 -18.11 -1.17
CA GLY D 204 25.77 -19.12 -1.72
C GLY D 204 27.22 -18.74 -1.58
N LEU D 205 28.08 -19.72 -1.81
CA LEU D 205 29.53 -19.56 -1.77
C LEU D 205 30.04 -19.68 -3.21
N PHE D 206 30.07 -18.55 -3.90
CA PHE D 206 30.48 -18.52 -5.31
C PHE D 206 31.99 -18.44 -5.36
N ASP D 207 32.63 -19.50 -5.85
CA ASP D 207 34.09 -19.60 -5.95
C ASP D 207 34.78 -19.38 -4.62
N GLY D 208 34.07 -19.51 -3.50
CA GLY D 208 34.63 -19.30 -2.19
C GLY D 208 34.33 -17.96 -1.56
N VAL D 209 33.49 -17.13 -2.19
CA VAL D 209 33.14 -15.84 -1.61
C VAL D 209 31.64 -15.77 -1.41
N PRO D 210 31.13 -15.06 -0.40
CA PRO D 210 29.69 -14.98 -0.20
C PRO D 210 29.00 -14.29 -1.36
N THR D 211 27.77 -14.72 -1.63
CA THR D 211 26.99 -14.13 -2.72
C THR D 211 25.51 -14.27 -2.40
N THR D 212 24.78 -13.15 -2.51
CA THR D 212 23.33 -13.13 -2.36
C THR D 212 22.74 -12.75 -3.71
N ALA D 213 22.03 -13.68 -4.34
CA ALA D 213 21.48 -13.48 -5.66
C ALA D 213 20.00 -13.86 -5.69
N TYR D 214 19.24 -13.15 -6.52
CA TYR D 214 17.84 -13.46 -6.70
C TYR D 214 17.40 -13.00 -8.08
N PHE D 215 16.17 -13.40 -8.45
CA PHE D 215 15.61 -13.14 -9.76
C PHE D 215 14.36 -12.29 -9.64
N SER D 216 13.89 -11.80 -10.79
CA SER D 216 12.70 -10.98 -10.87
C SER D 216 12.08 -11.17 -12.24
N ALA D 217 10.75 -11.02 -12.31
CA ALA D 217 10.02 -11.27 -13.55
C ALA D 217 9.02 -10.15 -13.80
N SER D 218 8.59 -10.06 -15.05
CA SER D 218 7.56 -9.12 -15.47
C SER D 218 6.91 -9.66 -16.72
N PRO D 219 5.68 -9.25 -17.03
CA PRO D 219 4.81 -8.24 -16.40
C PRO D 219 4.21 -8.72 -15.07
N PRO D 220 3.49 -7.86 -14.33
CA PRO D 220 2.92 -8.31 -13.06
C PRO D 220 2.00 -9.52 -13.18
N ALA D 221 1.29 -9.65 -14.31
CA ALA D 221 0.41 -10.81 -14.49
C ALA D 221 1.20 -12.11 -14.48
N LEU D 222 2.43 -12.10 -15.00
CA LEU D 222 3.28 -13.28 -15.05
C LEU D 222 4.17 -13.41 -13.82
N CYS D 223 3.82 -12.75 -12.73
CA CYS D 223 4.61 -12.82 -11.50
C CYS D 223 3.91 -13.72 -10.51
N PRO D 224 4.41 -14.93 -10.25
CA PRO D 224 3.76 -15.79 -9.25
C PRO D 224 3.95 -15.24 -7.85
N GLN D 225 3.38 -15.93 -6.85
CA GLN D 225 3.51 -15.49 -5.47
C GLN D 225 4.97 -15.57 -5.05
N GLY D 226 5.45 -14.52 -4.41
CA GLY D 226 6.80 -14.48 -3.91
C GLY D 226 7.87 -14.07 -4.90
N ARG D 227 7.50 -13.77 -6.14
CA ARG D 227 8.44 -13.35 -7.15
C ARG D 227 8.45 -11.83 -7.24
N THR D 228 9.62 -11.23 -7.05
CA THR D 228 9.72 -9.77 -7.13
C THR D 228 9.53 -9.30 -8.56
N ARG D 229 8.84 -8.18 -8.72
CA ARG D 229 8.73 -7.55 -10.02
C ARG D 229 10.07 -6.94 -10.40
N ASP D 230 10.41 -7.00 -11.69
CA ASP D 230 11.69 -6.45 -12.13
C ASP D 230 11.73 -4.95 -11.91
N LEU D 231 10.59 -4.26 -12.04
CA LEU D 231 10.53 -2.86 -11.67
C LEU D 231 10.80 -2.66 -10.19
N GLU D 232 10.24 -3.53 -9.35
CA GLU D 232 10.50 -3.45 -7.92
C GLU D 232 11.97 -3.71 -7.62
N ALA D 233 12.58 -4.68 -8.30
CA ALA D 233 14.01 -4.94 -8.10
C ALA D 233 14.85 -3.75 -8.52
N LEU D 234 14.50 -3.12 -9.64
CA LEU D 234 15.23 -1.94 -10.08
C LEU D 234 15.12 -0.82 -9.07
N LEU D 235 13.90 -0.57 -8.57
CA LEU D 235 13.73 0.48 -7.56
C LEU D 235 14.47 0.15 -6.28
N ALA D 236 14.55 -1.13 -5.93
CA ALA D 236 15.28 -1.54 -4.73
C ALA D 236 16.77 -1.29 -4.88
N VAL D 237 17.34 -1.67 -6.03
CA VAL D 237 18.78 -1.47 -6.21
C VAL D 237 19.12 0.00 -6.38
N MET D 238 18.17 0.81 -6.87
CA MET D 238 18.40 2.24 -6.90
C MET D 238 18.34 2.85 -5.49
N GLY D 239 17.33 2.46 -4.70
CA GLY D 239 17.15 3.06 -3.40
C GLY D 239 18.28 2.73 -2.42
N SER D 240 18.75 1.49 -2.45
CA SER D 240 19.80 1.07 -1.53
C SER D 240 21.15 1.69 -1.84
N ALA D 241 21.30 2.35 -2.98
CA ALA D 241 22.58 2.94 -3.35
C ALA D 241 22.97 4.05 -2.40
N GLN D 242 24.27 4.14 -2.10
CA GLN D 242 24.79 5.21 -1.26
C GLN D 242 26.05 5.87 -1.81
N GLU D 243 26.68 5.31 -2.83
CA GLU D 243 27.89 5.91 -3.41
C GLU D 243 27.70 6.32 -4.85
N PHE D 244 27.25 5.41 -5.71
CA PHE D 244 27.11 5.72 -7.13
C PHE D 244 26.10 4.78 -7.75
N ILE D 245 25.62 5.15 -8.94
CA ILE D 245 24.73 4.32 -9.73
C ILE D 245 25.17 4.44 -11.18
N TYR D 246 25.55 3.32 -11.80
CA TYR D 246 25.89 3.29 -13.21
C TYR D 246 24.86 2.45 -13.93
N ALA D 247 24.49 2.85 -15.15
CA ALA D 247 23.51 2.11 -15.91
C ALA D 247 23.87 2.14 -17.39
N SER D 248 23.49 1.09 -18.09
CA SER D 248 23.71 1.02 -19.54
C SER D 248 22.53 0.28 -20.15
N VAL D 249 21.71 1.00 -20.92
CA VAL D 249 20.54 0.44 -21.57
C VAL D 249 20.55 0.85 -23.03
N MET D 250 19.81 0.09 -23.85
CA MET D 250 19.73 0.41 -25.27
C MET D 250 18.85 1.63 -25.50
N GLU D 251 17.72 1.72 -24.80
CA GLU D 251 16.80 2.83 -24.95
C GLU D 251 16.29 3.24 -23.57
N TYR D 252 15.95 4.53 -23.44
CA TYR D 252 15.46 5.07 -22.17
C TYR D 252 14.36 6.07 -22.49
N PHE D 253 13.11 5.63 -22.35
CA PHE D 253 11.97 6.58 -22.56
C PHE D 253 11.16 6.59 -21.29
N PRO D 254 10.95 7.76 -20.66
CA PRO D 254 10.12 7.83 -19.48
C PRO D 254 8.66 7.90 -19.90
N THR D 255 8.29 7.16 -20.95
CA THR D 255 6.90 7.21 -21.47
C THR D 255 6.46 5.83 -21.90
N THR D 256 5.23 5.72 -22.42
CA THR D 256 4.74 4.47 -22.97
C THR D 256 4.94 4.51 -24.47
N ARG D 257 5.69 3.53 -24.99
CA ARG D 257 6.10 3.58 -26.40
C ARG D 257 4.95 3.22 -27.34
N PHE D 258 4.44 2.01 -27.21
CA PHE D 258 3.44 1.48 -28.13
C PHE D 258 2.14 1.25 -27.37
N SER D 259 1.31 2.28 -27.31
CA SER D 259 0.00 2.23 -26.68
C SER D 259 -0.78 3.45 -27.15
N HIS D 260 -2.05 3.52 -26.74
CA HIS D 260 -2.88 4.65 -27.10
C HIS D 260 -3.87 4.97 -25.99
N PRO D 261 -3.87 6.20 -25.47
CA PRO D 261 -2.95 7.30 -25.79
C PRO D 261 -1.65 7.19 -25.01
N PRO D 262 -0.54 7.73 -25.54
CA PRO D 262 0.72 7.69 -24.79
C PRO D 262 0.61 8.47 -23.49
N ARG D 263 1.29 7.98 -22.46
CA ARG D 263 1.27 8.60 -21.15
C ARG D 263 2.69 8.74 -20.63
N TYR D 264 2.85 9.66 -19.67
CA TYR D 264 4.15 9.87 -19.05
C TYR D 264 4.36 8.85 -17.93
N TRP D 265 5.48 8.15 -17.97
CA TRP D 265 5.82 7.12 -16.99
C TRP D 265 7.11 7.55 -16.28
N PRO D 266 7.01 8.22 -15.14
CA PRO D 266 8.19 8.82 -14.50
C PRO D 266 8.86 7.97 -13.42
N VAL D 267 8.46 6.71 -13.24
CA VAL D 267 8.90 5.95 -12.07
C VAL D 267 10.41 5.83 -12.05
N LEU D 268 11.00 5.39 -13.16
CA LEU D 268 12.46 5.26 -13.20
C LEU D 268 13.14 6.61 -13.17
N ASP D 269 12.59 7.59 -13.91
CA ASP D 269 13.16 8.93 -13.91
C ASP D 269 13.10 9.55 -12.52
N ASN D 270 11.95 9.42 -11.85
CA ASN D 270 11.80 9.96 -10.51
C ASN D 270 12.75 9.27 -9.54
N ALA D 271 12.89 7.95 -9.66
CA ALA D 271 13.81 7.23 -8.78
C ALA D 271 15.25 7.70 -8.98
N LEU D 272 15.67 7.86 -10.24
CA LEU D 272 17.01 8.33 -10.52
C LEU D 272 17.24 9.73 -9.96
N ARG D 273 16.28 10.63 -10.18
CA ARG D 273 16.43 11.99 -9.69
C ARG D 273 16.47 12.03 -8.17
N ALA D 274 15.61 11.25 -7.51
CA ALA D 274 15.60 11.22 -6.05
C ALA D 274 16.91 10.66 -5.51
N ALA D 275 17.44 9.61 -6.14
CA ALA D 275 18.72 9.08 -5.71
C ALA D 275 19.84 10.11 -5.90
N ALA D 276 19.83 10.83 -7.02
CA ALA D 276 20.87 11.82 -7.27
C ALA D 276 20.79 12.98 -6.28
N PHE D 277 19.58 13.39 -5.92
CA PHE D 277 19.42 14.59 -5.08
C PHE D 277 19.53 14.26 -3.60
N GLY D 278 18.64 13.39 -3.09
CA GLY D 278 18.59 13.15 -1.66
C GLY D 278 19.85 12.51 -1.12
N LYS D 279 20.34 11.48 -1.79
CA LYS D 279 21.52 10.75 -1.32
C LYS D 279 22.83 11.33 -1.84
N GLY D 280 22.78 12.18 -2.87
CA GLY D 280 24.00 12.74 -3.42
C GLY D 280 24.92 11.71 -4.02
N VAL D 281 24.38 10.75 -4.76
CA VAL D 281 25.15 9.67 -5.37
C VAL D 281 25.44 10.06 -6.82
N ARG D 282 26.63 9.70 -7.29
CA ARG D 282 27.00 9.95 -8.67
C ARG D 282 26.17 9.05 -9.58
N VAL D 283 25.38 9.66 -10.45
CA VAL D 283 24.53 8.93 -11.39
C VAL D 283 25.12 9.06 -12.77
N ARG D 284 25.40 7.93 -13.41
CA ARG D 284 25.92 7.91 -14.77
C ARG D 284 25.01 7.05 -15.64
N LEU D 285 24.77 7.51 -16.85
CA LEU D 285 23.97 6.78 -17.83
C LEU D 285 24.77 6.63 -19.11
N LEU D 286 24.70 5.47 -19.72
CA LEU D 286 25.37 5.18 -20.99
C LEU D 286 24.36 4.49 -21.90
N VAL D 287 23.74 5.24 -22.81
CA VAL D 287 22.69 4.72 -23.67
C VAL D 287 23.27 4.48 -25.05
N GLY D 288 23.00 3.31 -25.61
CA GLY D 288 23.51 3.00 -26.94
C GLY D 288 22.77 3.77 -28.02
N CYS D 289 23.47 4.00 -29.13
CA CYS D 289 22.88 4.69 -30.27
C CYS D 289 23.19 3.92 -31.55
N GLY D 290 22.33 4.10 -32.55
CA GLY D 290 22.50 3.43 -33.82
C GLY D 290 21.58 4.04 -34.85
N LEU D 291 21.65 3.49 -36.06
CA LEU D 291 20.86 4.02 -37.17
C LEU D 291 19.37 3.80 -37.00
N ASN D 292 18.95 2.97 -36.05
CA ASN D 292 17.54 2.64 -35.87
C ASN D 292 16.94 3.22 -34.59
N THR D 293 17.73 3.90 -33.77
CA THR D 293 17.22 4.44 -32.52
C THR D 293 16.23 5.57 -32.77
N ASP D 294 15.29 5.72 -31.86
CA ASP D 294 14.29 6.77 -31.97
C ASP D 294 14.90 8.11 -31.62
N PRO D 295 14.85 9.10 -32.51
CA PRO D 295 15.46 10.41 -32.20
C PRO D 295 14.78 11.14 -31.05
N THR D 296 13.55 10.79 -30.72
CA THR D 296 12.82 11.50 -29.67
C THR D 296 13.30 11.18 -28.26
N MET D 297 14.20 10.21 -28.10
CA MET D 297 14.71 9.89 -26.77
C MET D 297 15.61 10.99 -26.24
N PHE D 298 16.34 11.68 -27.12
CA PHE D 298 17.36 12.62 -26.68
C PHE D 298 16.84 13.75 -25.79
N PRO D 299 15.68 14.37 -26.03
CA PRO D 299 15.24 15.44 -25.12
C PRO D 299 15.13 15.00 -23.67
N TYR D 300 14.65 13.78 -23.41
CA TYR D 300 14.59 13.30 -22.03
C TYR D 300 15.99 13.13 -21.45
N LEU D 301 16.93 12.66 -22.26
CA LEU D 301 18.31 12.53 -21.79
C LEU D 301 18.90 13.89 -21.44
N ARG D 302 18.64 14.90 -22.28
CA ARG D 302 19.13 16.24 -21.98
C ARG D 302 18.49 16.79 -20.71
N SER D 303 17.20 16.52 -20.52
CA SER D 303 16.53 16.94 -19.30
C SER D 303 17.16 16.28 -18.09
N LEU D 304 17.50 15.00 -18.20
CA LEU D 304 18.16 14.30 -17.10
C LEU D 304 19.54 14.90 -16.81
N GLN D 305 20.29 15.21 -17.85
CA GLN D 305 21.64 15.74 -17.66
C GLN D 305 21.63 17.18 -17.17
N ALA D 306 20.55 17.93 -17.43
CA ALA D 306 20.49 19.32 -16.99
C ALA D 306 20.55 19.45 -15.46
N LEU D 307 20.25 18.38 -14.73
CA LEU D 307 20.28 18.42 -13.28
C LEU D 307 21.70 18.52 -12.71
N SER D 308 22.72 18.38 -13.55
CA SER D 308 24.09 18.38 -13.06
C SER D 308 24.43 19.70 -12.38
N ASN D 309 24.95 19.60 -11.16
CA ASN D 309 25.32 20.76 -10.37
C ASN D 309 26.32 20.35 -9.30
N PRO D 310 27.62 20.36 -9.60
CA PRO D 310 28.62 19.93 -8.60
C PRO D 310 28.60 20.77 -7.33
N ALA D 311 28.16 22.02 -7.41
CA ALA D 311 28.11 22.87 -6.21
C ALA D 311 27.15 22.30 -5.18
N ALA D 312 26.00 21.80 -5.62
CA ALA D 312 24.96 21.29 -4.73
C ALA D 312 24.99 19.77 -4.61
N ASN D 313 26.09 19.14 -5.04
CA ASN D 313 26.28 17.69 -4.94
C ASN D 313 25.22 16.93 -5.74
N VAL D 314 25.15 17.26 -7.02
CA VAL D 314 24.32 16.53 -7.98
C VAL D 314 25.18 16.21 -9.19
N SER D 315 25.15 14.95 -9.62
CA SER D 315 25.98 14.52 -10.75
C SER D 315 25.16 13.50 -11.55
N VAL D 316 24.62 13.93 -12.69
CA VAL D 316 23.72 13.10 -13.49
C VAL D 316 24.27 12.98 -14.91
N ASP D 317 25.60 12.91 -15.04
CA ASP D 317 26.23 12.85 -16.35
C ASP D 317 25.67 11.72 -17.20
N VAL D 318 25.44 12.00 -18.48
CA VAL D 318 24.81 11.07 -19.41
C VAL D 318 25.63 11.05 -20.70
N LYS D 319 25.83 9.86 -21.26
CA LYS D 319 26.61 9.70 -22.48
C LYS D 319 25.93 8.70 -23.41
N VAL D 320 26.25 8.82 -24.69
CA VAL D 320 25.73 7.95 -25.73
C VAL D 320 26.88 7.13 -26.29
N PHE D 321 26.67 5.81 -26.38
CA PHE D 321 27.68 4.88 -26.89
C PHE D 321 27.46 4.69 -28.38
N ILE D 322 28.51 4.93 -29.17
CA ILE D 322 28.43 4.94 -30.62
C ILE D 322 29.26 3.77 -31.14
N VAL D 323 28.64 2.87 -31.87
CA VAL D 323 29.33 1.73 -32.48
C VAL D 323 29.52 2.03 -33.97
N PRO D 324 30.75 2.15 -34.45
CA PRO D 324 30.94 2.46 -35.87
C PRO D 324 30.36 1.37 -36.77
N VAL D 325 29.80 1.80 -37.90
CA VAL D 325 29.18 0.86 -38.83
C VAL D 325 30.22 0.26 -39.77
N GLY D 326 31.07 1.12 -40.35
CA GLY D 326 32.10 0.62 -41.24
C GLY D 326 31.50 0.02 -42.50
N ASN D 327 31.98 -1.18 -42.85
CA ASN D 327 31.57 -1.86 -44.07
C ASN D 327 30.37 -2.78 -43.86
N HIS D 328 29.80 -2.82 -42.66
CA HIS D 328 28.70 -3.73 -42.34
C HIS D 328 27.34 -3.05 -42.47
N SER D 329 27.21 -2.12 -43.41
CA SER D 329 25.93 -1.42 -43.57
C SER D 329 24.83 -2.32 -44.11
N ASN D 330 25.19 -3.46 -44.71
CA ASN D 330 24.16 -4.33 -45.28
C ASN D 330 23.40 -5.09 -44.20
N ILE D 331 24.03 -5.37 -43.07
CA ILE D 331 23.38 -6.12 -41.99
C ILE D 331 22.39 -5.21 -41.28
N PRO D 332 21.11 -5.54 -41.26
CA PRO D 332 20.12 -4.69 -40.57
C PRO D 332 20.03 -4.99 -39.08
N PHE D 333 19.68 -3.95 -38.33
CA PHE D 333 19.52 -4.04 -36.88
C PHE D 333 20.78 -4.60 -36.21
N SER D 334 21.93 -3.99 -36.52
CA SER D 334 23.20 -4.43 -36.01
C SER D 334 24.05 -3.22 -35.64
N ARG D 335 25.26 -3.50 -35.16
CA ARG D 335 26.24 -2.47 -34.81
C ARG D 335 25.68 -1.50 -33.77
N VAL D 336 25.03 -2.04 -32.75
CA VAL D 336 24.50 -1.26 -31.64
C VAL D 336 24.93 -1.89 -30.34
N ASN D 337 24.88 -1.10 -29.27
CA ASN D 337 25.20 -1.58 -27.93
C ASN D 337 23.91 -2.08 -27.28
N HIS D 338 23.75 -3.40 -27.19
CA HIS D 338 22.47 -3.97 -26.68
C HIS D 338 22.55 -4.29 -25.18
N SER D 339 23.69 -4.00 -24.53
CA SER D 339 23.82 -4.35 -23.13
C SER D 339 22.86 -3.54 -22.27
N LYS D 340 22.24 -4.22 -21.31
CA LYS D 340 21.37 -3.57 -20.33
C LYS D 340 21.75 -4.07 -18.94
N PHE D 341 22.32 -3.20 -18.12
CA PHE D 341 22.71 -3.58 -16.78
C PHE D 341 22.87 -2.33 -15.92
N MET D 342 23.04 -2.56 -14.63
CA MET D 342 23.21 -1.50 -13.64
C MET D 342 24.22 -1.94 -12.60
N VAL D 343 25.14 -1.05 -12.26
CA VAL D 343 26.21 -1.31 -11.31
C VAL D 343 26.05 -0.38 -10.11
N THR D 344 26.14 -0.95 -8.92
CA THR D 344 26.05 -0.20 -7.67
C THR D 344 27.14 -0.71 -6.74
N GLU D 345 27.55 0.13 -5.81
CA GLU D 345 28.56 -0.28 -4.83
C GLU D 345 28.05 -1.37 -3.90
N LYS D 346 26.75 -1.63 -3.86
CA LYS D 346 26.17 -2.67 -3.03
C LYS D 346 25.67 -3.86 -3.83
N ALA D 347 24.99 -3.62 -4.95
CA ALA D 347 24.39 -4.68 -5.75
C ALA D 347 24.76 -4.51 -7.23
N ALA D 348 24.27 -5.44 -8.04
CA ALA D 348 24.49 -5.41 -9.48
C ALA D 348 23.31 -6.08 -10.17
N TYR D 349 22.71 -5.38 -11.12
CA TYR D 349 21.50 -5.84 -11.81
C TYR D 349 21.84 -6.12 -13.26
N ILE D 350 21.42 -7.29 -13.75
CA ILE D 350 21.55 -7.63 -15.16
C ILE D 350 20.17 -8.01 -15.67
N GLY D 351 19.68 -7.30 -16.68
CA GLY D 351 18.35 -7.51 -17.19
C GLY D 351 18.34 -7.69 -18.69
N THR D 352 17.16 -7.99 -19.22
CA THR D 352 16.95 -8.16 -20.64
C THR D 352 15.85 -7.24 -21.17
N SER D 353 15.54 -6.17 -20.44
CA SER D 353 14.49 -5.24 -20.82
C SER D 353 15.02 -3.82 -20.80
N ASN D 354 14.56 -3.02 -21.76
CA ASN D 354 14.88 -1.60 -21.77
C ASN D 354 14.12 -0.90 -20.64
N TRP D 355 14.24 0.43 -20.60
CA TRP D 355 13.61 1.23 -19.56
C TRP D 355 12.47 2.01 -20.18
N SER D 356 11.31 1.37 -20.25
CA SER D 356 10.09 1.97 -20.79
C SER D 356 8.90 1.31 -20.14
N GLU D 357 7.75 1.97 -20.22
CA GLU D 357 6.56 1.47 -19.55
C GLU D 357 6.12 0.12 -20.09
N ASP D 358 6.40 -0.16 -21.37
CA ASP D 358 5.97 -1.43 -21.95
C ASP D 358 6.68 -2.62 -21.32
N TYR D 359 7.99 -2.49 -21.09
CA TYR D 359 8.75 -3.62 -20.55
C TYR D 359 8.43 -3.93 -19.11
N PHE D 360 7.73 -3.04 -18.41
CA PHE D 360 7.36 -3.28 -17.03
C PHE D 360 5.86 -3.36 -16.82
N SER D 361 5.05 -3.15 -17.86
CA SER D 361 3.60 -3.27 -17.78
C SER D 361 3.06 -4.43 -18.61
N SER D 362 3.51 -4.56 -19.86
CA SER D 362 2.99 -5.59 -20.76
C SER D 362 4.06 -6.57 -21.20
N THR D 363 5.18 -6.09 -21.73
CA THR D 363 6.20 -6.96 -22.29
C THR D 363 6.87 -7.79 -21.20
N ALA D 364 7.03 -9.08 -21.46
CA ALA D 364 7.67 -9.97 -20.50
C ALA D 364 9.16 -9.70 -20.42
N GLY D 365 9.73 -9.99 -19.26
CA GLY D 365 11.15 -9.80 -19.06
C GLY D 365 11.59 -10.39 -17.73
N VAL D 366 12.90 -10.58 -17.59
CA VAL D 366 13.49 -11.11 -16.38
C VAL D 366 14.70 -10.28 -15.99
N GLY D 367 15.00 -10.31 -14.70
CA GLY D 367 16.13 -9.57 -14.16
C GLY D 367 16.81 -10.37 -13.09
N LEU D 368 18.12 -10.14 -12.92
CA LEU D 368 18.92 -10.85 -11.94
C LEU D 368 19.68 -9.85 -11.09
N VAL D 369 19.62 -10.01 -9.78
CA VAL D 369 20.30 -9.12 -8.84
C VAL D 369 21.32 -9.95 -8.08
N VAL D 370 22.57 -9.51 -8.09
CA VAL D 370 23.68 -10.22 -7.45
C VAL D 370 24.41 -9.24 -6.55
N THR D 371 24.73 -9.68 -5.33
CA THR D 371 25.50 -8.90 -4.38
C THR D 371 26.61 -9.79 -3.84
N GLN D 372 27.86 -9.41 -4.09
CA GLN D 372 29.02 -10.21 -3.72
C GLN D 372 29.84 -9.45 -2.68
N SER D 373 29.74 -9.88 -1.42
CA SER D 373 30.59 -9.31 -0.39
C SER D 373 32.03 -9.78 -0.59
N PRO D 374 33.01 -8.96 -0.20
CA PRO D 374 34.41 -9.37 -0.32
C PRO D 374 34.67 -10.64 0.48
N GLY D 375 35.48 -11.53 -0.09
CA GLY D 375 35.78 -12.80 0.50
C GLY D 375 37.10 -12.80 1.27
N ALA D 376 37.49 -13.99 1.71
CA ALA D 376 38.76 -14.14 2.43
C ALA D 376 39.95 -13.80 1.54
N GLN D 377 39.91 -14.23 0.29
CA GLN D 377 40.99 -13.94 -0.65
C GLN D 377 40.69 -12.65 -1.38
N PRO D 378 41.49 -11.60 -1.20
CA PRO D 378 41.23 -10.33 -1.91
C PRO D 378 41.58 -10.37 -3.38
N ALA D 379 42.24 -11.43 -3.85
CA ALA D 379 42.61 -11.51 -5.26
C ALA D 379 41.38 -11.55 -6.16
N GLY D 380 40.35 -12.29 -5.76
CA GLY D 380 39.15 -12.40 -6.55
C GLY D 380 38.26 -11.18 -6.45
N ALA D 381 38.21 -10.39 -7.52
CA ALA D 381 37.35 -9.22 -7.55
C ALA D 381 35.88 -9.64 -7.59
N THR D 382 35.04 -8.88 -6.90
CA THR D 382 33.62 -9.20 -6.84
C THR D 382 32.96 -8.91 -8.19
N VAL D 383 31.73 -9.40 -8.34
CA VAL D 383 30.98 -9.15 -9.56
C VAL D 383 30.72 -7.66 -9.74
N GLN D 384 30.46 -6.96 -8.63
CA GLN D 384 30.25 -5.52 -8.70
C GLN D 384 31.48 -4.80 -9.24
N GLU D 385 32.67 -5.19 -8.78
CA GLU D 385 33.89 -4.56 -9.25
C GLU D 385 34.13 -4.83 -10.72
N GLN D 386 33.88 -6.06 -11.18
CA GLN D 386 34.06 -6.37 -12.59
C GLN D 386 33.08 -5.58 -13.46
N LEU D 387 31.82 -5.50 -13.03
CA LEU D 387 30.84 -4.72 -13.78
C LEU D 387 31.21 -3.24 -13.81
N ARG D 388 31.67 -2.70 -12.69
CA ARG D 388 32.08 -1.30 -12.66
C ARG D 388 33.28 -1.06 -13.56
N GLN D 389 34.24 -1.98 -13.58
CA GLN D 389 35.40 -1.83 -14.45
C GLN D 389 34.99 -1.87 -15.92
N LEU D 390 34.06 -2.77 -16.27
CA LEU D 390 33.55 -2.81 -17.64
C LEU D 390 32.85 -1.52 -18.00
N PHE D 391 32.03 -0.99 -17.08
CA PHE D 391 31.34 0.27 -17.33
C PHE D 391 32.33 1.41 -17.51
N GLU D 392 33.37 1.46 -16.69
CA GLU D 392 34.38 2.50 -16.83
C GLU D 392 35.13 2.37 -18.15
N ARG D 393 35.42 1.15 -18.58
CA ARG D 393 36.06 0.95 -19.87
C ARG D 393 35.17 1.46 -21.00
N ASP D 394 33.87 1.16 -20.93
CA ASP D 394 32.95 1.67 -21.92
C ASP D 394 32.89 3.20 -21.90
N TRP D 395 32.89 3.78 -20.70
CA TRP D 395 32.74 5.23 -20.55
C TRP D 395 33.95 5.97 -21.09
N SER D 396 35.15 5.54 -20.70
CA SER D 396 36.36 6.22 -21.09
C SER D 396 36.75 5.97 -22.54
N SER D 397 36.11 5.01 -23.21
CA SER D 397 36.46 4.69 -24.58
C SER D 397 36.04 5.81 -25.51
N ARG D 398 36.71 5.88 -26.67
CA ARG D 398 36.41 6.89 -27.67
C ARG D 398 35.06 6.68 -28.34
N TYR D 399 34.41 5.53 -28.12
CA TYR D 399 33.13 5.23 -28.74
C TYR D 399 31.96 5.81 -27.97
N ALA D 400 32.20 6.44 -26.82
CA ALA D 400 31.15 7.08 -26.04
C ALA D 400 31.37 8.59 -26.04
N VAL D 401 30.30 9.33 -26.33
CA VAL D 401 30.38 10.78 -26.45
C VAL D 401 29.31 11.43 -25.59
N GLY D 402 29.53 12.69 -25.26
CA GLY D 402 28.57 13.44 -24.48
C GLY D 402 27.34 13.80 -25.29
N LEU D 403 26.31 14.25 -24.58
CA LEU D 403 25.06 14.62 -25.24
C LEU D 403 25.22 15.83 -26.15
N ASP D 404 26.31 16.60 -26.00
CA ASP D 404 26.55 17.75 -26.85
C ASP D 404 27.41 17.43 -28.06
N GLY D 405 28.23 16.39 -27.99
CA GLY D 405 29.08 16.02 -29.11
C GLY D 405 28.29 15.44 -30.27
N GLN D 406 28.24 16.15 -31.39
CA GLN D 406 27.49 15.73 -32.57
C GLN D 406 28.37 15.85 -33.81
N ALA D 407 29.57 15.28 -33.74
CA ALA D 407 30.48 15.32 -34.88
C ALA D 407 29.83 14.65 -36.09
N PRO D 408 30.09 15.14 -37.30
CA PRO D 408 29.40 14.59 -38.48
C PRO D 408 29.65 13.11 -38.71
N GLY D 409 30.85 12.61 -38.40
CA GLY D 409 31.15 11.21 -38.61
C GLY D 409 30.81 10.34 -37.42
N GLN D 410 29.51 10.17 -37.17
CA GLN D 410 29.06 9.39 -36.02
C GLN D 410 27.95 8.38 -36.34
N ASP D 411 27.41 8.40 -37.55
CA ASP D 411 26.37 7.47 -38.01
C ASP D 411 25.31 7.20 -36.95
N CYS D 412 24.64 8.27 -36.54
CA CYS D 412 23.47 8.18 -35.68
C CYS D 412 22.41 9.16 -36.16
N VAL D 413 21.16 8.86 -35.81
CA VAL D 413 20.04 9.71 -36.21
C VAL D 413 20.16 11.09 -35.57
N TRP D 414 20.49 11.13 -34.28
CA TRP D 414 20.54 12.38 -33.52
C TRP D 414 19.22 13.12 -33.65
N GLN D 415 19.26 14.34 -34.18
CA GLN D 415 18.03 15.07 -34.45
C GLN D 415 17.35 14.49 -35.70
N GLY D 416 16.08 14.18 -35.58
CA GLY D 416 15.32 13.60 -36.68
C GLY D 416 14.09 14.39 -37.05
C1 NAG E . 31.37 -35.99 19.19
C2 NAG E . 30.92 -37.00 20.23
C3 NAG E . 32.11 -37.51 21.03
C4 NAG E . 33.18 -38.06 20.10
C5 NAG E . 33.55 -37.02 19.04
C6 NAG E . 34.50 -37.54 18.00
C7 NAG E . 28.81 -37.07 21.48
C8 NAG E . 27.89 -36.34 22.40
N2 NAG E . 29.92 -36.43 21.11
O3 NAG E . 31.66 -38.54 21.92
O4 NAG E . 34.34 -38.40 20.84
O5 NAG E . 32.37 -36.58 18.34
O6 NAG E . 34.90 -36.53 17.09
O7 NAG E . 28.56 -38.21 21.09
C1 NAG E . 34.45 -39.83 20.96
C2 NAG E . 35.85 -40.18 21.46
C3 NAG E . 35.99 -41.69 21.65
C4 NAG E . 34.87 -42.20 22.55
C5 NAG E . 33.51 -41.77 22.00
C6 NAG E . 32.36 -42.17 22.90
C7 NAG E . 37.39 -38.46 20.62
C8 NAG E . 38.43 -38.13 19.59
N2 NAG E . 36.86 -39.68 20.54
O3 NAG E . 37.25 -41.97 22.24
O4 NAG E . 34.93 -43.62 22.62
O5 NAG E . 33.47 -40.35 21.86
O6 NAG E . 32.09 -41.14 23.85
O7 NAG E . 37.06 -37.66 21.49
C1 NAG F . -14.41 -34.28 4.54
C2 NAG F . -15.50 -34.25 3.47
C3 NAG F . -15.67 -35.65 2.87
C4 NAG F . -14.34 -36.17 2.36
C5 NAG F . -13.28 -36.11 3.47
C6 NAG F . -11.90 -36.49 2.99
C7 NAG F . -17.50 -32.82 3.46
C8 NAG F . -16.95 -32.23 2.19
N2 NAG F . -16.76 -33.79 4.02
O3 NAG F . -16.61 -35.59 1.80
O4 NAG F . -14.47 -37.52 1.92
O5 NAG F . -13.19 -34.77 3.97
O6 NAG F . -11.04 -35.37 2.92
O7 NAG F . -18.55 -32.44 3.94
C1 NAG F . -14.45 -37.54 0.47
C2 NAG F . -14.02 -38.94 0.02
C3 NAG F . -14.05 -39.02 -1.51
C4 NAG F . -15.41 -38.59 -2.04
C5 NAG F . -15.78 -37.21 -1.50
C6 NAG F . -17.17 -36.77 -1.89
C7 NAG F . -12.48 -39.80 1.72
C8 NAG F . -11.05 -40.07 2.07
N2 NAG F . -12.70 -39.26 0.52
O3 NAG F . -13.77 -40.35 -1.92
O4 NAG F . -15.38 -38.54 -3.46
O5 NAG F . -15.74 -37.23 -0.06
O6 NAG F . -18.11 -37.04 -0.86
O7 NAG F . -13.40 -40.05 2.49
C1 NAG G . -39.09 17.93 -6.28
C2 NAG G . -40.21 17.74 -5.25
C3 NAG G . -41.57 17.98 -5.88
C4 NAG G . -41.60 19.34 -6.58
C5 NAG G . -40.44 19.46 -7.55
C6 NAG G . -40.35 20.83 -8.19
C7 NAG G . -40.71 16.09 -3.50
C8 NAG G . -40.56 14.66 -3.06
N2 NAG G . -40.15 16.40 -4.67
O3 NAG G . -42.58 17.92 -4.88
O4 NAG G . -42.83 19.50 -7.28
O5 NAG G . -39.20 19.24 -6.86
O6 NAG G . -39.70 21.76 -7.33
O7 NAG G . -41.32 16.91 -2.83
C1 NAG G . -43.61 20.52 -6.62
C2 NAG G . -44.85 20.79 -7.47
C3 NAG G . -45.74 21.83 -6.80
C4 NAG G . -46.06 21.40 -5.38
C5 NAG G . -44.79 21.10 -4.60
C6 NAG G . -45.05 20.54 -3.22
C7 NAG G . -44.36 20.39 -9.84
C8 NAG G . -43.97 21.01 -11.15
N2 NAG G . -44.48 21.23 -8.81
O3 NAG G . -46.95 21.98 -7.55
O4 NAG G . -46.78 22.43 -4.70
O5 NAG G . -44.01 20.11 -5.31
O6 NAG G . -46.24 19.79 -3.18
O7 NAG G . -44.58 19.19 -9.73
C1 NAG H . -14.25 0.67 30.32
C2 NAG H . -13.32 0.69 31.52
C3 NAG H . -13.87 1.65 32.57
C4 NAG H . -14.12 3.03 31.99
C5 NAG H . -14.98 2.91 30.73
C6 NAG H . -15.14 4.22 29.98
C7 NAG H . -11.94 -1.14 32.40
C8 NAG H . -11.94 -2.52 32.96
N2 NAG H . -13.14 -0.64 32.07
O3 NAG H . -12.95 1.73 33.66
O4 NAG H . -14.80 3.83 32.94
O5 NAG H . -14.39 1.99 29.80
O6 NAG H . -14.52 4.17 28.70
O7 NAG H . -10.91 -0.50 32.24
C1 NAG H . -14.13 5.06 33.32
C2 NAG H . -12.65 4.82 33.64
C3 NAG H . -11.95 6.15 33.98
C4 NAG H . -12.19 7.16 32.87
C5 NAG H . -13.68 7.33 32.61
C6 NAG H . -13.98 8.26 31.46
C7 NAG H . -12.94 4.02 35.96
C8 NAG H . -12.65 2.90 36.91
N2 NAG H . -12.48 3.86 34.72
O3 NAG H . -10.57 5.91 34.15
O4 NAG H . -11.64 8.42 33.26
O5 NAG H . -14.25 6.06 32.27
O6 NAG H . -12.94 9.22 31.29
O7 NAG H . -13.56 5.03 36.31
C1 NAG I . -18.46 53.53 20.16
C2 NAG I . -17.83 53.19 21.52
C3 NAG I . -18.22 54.27 22.53
C4 NAG I . -17.80 55.63 22.01
C5 NAG I . -18.44 55.88 20.64
C6 NAG I . -17.97 57.16 20.01
C7 NAG I . -17.40 50.83 21.83
C8 NAG I . -16.21 50.77 22.73
N2 NAG I . -18.20 51.89 21.98
O3 NAG I . -17.60 53.98 23.77
O4 NAG I . -18.26 56.66 22.89
O5 NAG I . -18.06 54.82 19.73
O6 NAG I . -16.61 57.42 20.32
O7 NAG I . -17.61 49.97 20.98
C1 NAG I . -17.37 57.20 23.82
C2 NAG I . -18.11 57.17 25.15
C3 NAG I . -17.18 57.61 26.28
C4 NAG I . -15.93 56.73 26.28
C5 NAG I . -15.27 56.78 24.91
C6 NAG I . -14.11 55.82 24.79
C7 NAG I . -20.52 57.53 24.88
C8 NAG I . -21.66 58.40 25.28
N2 NAG I . -19.30 58.01 25.12
O3 NAG I . -17.86 57.53 27.52
O4 NAG I . -15.02 57.22 27.25
O5 NAG I . -16.21 56.40 23.88
O6 NAG I . -14.56 54.47 24.77
O7 NAG I . -20.69 56.42 24.37
C1 NAG J . -23.03 45.77 -2.92
C2 NAG J . -22.93 46.67 -4.16
C3 NAG J . -23.08 48.15 -3.79
C4 NAG J . -24.34 48.36 -2.96
C5 NAG J . -24.34 47.42 -1.76
C6 NAG J . -25.60 47.52 -0.94
C7 NAG J . -20.44 46.58 -4.66
C8 NAG J . -20.11 47.07 -3.27
N2 NAG J . -21.74 46.43 -4.98
O3 NAG J . -23.14 48.93 -4.99
O4 NAG J . -24.38 49.71 -2.50
O5 NAG J . -24.24 46.06 -2.21
O6 NAG J . -25.53 46.72 0.23
O7 NAG J . -19.56 46.33 -5.47
C1 NAG J . -25.41 50.42 -3.19
C2 NAG J . -25.42 51.87 -2.69
C3 NAG J . -26.47 52.69 -3.44
C4 NAG J . -26.25 52.58 -4.93
C5 NAG J . -26.21 51.12 -5.36
C6 NAG J . -25.88 50.94 -6.82
C7 NAG J . -24.69 51.96 -0.34
C8 NAG J . -25.13 51.99 1.09
N2 NAG J . -25.68 51.91 -1.26
O3 NAG J . -26.39 54.05 -3.02
O4 NAG J . -27.31 53.24 -5.63
O5 NAG J . -25.20 50.41 -4.62
O6 NAG J . -24.57 51.43 -7.12
O7 NAG J . -23.51 51.97 -0.66
C1 NAG K . 0.64 17.10 -33.21
C2 NAG K . 0.74 15.90 -34.14
C3 NAG K . -0.01 16.18 -35.44
C4 NAG K . -1.45 16.58 -35.15
C5 NAG K . -1.47 17.76 -34.19
C6 NAG K . -2.86 18.13 -33.75
C7 NAG K . 2.65 14.37 -34.06
C8 NAG K . 4.10 14.17 -34.41
N2 NAG K . 2.12 15.55 -34.41
O3 NAG K . 0.04 15.01 -36.26
O4 NAG K . -2.12 16.93 -36.35
O5 NAG K . -0.75 17.44 -32.99
O6 NAG K . -3.10 17.80 -32.39
O7 NAG K . 1.99 13.51 -33.48
C1 NAG K . -2.94 15.80 -36.76
C2 NAG K . -4.14 16.31 -37.56
C3 NAG K . -4.97 15.14 -38.05
C4 NAG K . -4.11 14.16 -38.83
C5 NAG K . -2.91 13.74 -37.99
C6 NAG K . -1.93 12.86 -38.74
C7 NAG K . -4.76 18.53 -36.70
C8 NAG K . -5.69 19.30 -35.82
N2 NAG K . -4.95 17.21 -36.75
O3 NAG K . -6.02 15.62 -38.88
O4 NAG K . -4.86 13.00 -39.18
O5 NAG K . -2.18 14.90 -37.57
O6 NAG K . -0.69 13.51 -38.94
O7 NAG K . -3.86 19.07 -37.34
C1 NAG L . 31.02 -28.22 -12.36
C2 NAG L . 32.47 -27.76 -12.47
C3 NAG L . 33.32 -28.73 -13.29
C4 NAG L . 33.15 -30.15 -12.77
C5 NAG L . 31.66 -30.51 -12.68
C6 NAG L . 31.42 -31.87 -12.07
C7 NAG L . 32.26 -25.84 -14.12
C8 NAG L . 31.63 -26.75 -15.14
N2 NAG L . 32.61 -26.38 -12.93
O3 NAG L . 34.68 -28.34 -13.23
O4 NAG L . 33.79 -31.07 -13.65
O5 NAG L . 30.97 -29.56 -11.86
O6 NAG L . 31.85 -31.91 -10.71
O7 NAG L . 32.45 -24.65 -14.36
C1 NAG L . 35.03 -31.53 -13.05
C2 NAG L . 35.56 -32.68 -13.90
C3 NAG L . 36.90 -33.16 -13.35
C4 NAG L . 37.88 -32.00 -13.22
C5 NAG L . 37.25 -30.88 -12.40
C6 NAG L . 38.12 -29.64 -12.33
C7 NAG L . 33.82 -33.99 -15.02
C8 NAG L . 32.89 -35.16 -14.92
N2 NAG L . 34.61 -33.77 -13.97
O3 NAG L . 37.44 -34.15 -14.23
O4 NAG L . 39.08 -32.43 -12.60
O5 NAG L . 36.00 -30.48 -12.99
O6 NAG L . 38.39 -29.13 -13.63
O7 NAG L . 33.84 -33.27 -16.02
C1 NAG M . 28.52 18.08 -0.57
C2 NAG M . 27.95 18.71 0.70
C3 NAG M . 29.07 19.20 1.61
C4 NAG M . 30.08 18.09 1.86
C5 NAG M . 30.57 17.52 0.54
C6 NAG M . 31.50 16.34 0.70
C7 NAG M . 25.71 19.69 0.50
C8 NAG M . 25.18 18.37 0.98
N2 NAG M . 27.03 19.79 0.39
O3 NAG M . 28.51 19.67 2.83
O4 NAG M . 31.20 18.59 2.59
O5 NAG M . 29.45 17.05 -0.22
O6 NAG M . 32.06 15.95 -0.54
O7 NAG M . 24.96 20.62 0.22
C1 NAG M . 31.05 18.32 4.01
C2 NAG M . 31.17 16.80 4.23
C3 NAG M . 32.22 16.49 5.30
C4 NAG M . 32.04 17.36 6.54
C5 NAG M . 31.87 18.83 6.16
C6 NAG M . 32.88 19.74 6.82
C7 NAG M . 29.31 15.22 3.95
C8 NAG M . 27.99 14.76 4.47
N2 NAG M . 29.88 16.23 4.61
O3 NAG M . 33.52 16.68 4.75
O4 NAG M . 30.90 16.94 7.27
O5 NAG M . 32.05 18.98 4.75
O6 NAG M . 33.36 19.17 8.05
O7 NAG M . 29.84 14.70 2.96
C1 NAG N . 15.72 -23.73 55.84
C2 NAG N . 16.55 -23.02 56.90
C3 NAG N . 17.39 -24.03 57.69
C4 NAG N . 16.50 -25.12 58.26
C5 NAG N . 15.66 -25.75 57.15
C6 NAG N . 14.66 -26.76 57.67
C7 NAG N . 17.06 -20.72 56.23
C8 NAG N . 18.07 -19.81 55.57
N2 NAG N . 17.40 -22.00 56.31
O3 NAG N . 18.07 -23.35 58.74
O4 NAG N . 17.29 -26.13 58.87
O5 NAG N . 14.91 -24.73 56.47
O6 NAG N . 14.08 -26.34 58.90
O7 NAG N . 16.00 -20.30 56.67
C1 NAG O . 44.23 -20.20 34.35
C2 NAG O . 45.66 -19.92 33.91
C3 NAG O . 46.58 -19.80 35.11
C4 NAG O . 46.03 -18.77 36.10
C5 NAG O . 44.58 -19.10 36.45
C6 NAG O . 43.94 -18.03 37.32
C7 NAG O . 46.30 -20.76 31.68
C8 NAG O . 46.80 -21.94 30.91
N2 NAG O . 46.13 -20.95 33.00
O3 NAG O . 47.88 -19.42 34.69
O4 NAG O . 46.82 -18.77 37.29
O5 NAG O . 43.80 -19.18 35.25
O6 NAG O . 44.31 -16.73 36.91
O7 NAG O . 46.04 -19.68 31.15
C1 NAG P . 2.82 -32.50 51.04
C2 NAG P . 1.47 -32.76 51.73
C3 NAG P . 1.34 -34.25 52.03
C4 NAG P . 1.52 -35.06 50.75
C5 NAG P . 2.86 -34.71 50.11
C6 NAG P . 3.06 -35.38 48.77
C7 NAG P . 0.66 -30.81 52.94
C8 NAG P . 1.19 -29.76 53.86
N2 NAG P . 1.31 -31.98 52.94
O3 NAG P . 0.09 -34.51 52.62
O4 NAG P . 1.51 -36.44 51.05
O5 NAG P . 2.95 -33.29 49.86
O6 NAG P . 2.18 -34.83 47.78
O7 NAG P . -0.33 -30.62 52.22
C1 NAG Q . 33.97 -9.80 10.71
C2 NAG Q . 34.65 -8.78 11.63
C3 NAG Q . 36.04 -8.46 11.11
C4 NAG Q . 36.85 -9.74 10.90
C5 NAG Q . 36.07 -10.71 10.02
C6 NAG Q . 36.76 -12.06 9.89
C7 NAG Q . 32.96 -7.37 12.73
C8 NAG Q . 32.23 -6.06 12.69
N2 NAG Q . 33.85 -7.57 11.75
O3 NAG Q . 36.71 -7.60 12.03
O4 NAG Q . 38.09 -9.44 10.28
O5 NAG Q . 34.78 -10.97 10.60
O6 NAG Q . 37.02 -12.63 11.16
O7 NAG Q . 32.76 -8.21 13.59
C1 NAG R . -56.36 -19.71 -7.57
C2 NAG R . -56.94 -20.28 -8.86
C3 NAG R . -58.36 -19.77 -9.07
C4 NAG R . -59.21 -20.04 -7.84
C5 NAG R . -58.54 -19.48 -6.59
C6 NAG R . -59.27 -19.83 -5.32
C7 NAG R . -55.28 -20.85 -10.58
C8 NAG R . -54.49 -20.34 -11.75
N2 NAG R . -56.10 -19.96 -10.00
O3 NAG R . -58.93 -20.40 -10.21
O4 NAG R . -60.50 -19.43 -7.98
O5 NAG R . -57.21 -20.02 -6.47
O6 NAG R . -59.09 -21.20 -4.97
O7 NAG R . -55.18 -22.00 -10.16
C1 NAG S . -46.05 7.52 -28.32
C2 NAG S . -47.34 8.33 -28.20
C3 NAG S . -48.35 7.85 -29.24
C4 NAG S . -47.74 7.89 -30.63
C5 NAG S . -46.42 7.12 -30.65
C6 NAG S . -45.69 7.23 -31.97
C7 NAG S . -47.86 9.20 -25.96
C8 NAG S . -48.50 8.92 -24.64
N2 NAG S . -47.90 8.21 -26.86
O3 NAG S . -49.50 8.68 -29.19
O4 NAG S . -48.63 7.31 -31.57
O5 NAG S . -45.54 7.64 -29.65
O6 NAG S . -44.37 7.75 -31.80
O7 NAG S . -47.35 10.28 -26.23
C1 NAG T . -18.42 10.34 -22.82
C2 NAG T . -18.70 9.61 -24.13
C3 NAG T . -18.80 10.60 -25.28
C4 NAG T . -19.80 11.70 -24.96
C5 NAG T . -19.49 12.34 -23.61
C6 NAG T . -20.54 13.34 -23.17
C7 NAG T . -17.77 7.35 -23.97
C8 NAG T . -16.63 6.44 -24.34
N2 NAG T . -17.69 8.60 -24.40
O3 NAG T . -19.18 9.92 -26.47
O4 NAG T . -19.78 12.70 -25.97
O5 NAG T . -19.43 11.33 -22.60
O6 NAG T . -21.17 12.92 -21.97
O7 NAG T . -18.73 6.95 -23.31
C1 NAG U . -54.07 -20.09 8.98
C2 NAG U . -54.98 -18.87 8.90
C3 NAG U . -55.80 -18.75 10.19
C4 NAG U . -56.55 -20.04 10.47
C5 NAG U . -55.57 -21.22 10.47
C6 NAG U . -56.26 -22.55 10.62
C7 NAG U . -54.21 -17.01 7.50
C8 NAG U . -55.04 -17.60 6.41
N2 NAG U . -54.21 -17.66 8.67
O3 NAG U . -56.73 -17.67 10.06
O4 NAG U . -57.20 -19.97 11.73
O5 NAG U . -54.85 -21.26 9.23
O6 NAG U . -57.07 -22.85 9.49
O7 NAG U . -53.55 -15.97 7.34
C1 NAG V . 14.46 59.65 6.75
C2 NAG V . 14.96 60.24 8.07
C3 NAG V . 15.14 61.75 7.97
C4 NAG V . 15.89 62.07 6.70
C5 NAG V . 15.03 61.75 5.50
C6 NAG V . 15.81 61.23 4.31
C7 NAG V . 14.46 59.58 10.39
C8 NAG V . 13.38 59.27 11.38
N2 NAG V . 14.04 59.91 9.16
O3 NAG V . 15.84 62.23 9.11
O4 NAG V . 16.22 63.47 6.67
O5 NAG V . 14.05 60.75 5.83
O6 NAG V . 15.82 62.17 3.24
O7 NAG V . 15.65 59.53 10.68
C1 NAG W . -20.37 26.27 16.62
C2 NAG W . -20.04 27.76 16.78
C3 NAG W . -21.06 28.43 17.68
C4 NAG W . -22.48 28.19 17.17
C5 NAG W . -22.72 26.70 16.99
C6 NAG W . -24.05 26.39 16.36
C7 NAG W . -17.64 28.21 16.52
C8 NAG W . -16.33 28.37 17.23
N2 NAG W . -18.69 27.93 17.30
O3 NAG W . -20.79 29.84 17.73
O4 NAG W . -23.42 28.71 18.10
O5 NAG W . -21.72 26.14 16.12
O6 NAG W . -24.32 27.26 15.27
O7 NAG W . -17.75 28.35 15.31
C1 NAG X . 15.86 56.97 -9.18
C2 NAG X . 14.98 57.94 -8.39
C3 NAG X . 13.79 58.38 -9.24
C4 NAG X . 14.26 58.94 -10.57
C5 NAG X . 15.18 57.95 -11.27
C6 NAG X . 15.79 58.49 -12.54
C7 NAG X . 14.41 58.00 -6.00
C8 NAG X . 13.92 57.21 -4.83
N2 NAG X . 14.53 57.32 -7.16
O3 NAG X . 13.05 59.36 -8.53
O4 NAG X . 13.15 59.23 -11.41
O5 NAG X . 16.27 57.59 -10.41
O6 NAG X . 17.19 58.34 -12.56
O7 NAG X . 14.67 59.20 -5.92
C1 NAG Y . 26.54 -14.67 -51.19
C2 NAG Y . 27.99 -14.98 -50.82
C3 NAG Y . 28.48 -16.24 -51.52
C4 NAG Y . 27.53 -17.39 -51.25
C5 NAG Y . 26.10 -17.01 -51.61
C6 NAG Y . 25.09 -18.07 -51.25
C7 NAG Y . 29.61 -13.21 -50.22
C8 NAG Y . 29.51 -13.73 -48.82
N2 NAG Y . 28.87 -13.85 -51.13
O3 NAG Y . 29.79 -16.56 -51.07
O4 NAG Y . 27.91 -18.53 -52.01
O5 NAG Y . 25.72 -15.82 -50.89
O6 NAG Y . 23.83 -17.82 -51.86
O7 NAG Y . 30.33 -12.27 -50.52
C1 NAG Z . 18.20 -41.94 -29.58
C2 NAG Z . 19.30 -42.99 -29.43
C3 NAG Z . 19.25 -43.98 -30.60
C4 NAG Z . 17.85 -44.58 -30.72
C5 NAG Z . 16.81 -43.47 -30.81
C6 NAG Z . 15.39 -44.00 -30.80
C7 NAG Z . 21.32 -42.26 -28.23
C8 NAG Z . 20.70 -42.87 -27.01
N2 NAG Z . 20.60 -42.35 -29.37
O3 NAG Z . 20.21 -45.00 -30.39
O4 NAG Z . 17.78 -45.38 -31.90
O5 NAG Z . 16.93 -42.61 -29.67
O6 NAG Z . 15.21 -44.98 -31.81
O7 NAG Z . 22.42 -41.72 -28.21
C1 NAG AA . 3.17 -28.34 -9.67
C2 NAG AA . 2.28 -29.20 -8.78
C3 NAG AA . 1.42 -30.12 -9.63
C4 NAG AA . 2.24 -30.87 -10.68
C5 NAG AA . 3.14 -29.93 -11.50
C6 NAG AA . 2.39 -29.07 -12.49
C7 NAG AA . 4.21 -29.60 -7.32
C8 NAG AA . 5.40 -30.46 -7.65
N2 NAG AA . 3.06 -29.99 -7.84
O3 NAG AA . 0.37 -29.37 -10.23
O4 NAG AA . 3.08 -31.81 -10.01
O5 NAG AA . 3.92 -29.06 -10.64
O6 NAG AA . 3.23 -28.05 -13.04
O7 NAG AA . 4.31 -28.61 -6.60
#